data_7EZW
# 
_entry.id   7EZW 
# 
_audit_conform.dict_name       mmcif_pdbx.dic 
_audit_conform.dict_version    5.397 
_audit_conform.dict_location   http://mmcif.pdb.org/dictionaries/ascii/mmcif_pdbx.dic 
# 
loop_
_database_2.database_id 
_database_2.database_code 
_database_2.pdbx_database_accession 
_database_2.pdbx_DOI 
PDB   7EZW         pdb_00007ezw 10.2210/pdb7ezw/pdb 
WWPDB D_1300022570 ?            ?                   
# 
loop_
_pdbx_audit_revision_history.ordinal 
_pdbx_audit_revision_history.data_content_type 
_pdbx_audit_revision_history.major_revision 
_pdbx_audit_revision_history.minor_revision 
_pdbx_audit_revision_history.revision_date 
1 'Structure model' 1 0 2022-06-08 
2 'Structure model' 1 1 2022-08-03 
3 'Structure model' 1 2 2022-11-09 
4 'Structure model' 1 3 2023-11-29 
5 'Structure model' 1 4 2024-10-23 
# 
_pdbx_audit_revision_details.ordinal             1 
_pdbx_audit_revision_details.revision_ordinal    1 
_pdbx_audit_revision_details.data_content_type   'Structure model' 
_pdbx_audit_revision_details.provider            repository 
_pdbx_audit_revision_details.type                'Initial release' 
_pdbx_audit_revision_details.description         ? 
_pdbx_audit_revision_details.details             ? 
# 
loop_
_pdbx_audit_revision_group.ordinal 
_pdbx_audit_revision_group.revision_ordinal 
_pdbx_audit_revision_group.data_content_type 
_pdbx_audit_revision_group.group 
1 2 'Structure model' 'Database references'    
2 2 'Structure model' 'Derived calculations'   
3 3 'Structure model' 'Source and taxonomy'    
4 4 'Structure model' 'Data collection'        
5 4 'Structure model' 'Refinement description' 
6 5 'Structure model' 'Structure summary'      
# 
loop_
_pdbx_audit_revision_category.ordinal 
_pdbx_audit_revision_category.revision_ordinal 
_pdbx_audit_revision_category.data_content_type 
_pdbx_audit_revision_category.category 
1  2 'Structure model' atom_type                     
2  2 'Structure model' citation                      
3  2 'Structure model' citation_author               
4  3 'Structure model' entity_src_gen                
5  3 'Structure model' pdbx_entity_src_syn           
6  4 'Structure model' chem_comp_atom                
7  4 'Structure model' chem_comp_bond                
8  4 'Structure model' pdbx_initial_refinement_model 
9  5 'Structure model' pdbx_entry_details            
10 5 'Structure model' pdbx_modification_feature     
# 
loop_
_pdbx_audit_revision_item.ordinal 
_pdbx_audit_revision_item.revision_ordinal 
_pdbx_audit_revision_item.data_content_type 
_pdbx_audit_revision_item.item 
1  2 'Structure model' '_atom_type.pdbx_N_electrons'                  
2  2 'Structure model' '_atom_type.pdbx_scat_Z'                       
3  2 'Structure model' '_citation.country'                            
4  2 'Structure model' '_citation.journal_abbrev'                     
5  2 'Structure model' '_citation.journal_id_CSD'                     
6  2 'Structure model' '_citation.journal_id_ISSN'                    
7  2 'Structure model' '_citation.journal_volume'                     
8  2 'Structure model' '_citation.page_first'                         
9  2 'Structure model' '_citation.page_last'                          
10 2 'Structure model' '_citation.pdbx_database_id_DOI'               
11 2 'Structure model' '_citation.pdbx_database_id_PubMed'            
12 2 'Structure model' '_citation.title'                              
13 2 'Structure model' '_citation.year'                               
14 2 'Structure model' '_citation_author.identifier_ORCID'            
15 3 'Structure model' '_entity_src_gen.gene_src_common_name'         
16 3 'Structure model' '_pdbx_entity_src_syn.ncbi_taxonomy_id'        
17 3 'Structure model' '_pdbx_entity_src_syn.organism_scientific'     
18 5 'Structure model' '_pdbx_entry_details.has_protein_modification' 
# 
_pdbx_database_status.status_code                     REL 
_pdbx_database_status.status_code_sf                  REL 
_pdbx_database_status.status_code_mr                  ? 
_pdbx_database_status.entry_id                        7EZW 
_pdbx_database_status.recvd_initial_deposition_date   2021-06-02 
_pdbx_database_status.SG_entry                        N 
_pdbx_database_status.deposit_site                    PDBJ 
_pdbx_database_status.process_site                    PDBJ 
_pdbx_database_status.status_code_cs                  ? 
_pdbx_database_status.status_code_nmr_data            ? 
_pdbx_database_status.methods_development_category    ? 
_pdbx_database_status.pdb_format_compatible           Y 
# 
loop_
_audit_author.name 
_audit_author.pdbx_ordinal 
_audit_author.identifier_ORCID 
'Brown, C.J.' 1 ? 
'Ng, S.'      2 ? 
'Frosi, Y.'   3 ? 
# 
_citation.abstract                  ? 
_citation.abstract_id_CAS           ? 
_citation.book_id_ISBN              ? 
_citation.book_publisher            ? 
_citation.book_publisher_city       ? 
_citation.book_title                ? 
_citation.coordinate_linkage        ? 
_citation.country                   UK 
_citation.database_id_Medline       ? 
_citation.details                   ? 
_citation.id                        primary 
_citation.journal_abbrev            'Rsc Chem Biol' 
_citation.journal_id_ASTM           ? 
_citation.journal_id_CSD            ? 
_citation.journal_id_ISSN           2633-0679 
_citation.journal_full              ? 
_citation.journal_issue             ? 
_citation.journal_volume            3 
_citation.language                  ? 
_citation.page_first                916 
_citation.page_last                 930 
_citation.title                     
;Development of a novel peptide aptamer that interacts with the eIF4E capped-mRNA binding site using peptide epitope linker evolution (PELE).
;
_citation.year                      2022 
_citation.database_id_CSD           ? 
_citation.pdbx_database_id_DOI      10.1039/d2cb00099g 
_citation.pdbx_database_id_PubMed   35866173 
_citation.pdbx_database_id_patent   ? 
_citation.unpublished_flag          ? 
# 
loop_
_citation_author.citation_id 
_citation_author.name 
_citation_author.ordinal 
_citation_author.identifier_ORCID 
primary 'Frosi, Y.'    1 ?                   
primary 'Ng, S.'       2 ?                   
primary 'Lin, Y.C.'    3 ?                   
primary 'Jiang, S.'    4 ?                   
primary 'Ramlan, S.R.' 5 ?                   
primary 'Lama, D.'     6 ?                   
primary 'Verma, C.S.'  7 0000-0003-0733-9798 
primary 'Asial, I.'    8 ?                   
primary 'Brown, C.J.'  9 0000-0001-8425-534X 
# 
loop_
_entity.id 
_entity.type 
_entity.src_method 
_entity.pdbx_description 
_entity.formula_weight 
_entity.pdbx_number_of_molecules 
_entity.pdbx_ec 
_entity.pdbx_mutation 
_entity.pdbx_fragment 
_entity.details 
1 polymer     man 'Eukaryotic translation initiation factor 4E' 25130.242 1  ? ? ? ?         
2 polymer     syn ALA-CYS-GLU-MET-GLY-PHE-PHE-GLN-ASP-CYS-GLY   1205.364  1  ? ? ? amidation 
3 non-polymer syn 'SODIUM ION'                                  22.990    1  ? ? ? ?         
4 water       syn water                                         18.015    59 ? ? ? ?         
# 
_entity_name_com.entity_id   1 
_entity_name_com.name        'eIF4E,eIF-4F 25 kDa subunit,mRNA cap-binding protein' 
# 
loop_
_entity_poly.entity_id 
_entity_poly.type 
_entity_poly.nstd_linkage 
_entity_poly.nstd_monomer 
_entity_poly.pdbx_seq_one_letter_code 
_entity_poly.pdbx_seq_one_letter_code_can 
_entity_poly.pdbx_strand_id 
_entity_poly.pdbx_target_identifier 
1 'polypeptide(L)' no no  
;MATVEPETTPTPNPPTTEEEKTESNQEVANPEHYIKHPLQNRWALWFFKNDKSKTWQANLRLISKFDTVEDFWALYNHIQ
LSSNLMPGCDYSLFKDGIEPMWEDEKNKRGGRWLITLNKQQRRSDLDRFWLETLLCLIGESFDDYSDDVCGAVVNVRAKG
DKIAIWTTECENREAVTHIGRVYKERLGLPPKIVIGYQSHADTATKSGSTTKNRFVV
;
;MATVEPETTPTPNPPTTEEEKTESNQEVANPEHYIKHPLQNRWALWFFKNDKSKTWQANLRLISKFDTVEDFWALYNHIQ
LSSNLMPGCDYSLFKDGIEPMWEDEKNKRGGRWLITLNKQQRRSDLDRFWLETLLCLIGESFDDYSDDVCGAVVNVRAKG
DKIAIWTTECENREAVTHIGRVYKERLGLPPKIVIGYQSHADTATKSGSTTKNRFVV
;
A ? 
2 'polypeptide(L)' no yes 'ACEMGFFQDCG(NH2)' ACEMGFFQDCGX B ? 
# 
loop_
_pdbx_entity_nonpoly.entity_id 
_pdbx_entity_nonpoly.name 
_pdbx_entity_nonpoly.comp_id 
3 'SODIUM ION' NA  
4 water        HOH 
# 
loop_
_entity_poly_seq.entity_id 
_entity_poly_seq.num 
_entity_poly_seq.mon_id 
_entity_poly_seq.hetero 
1 1   MET n 
1 2   ALA n 
1 3   THR n 
1 4   VAL n 
1 5   GLU n 
1 6   PRO n 
1 7   GLU n 
1 8   THR n 
1 9   THR n 
1 10  PRO n 
1 11  THR n 
1 12  PRO n 
1 13  ASN n 
1 14  PRO n 
1 15  PRO n 
1 16  THR n 
1 17  THR n 
1 18  GLU n 
1 19  GLU n 
1 20  GLU n 
1 21  LYS n 
1 22  THR n 
1 23  GLU n 
1 24  SER n 
1 25  ASN n 
1 26  GLN n 
1 27  GLU n 
1 28  VAL n 
1 29  ALA n 
1 30  ASN n 
1 31  PRO n 
1 32  GLU n 
1 33  HIS n 
1 34  TYR n 
1 35  ILE n 
1 36  LYS n 
1 37  HIS n 
1 38  PRO n 
1 39  LEU n 
1 40  GLN n 
1 41  ASN n 
1 42  ARG n 
1 43  TRP n 
1 44  ALA n 
1 45  LEU n 
1 46  TRP n 
1 47  PHE n 
1 48  PHE n 
1 49  LYS n 
1 50  ASN n 
1 51  ASP n 
1 52  LYS n 
1 53  SER n 
1 54  LYS n 
1 55  THR n 
1 56  TRP n 
1 57  GLN n 
1 58  ALA n 
1 59  ASN n 
1 60  LEU n 
1 61  ARG n 
1 62  LEU n 
1 63  ILE n 
1 64  SER n 
1 65  LYS n 
1 66  PHE n 
1 67  ASP n 
1 68  THR n 
1 69  VAL n 
1 70  GLU n 
1 71  ASP n 
1 72  PHE n 
1 73  TRP n 
1 74  ALA n 
1 75  LEU n 
1 76  TYR n 
1 77  ASN n 
1 78  HIS n 
1 79  ILE n 
1 80  GLN n 
1 81  LEU n 
1 82  SER n 
1 83  SER n 
1 84  ASN n 
1 85  LEU n 
1 86  MET n 
1 87  PRO n 
1 88  GLY n 
1 89  CYS n 
1 90  ASP n 
1 91  TYR n 
1 92  SER n 
1 93  LEU n 
1 94  PHE n 
1 95  LYS n 
1 96  ASP n 
1 97  GLY n 
1 98  ILE n 
1 99  GLU n 
1 100 PRO n 
1 101 MET n 
1 102 TRP n 
1 103 GLU n 
1 104 ASP n 
1 105 GLU n 
1 106 LYS n 
1 107 ASN n 
1 108 LYS n 
1 109 ARG n 
1 110 GLY n 
1 111 GLY n 
1 112 ARG n 
1 113 TRP n 
1 114 LEU n 
1 115 ILE n 
1 116 THR n 
1 117 LEU n 
1 118 ASN n 
1 119 LYS n 
1 120 GLN n 
1 121 GLN n 
1 122 ARG n 
1 123 ARG n 
1 124 SER n 
1 125 ASP n 
1 126 LEU n 
1 127 ASP n 
1 128 ARG n 
1 129 PHE n 
1 130 TRP n 
1 131 LEU n 
1 132 GLU n 
1 133 THR n 
1 134 LEU n 
1 135 LEU n 
1 136 CYS n 
1 137 LEU n 
1 138 ILE n 
1 139 GLY n 
1 140 GLU n 
1 141 SER n 
1 142 PHE n 
1 143 ASP n 
1 144 ASP n 
1 145 TYR n 
1 146 SER n 
1 147 ASP n 
1 148 ASP n 
1 149 VAL n 
1 150 CYS n 
1 151 GLY n 
1 152 ALA n 
1 153 VAL n 
1 154 VAL n 
1 155 ASN n 
1 156 VAL n 
1 157 ARG n 
1 158 ALA n 
1 159 LYS n 
1 160 GLY n 
1 161 ASP n 
1 162 LYS n 
1 163 ILE n 
1 164 ALA n 
1 165 ILE n 
1 166 TRP n 
1 167 THR n 
1 168 THR n 
1 169 GLU n 
1 170 CYS n 
1 171 GLU n 
1 172 ASN n 
1 173 ARG n 
1 174 GLU n 
1 175 ALA n 
1 176 VAL n 
1 177 THR n 
1 178 HIS n 
1 179 ILE n 
1 180 GLY n 
1 181 ARG n 
1 182 VAL n 
1 183 TYR n 
1 184 LYS n 
1 185 GLU n 
1 186 ARG n 
1 187 LEU n 
1 188 GLY n 
1 189 LEU n 
1 190 PRO n 
1 191 PRO n 
1 192 LYS n 
1 193 ILE n 
1 194 VAL n 
1 195 ILE n 
1 196 GLY n 
1 197 TYR n 
1 198 GLN n 
1 199 SER n 
1 200 HIS n 
1 201 ALA n 
1 202 ASP n 
1 203 THR n 
1 204 ALA n 
1 205 THR n 
1 206 LYS n 
1 207 SER n 
1 208 GLY n 
1 209 SER n 
1 210 THR n 
1 211 THR n 
1 212 LYS n 
1 213 ASN n 
1 214 ARG n 
1 215 PHE n 
1 216 VAL n 
1 217 VAL n 
2 1   ALA n 
2 2   CYS n 
2 3   GLU n 
2 4   MET n 
2 5   GLY n 
2 6   PHE n 
2 7   PHE n 
2 8   GLN n 
2 9   ASP n 
2 10  CYS n 
2 11  GLY n 
2 12  NH2 n 
# 
_entity_src_gen.entity_id                          1 
_entity_src_gen.pdbx_src_id                        1 
_entity_src_gen.pdbx_alt_source_flag               sample 
_entity_src_gen.pdbx_seq_type                      'Biological sequence' 
_entity_src_gen.pdbx_beg_seq_num                   1 
_entity_src_gen.pdbx_end_seq_num                   217 
_entity_src_gen.gene_src_common_name               human 
_entity_src_gen.gene_src_genus                     ? 
_entity_src_gen.pdbx_gene_src_gene                 'EIF4E, EIF4EL1, EIF4F' 
_entity_src_gen.gene_src_species                   ? 
_entity_src_gen.gene_src_strain                    ? 
_entity_src_gen.gene_src_tissue                    ? 
_entity_src_gen.gene_src_tissue_fraction           ? 
_entity_src_gen.gene_src_details                   ? 
_entity_src_gen.pdbx_gene_src_fragment             ? 
_entity_src_gen.pdbx_gene_src_scientific_name      'Homo sapiens' 
_entity_src_gen.pdbx_gene_src_ncbi_taxonomy_id     9606 
_entity_src_gen.pdbx_gene_src_variant              ? 
_entity_src_gen.pdbx_gene_src_cell_line            ? 
_entity_src_gen.pdbx_gene_src_atcc                 ? 
_entity_src_gen.pdbx_gene_src_organ                ? 
_entity_src_gen.pdbx_gene_src_organelle            ? 
_entity_src_gen.pdbx_gene_src_cell                 ? 
_entity_src_gen.pdbx_gene_src_cellular_location    ? 
_entity_src_gen.host_org_common_name               ? 
_entity_src_gen.pdbx_host_org_scientific_name      'Escherichia coli' 
_entity_src_gen.pdbx_host_org_ncbi_taxonomy_id     562 
_entity_src_gen.host_org_genus                     ? 
_entity_src_gen.pdbx_host_org_gene                 ? 
_entity_src_gen.pdbx_host_org_organ                ? 
_entity_src_gen.host_org_species                   ? 
_entity_src_gen.pdbx_host_org_tissue               ? 
_entity_src_gen.pdbx_host_org_tissue_fraction      ? 
_entity_src_gen.pdbx_host_org_strain               ? 
_entity_src_gen.pdbx_host_org_variant              ? 
_entity_src_gen.pdbx_host_org_cell_line            ? 
_entity_src_gen.pdbx_host_org_atcc                 ? 
_entity_src_gen.pdbx_host_org_culture_collection   ? 
_entity_src_gen.pdbx_host_org_cell                 ? 
_entity_src_gen.pdbx_host_org_organelle            ? 
_entity_src_gen.pdbx_host_org_cellular_location    ? 
_entity_src_gen.pdbx_host_org_vector_type          ? 
_entity_src_gen.pdbx_host_org_vector               ? 
_entity_src_gen.host_org_details                   ? 
_entity_src_gen.expression_system_id               ? 
_entity_src_gen.plasmid_name                       ? 
_entity_src_gen.plasmid_details                    ? 
_entity_src_gen.pdbx_description                   ? 
# 
_pdbx_entity_src_syn.entity_id              2 
_pdbx_entity_src_syn.pdbx_src_id            1 
_pdbx_entity_src_syn.pdbx_alt_source_flag   sample 
_pdbx_entity_src_syn.pdbx_beg_seq_num       1 
_pdbx_entity_src_syn.pdbx_end_seq_num       12 
_pdbx_entity_src_syn.organism_scientific    'synthetic construct' 
_pdbx_entity_src_syn.organism_common_name   ? 
_pdbx_entity_src_syn.ncbi_taxonomy_id       32630 
_pdbx_entity_src_syn.details                ? 
# 
loop_
_chem_comp.id 
_chem_comp.type 
_chem_comp.mon_nstd_flag 
_chem_comp.name 
_chem_comp.pdbx_synonyms 
_chem_comp.formula 
_chem_comp.formula_weight 
ALA 'L-peptide linking' y ALANINE         ? 'C3 H7 N O2'     89.093  
ARG 'L-peptide linking' y ARGININE        ? 'C6 H15 N4 O2 1' 175.209 
ASN 'L-peptide linking' y ASPARAGINE      ? 'C4 H8 N2 O3'    132.118 
ASP 'L-peptide linking' y 'ASPARTIC ACID' ? 'C4 H7 N O4'     133.103 
CYS 'L-peptide linking' y CYSTEINE        ? 'C3 H7 N O2 S'   121.158 
GLN 'L-peptide linking' y GLUTAMINE       ? 'C5 H10 N2 O3'   146.144 
GLU 'L-peptide linking' y 'GLUTAMIC ACID' ? 'C5 H9 N O4'     147.129 
GLY 'peptide linking'   y GLYCINE         ? 'C2 H5 N O2'     75.067  
HIS 'L-peptide linking' y HISTIDINE       ? 'C6 H10 N3 O2 1' 156.162 
HOH non-polymer         . WATER           ? 'H2 O'           18.015  
ILE 'L-peptide linking' y ISOLEUCINE      ? 'C6 H13 N O2'    131.173 
LEU 'L-peptide linking' y LEUCINE         ? 'C6 H13 N O2'    131.173 
LYS 'L-peptide linking' y LYSINE          ? 'C6 H15 N2 O2 1' 147.195 
MET 'L-peptide linking' y METHIONINE      ? 'C5 H11 N O2 S'  149.211 
NA  non-polymer         . 'SODIUM ION'    ? 'Na 1'           22.990  
NH2 non-polymer         . 'AMINO GROUP'   ? 'H2 N'           16.023  
PHE 'L-peptide linking' y PHENYLALANINE   ? 'C9 H11 N O2'    165.189 
PRO 'L-peptide linking' y PROLINE         ? 'C5 H9 N O2'     115.130 
SER 'L-peptide linking' y SERINE          ? 'C3 H7 N O3'     105.093 
THR 'L-peptide linking' y THREONINE       ? 'C4 H9 N O3'     119.119 
TRP 'L-peptide linking' y TRYPTOPHAN      ? 'C11 H12 N2 O2'  204.225 
TYR 'L-peptide linking' y TYROSINE        ? 'C9 H11 N O3'    181.189 
VAL 'L-peptide linking' y VALINE          ? 'C5 H11 N O2'    117.146 
# 
loop_
_pdbx_poly_seq_scheme.asym_id 
_pdbx_poly_seq_scheme.entity_id 
_pdbx_poly_seq_scheme.seq_id 
_pdbx_poly_seq_scheme.mon_id 
_pdbx_poly_seq_scheme.ndb_seq_num 
_pdbx_poly_seq_scheme.pdb_seq_num 
_pdbx_poly_seq_scheme.auth_seq_num 
_pdbx_poly_seq_scheme.pdb_mon_id 
_pdbx_poly_seq_scheme.auth_mon_id 
_pdbx_poly_seq_scheme.pdb_strand_id 
_pdbx_poly_seq_scheme.pdb_ins_code 
_pdbx_poly_seq_scheme.hetero 
A 1 1   MET 1   1   ?   ?   ?   A . n 
A 1 2   ALA 2   2   ?   ?   ?   A . n 
A 1 3   THR 3   3   ?   ?   ?   A . n 
A 1 4   VAL 4   4   ?   ?   ?   A . n 
A 1 5   GLU 5   5   ?   ?   ?   A . n 
A 1 6   PRO 6   6   ?   ?   ?   A . n 
A 1 7   GLU 7   7   ?   ?   ?   A . n 
A 1 8   THR 8   8   ?   ?   ?   A . n 
A 1 9   THR 9   9   ?   ?   ?   A . n 
A 1 10  PRO 10  10  ?   ?   ?   A . n 
A 1 11  THR 11  11  ?   ?   ?   A . n 
A 1 12  PRO 12  12  ?   ?   ?   A . n 
A 1 13  ASN 13  13  ?   ?   ?   A . n 
A 1 14  PRO 14  14  ?   ?   ?   A . n 
A 1 15  PRO 15  15  ?   ?   ?   A . n 
A 1 16  THR 16  16  ?   ?   ?   A . n 
A 1 17  THR 17  17  ?   ?   ?   A . n 
A 1 18  GLU 18  18  ?   ?   ?   A . n 
A 1 19  GLU 19  19  ?   ?   ?   A . n 
A 1 20  GLU 20  20  ?   ?   ?   A . n 
A 1 21  LYS 21  21  ?   ?   ?   A . n 
A 1 22  THR 22  22  ?   ?   ?   A . n 
A 1 23  GLU 23  23  ?   ?   ?   A . n 
A 1 24  SER 24  24  ?   ?   ?   A . n 
A 1 25  ASN 25  25  ?   ?   ?   A . n 
A 1 26  GLN 26  26  ?   ?   ?   A . n 
A 1 27  GLU 27  27  ?   ?   ?   A . n 
A 1 28  VAL 28  28  ?   ?   ?   A . n 
A 1 29  ALA 29  29  ?   ?   ?   A . n 
A 1 30  ASN 30  30  ?   ?   ?   A . n 
A 1 31  PRO 31  31  ?   ?   ?   A . n 
A 1 32  GLU 32  32  ?   ?   ?   A . n 
A 1 33  HIS 33  33  ?   ?   ?   A . n 
A 1 34  TYR 34  34  ?   ?   ?   A . n 
A 1 35  ILE 35  35  ?   ?   ?   A . n 
A 1 36  LYS 36  36  36  LYS LYS A . n 
A 1 37  HIS 37  37  37  HIS HIS A . n 
A 1 38  PRO 38  38  38  PRO PRO A . n 
A 1 39  LEU 39  39  39  LEU LEU A . n 
A 1 40  GLN 40  40  40  GLN GLN A . n 
A 1 41  ASN 41  41  41  ASN ASN A . n 
A 1 42  ARG 42  42  42  ARG ARG A . n 
A 1 43  TRP 43  43  43  TRP TRP A . n 
A 1 44  ALA 44  44  44  ALA ALA A . n 
A 1 45  LEU 45  45  45  LEU LEU A . n 
A 1 46  TRP 46  46  46  TRP TRP A . n 
A 1 47  PHE 47  47  47  PHE PHE A . n 
A 1 48  PHE 48  48  48  PHE PHE A . n 
A 1 49  LYS 49  49  49  LYS LYS A . n 
A 1 50  ASN 50  50  50  ASN ASN A . n 
A 1 51  ASP 51  51  51  ASP ASP A . n 
A 1 52  LYS 52  52  52  LYS LYS A . n 
A 1 53  SER 53  53  53  SER SER A . n 
A 1 54  LYS 54  54  54  LYS LYS A . n 
A 1 55  THR 55  55  55  THR THR A . n 
A 1 56  TRP 56  56  56  TRP TRP A . n 
A 1 57  GLN 57  57  57  GLN GLN A . n 
A 1 58  ALA 58  58  58  ALA ALA A . n 
A 1 59  ASN 59  59  59  ASN ASN A . n 
A 1 60  LEU 60  60  60  LEU LEU A . n 
A 1 61  ARG 61  61  61  ARG ARG A . n 
A 1 62  LEU 62  62  62  LEU LEU A . n 
A 1 63  ILE 63  63  63  ILE ILE A . n 
A 1 64  SER 64  64  64  SER SER A . n 
A 1 65  LYS 65  65  65  LYS LYS A . n 
A 1 66  PHE 66  66  66  PHE PHE A . n 
A 1 67  ASP 67  67  67  ASP ASP A . n 
A 1 68  THR 68  68  68  THR THR A . n 
A 1 69  VAL 69  69  69  VAL VAL A . n 
A 1 70  GLU 70  70  70  GLU GLU A . n 
A 1 71  ASP 71  71  71  ASP ASP A . n 
A 1 72  PHE 72  72  72  PHE PHE A . n 
A 1 73  TRP 73  73  73  TRP TRP A . n 
A 1 74  ALA 74  74  74  ALA ALA A . n 
A 1 75  LEU 75  75  75  LEU LEU A . n 
A 1 76  TYR 76  76  76  TYR TYR A . n 
A 1 77  ASN 77  77  77  ASN ASN A . n 
A 1 78  HIS 78  78  78  HIS HIS A . n 
A 1 79  ILE 79  79  79  ILE ILE A . n 
A 1 80  GLN 80  80  80  GLN GLN A . n 
A 1 81  LEU 81  81  81  LEU LEU A . n 
A 1 82  SER 82  82  82  SER SER A . n 
A 1 83  SER 83  83  83  SER SER A . n 
A 1 84  ASN 84  84  84  ASN ASN A . n 
A 1 85  LEU 85  85  85  LEU LEU A . n 
A 1 86  MET 86  86  86  MET MET A . n 
A 1 87  PRO 87  87  87  PRO PRO A . n 
A 1 88  GLY 88  88  88  GLY GLY A . n 
A 1 89  CYS 89  89  89  CYS CYS A . n 
A 1 90  ASP 90  90  90  ASP ASP A . n 
A 1 91  TYR 91  91  91  TYR TYR A . n 
A 1 92  SER 92  92  92  SER SER A . n 
A 1 93  LEU 93  93  93  LEU LEU A . n 
A 1 94  PHE 94  94  94  PHE PHE A . n 
A 1 95  LYS 95  95  95  LYS LYS A . n 
A 1 96  ASP 96  96  96  ASP ASP A . n 
A 1 97  GLY 97  97  97  GLY GLY A . n 
A 1 98  ILE 98  98  98  ILE ILE A . n 
A 1 99  GLU 99  99  99  GLU GLU A . n 
A 1 100 PRO 100 100 100 PRO PRO A . n 
A 1 101 MET 101 101 101 MET MET A . n 
A 1 102 TRP 102 102 102 TRP TRP A . n 
A 1 103 GLU 103 103 103 GLU GLU A . n 
A 1 104 ASP 104 104 104 ASP ASP A . n 
A 1 105 GLU 105 105 105 GLU GLU A . n 
A 1 106 LYS 106 106 106 LYS LYS A . n 
A 1 107 ASN 107 107 107 ASN ASN A . n 
A 1 108 LYS 108 108 108 LYS LYS A . n 
A 1 109 ARG 109 109 109 ARG ARG A . n 
A 1 110 GLY 110 110 110 GLY GLY A . n 
A 1 111 GLY 111 111 111 GLY GLY A . n 
A 1 112 ARG 112 112 112 ARG ARG A . n 
A 1 113 TRP 113 113 113 TRP TRP A . n 
A 1 114 LEU 114 114 114 LEU LEU A . n 
A 1 115 ILE 115 115 115 ILE ILE A . n 
A 1 116 THR 116 116 116 THR THR A . n 
A 1 117 LEU 117 117 117 LEU LEU A . n 
A 1 118 ASN 118 118 118 ASN ASN A . n 
A 1 119 LYS 119 119 119 LYS LYS A . n 
A 1 120 GLN 120 120 120 GLN GLN A . n 
A 1 121 GLN 121 121 121 GLN GLN A . n 
A 1 122 ARG 122 122 122 ARG ARG A . n 
A 1 123 ARG 123 123 123 ARG ARG A . n 
A 1 124 SER 124 124 124 SER SER A . n 
A 1 125 ASP 125 125 125 ASP ASP A . n 
A 1 126 LEU 126 126 126 LEU LEU A . n 
A 1 127 ASP 127 127 127 ASP ASP A . n 
A 1 128 ARG 128 128 128 ARG ARG A . n 
A 1 129 PHE 129 129 129 PHE PHE A . n 
A 1 130 TRP 130 130 130 TRP TRP A . n 
A 1 131 LEU 131 131 131 LEU LEU A . n 
A 1 132 GLU 132 132 132 GLU GLU A . n 
A 1 133 THR 133 133 133 THR THR A . n 
A 1 134 LEU 134 134 134 LEU LEU A . n 
A 1 135 LEU 135 135 135 LEU LEU A . n 
A 1 136 CYS 136 136 136 CYS CYS A . n 
A 1 137 LEU 137 137 137 LEU LEU A . n 
A 1 138 ILE 138 138 138 ILE ILE A . n 
A 1 139 GLY 139 139 139 GLY GLY A . n 
A 1 140 GLU 140 140 140 GLU GLU A . n 
A 1 141 SER 141 141 141 SER SER A . n 
A 1 142 PHE 142 142 142 PHE PHE A . n 
A 1 143 ASP 143 143 143 ASP ASP A . n 
A 1 144 ASP 144 144 144 ASP ASP A . n 
A 1 145 TYR 145 145 145 TYR TYR A . n 
A 1 146 SER 146 146 146 SER SER A . n 
A 1 147 ASP 147 147 147 ASP ASP A . n 
A 1 148 ASP 148 148 148 ASP ASP A . n 
A 1 149 VAL 149 149 149 VAL VAL A . n 
A 1 150 CYS 150 150 150 CYS CYS A . n 
A 1 151 GLY 151 151 151 GLY GLY A . n 
A 1 152 ALA 152 152 152 ALA ALA A . n 
A 1 153 VAL 153 153 153 VAL VAL A . n 
A 1 154 VAL 154 154 154 VAL VAL A . n 
A 1 155 ASN 155 155 155 ASN ASN A . n 
A 1 156 VAL 156 156 156 VAL VAL A . n 
A 1 157 ARG 157 157 157 ARG ARG A . n 
A 1 158 ALA 158 158 158 ALA ALA A . n 
A 1 159 LYS 159 159 159 LYS LYS A . n 
A 1 160 GLY 160 160 160 GLY GLY A . n 
A 1 161 ASP 161 161 161 ASP ASP A . n 
A 1 162 LYS 162 162 162 LYS LYS A . n 
A 1 163 ILE 163 163 163 ILE ILE A . n 
A 1 164 ALA 164 164 164 ALA ALA A . n 
A 1 165 ILE 165 165 165 ILE ILE A . n 
A 1 166 TRP 166 166 166 TRP TRP A . n 
A 1 167 THR 167 167 167 THR THR A . n 
A 1 168 THR 168 168 168 THR THR A . n 
A 1 169 GLU 169 169 169 GLU GLU A . n 
A 1 170 CYS 170 170 170 CYS CYS A . n 
A 1 171 GLU 171 171 171 GLU GLU A . n 
A 1 172 ASN 172 172 172 ASN ASN A . n 
A 1 173 ARG 173 173 173 ARG ARG A . n 
A 1 174 GLU 174 174 174 GLU GLU A . n 
A 1 175 ALA 175 175 175 ALA ALA A . n 
A 1 176 VAL 176 176 176 VAL VAL A . n 
A 1 177 THR 177 177 177 THR THR A . n 
A 1 178 HIS 178 178 178 HIS HIS A . n 
A 1 179 ILE 179 179 179 ILE ILE A . n 
A 1 180 GLY 180 180 180 GLY GLY A . n 
A 1 181 ARG 181 181 181 ARG ARG A . n 
A 1 182 VAL 182 182 182 VAL VAL A . n 
A 1 183 TYR 183 183 183 TYR TYR A . n 
A 1 184 LYS 184 184 184 LYS LYS A . n 
A 1 185 GLU 185 185 185 GLU GLU A . n 
A 1 186 ARG 186 186 186 ARG ARG A . n 
A 1 187 LEU 187 187 187 LEU LEU A . n 
A 1 188 GLY 188 188 188 GLY GLY A . n 
A 1 189 LEU 189 189 189 LEU LEU A . n 
A 1 190 PRO 190 190 190 PRO PRO A . n 
A 1 191 PRO 191 191 191 PRO PRO A . n 
A 1 192 LYS 192 192 192 LYS LYS A . n 
A 1 193 ILE 193 193 193 ILE ILE A . n 
A 1 194 VAL 194 194 194 VAL VAL A . n 
A 1 195 ILE 195 195 195 ILE ILE A . n 
A 1 196 GLY 196 196 196 GLY GLY A . n 
A 1 197 TYR 197 197 197 TYR TYR A . n 
A 1 198 GLN 198 198 198 GLN GLN A . n 
A 1 199 SER 199 199 199 SER SER A . n 
A 1 200 HIS 200 200 200 HIS HIS A . n 
A 1 201 ALA 201 201 201 ALA ALA A . n 
A 1 202 ASP 202 202 202 ASP ASP A . n 
A 1 203 THR 203 203 203 THR THR A . n 
A 1 204 ALA 204 204 204 ALA ALA A . n 
A 1 205 THR 205 205 205 THR THR A . n 
A 1 206 LYS 206 206 ?   ?   ?   A . n 
A 1 207 SER 207 207 ?   ?   ?   A . n 
A 1 208 GLY 208 208 ?   ?   ?   A . n 
A 1 209 SER 209 209 ?   ?   ?   A . n 
A 1 210 THR 210 210 ?   ?   ?   A . n 
A 1 211 THR 211 211 ?   ?   ?   A . n 
A 1 212 LYS 212 212 ?   ?   ?   A . n 
A 1 213 ASN 213 213 213 ASN ASN A . n 
A 1 214 ARG 214 214 214 ARG ARG A . n 
A 1 215 PHE 215 215 215 PHE PHE A . n 
A 1 216 VAL 216 216 216 VAL VAL A . n 
A 1 217 VAL 217 217 217 VAL VAL A . n 
B 2 1   ALA 1   1   1   ALA ALA B . n 
B 2 2   CYS 2   2   2   CYS CYS B . n 
B 2 3   GLU 3   3   3   GLU GLU B . n 
B 2 4   MET 4   4   4   MET MET B . n 
B 2 5   GLY 5   5   5   GLY GLY B . n 
B 2 6   PHE 6   6   6   PHE PHE B . n 
B 2 7   PHE 7   7   7   PHE PHE B . n 
B 2 8   GLN 8   8   8   GLN GLN B . n 
B 2 9   ASP 9   9   9   ASP ASP B . n 
B 2 10  CYS 10  10  10  CYS CYS B . n 
B 2 11  GLY 11  11  11  GLY GLY B . n 
B 2 12  NH2 12  12  12  NH2 NH2 B . n 
# 
loop_
_pdbx_nonpoly_scheme.asym_id 
_pdbx_nonpoly_scheme.entity_id 
_pdbx_nonpoly_scheme.mon_id 
_pdbx_nonpoly_scheme.ndb_seq_num 
_pdbx_nonpoly_scheme.pdb_seq_num 
_pdbx_nonpoly_scheme.auth_seq_num 
_pdbx_nonpoly_scheme.pdb_mon_id 
_pdbx_nonpoly_scheme.auth_mon_id 
_pdbx_nonpoly_scheme.pdb_strand_id 
_pdbx_nonpoly_scheme.pdb_ins_code 
C 3 NA  1  301 301 NA  NA  A . 
D 4 HOH 1  401 401 HOH HOH A . 
D 4 HOH 2  402 402 HOH HOH A . 
D 4 HOH 3  403 403 HOH HOH A . 
D 4 HOH 4  404 404 HOH HOH A . 
D 4 HOH 5  405 405 HOH HOH A . 
D 4 HOH 6  406 406 HOH HOH A . 
D 4 HOH 7  407 407 HOH HOH A . 
D 4 HOH 8  408 408 HOH HOH A . 
D 4 HOH 9  409 409 HOH HOH A . 
D 4 HOH 10 410 410 HOH HOH A . 
D 4 HOH 11 411 411 HOH HOH A . 
D 4 HOH 12 412 412 HOH HOH A . 
D 4 HOH 13 413 413 HOH HOH A . 
D 4 HOH 14 414 414 HOH HOH A . 
D 4 HOH 15 415 415 HOH HOH A . 
D 4 HOH 16 416 416 HOH HOH A . 
D 4 HOH 17 417 417 HOH HOH A . 
D 4 HOH 18 418 418 HOH HOH A . 
D 4 HOH 19 419 419 HOH HOH A . 
D 4 HOH 20 420 420 HOH HOH A . 
D 4 HOH 21 421 421 HOH HOH A . 
D 4 HOH 22 422 422 HOH HOH A . 
D 4 HOH 23 423 423 HOH HOH A . 
D 4 HOH 24 424 424 HOH HOH A . 
D 4 HOH 25 425 425 HOH HOH A . 
D 4 HOH 26 426 426 HOH HOH A . 
D 4 HOH 27 427 427 HOH HOH A . 
D 4 HOH 28 428 428 HOH HOH A . 
D 4 HOH 29 429 429 HOH HOH A . 
D 4 HOH 30 430 430 HOH HOH A . 
D 4 HOH 31 431 431 HOH HOH A . 
D 4 HOH 32 432 432 HOH HOH A . 
D 4 HOH 33 433 433 HOH HOH A . 
D 4 HOH 34 434 434 HOH HOH A . 
D 4 HOH 35 435 435 HOH HOH A . 
D 4 HOH 36 436 436 HOH HOH A . 
D 4 HOH 37 437 437 HOH HOH A . 
D 4 HOH 38 438 438 HOH HOH A . 
D 4 HOH 39 439 439 HOH HOH A . 
D 4 HOH 40 440 440 HOH HOH A . 
D 4 HOH 41 441 441 HOH HOH A . 
D 4 HOH 42 442 442 HOH HOH A . 
D 4 HOH 43 443 443 HOH HOH A . 
D 4 HOH 44 444 444 HOH HOH A . 
D 4 HOH 45 445 445 HOH HOH A . 
D 4 HOH 46 446 446 HOH HOH A . 
D 4 HOH 47 447 447 HOH HOH A . 
D 4 HOH 48 448 448 HOH HOH A . 
D 4 HOH 49 449 449 HOH HOH A . 
D 4 HOH 50 450 450 HOH HOH A . 
D 4 HOH 51 451 451 HOH HOH A . 
D 4 HOH 52 452 452 HOH HOH A . 
D 4 HOH 53 453 453 HOH HOH A . 
D 4 HOH 54 454 454 HOH HOH A . 
D 4 HOH 55 455 455 HOH HOH A . 
D 4 HOH 56 456 456 HOH HOH A . 
D 4 HOH 57 457 457 HOH HOH A . 
D 4 HOH 58 458 458 HOH HOH A . 
E 4 HOH 1  201 201 HOH HOH B . 
# 
loop_
_software.citation_id 
_software.classification 
_software.compiler_name 
_software.compiler_version 
_software.contact_author 
_software.contact_author_email 
_software.date 
_software.description 
_software.dependencies 
_software.hardware 
_software.language 
_software.location 
_software.mods 
_software.name 
_software.os 
_software.os_version 
_software.type 
_software.version 
_software.pdbx_ordinal 
? refinement       ? ? ? ? ? ? ? ? ? ? ? REFMAC ? ? ? 5.8.0267 1 
? 'data reduction' ? ? ? ? ? ? ? ? ? ? ? XDS    ? ? ? .        2 
? 'data scaling'   ? ? ? ? ? ? ? ? ? ? ? XDS    ? ? ? .        3 
? phasing          ? ? ? ? ? ? ? ? ? ? ? PHASER ? ? ? .        4 
# 
_cell.entry_id           7EZW 
_cell.length_a           81.139 
_cell.length_b           81.139 
_cell.length_c           66.105 
_cell.angle_alpha        90.00 
_cell.angle_beta         90.00 
_cell.angle_gamma        120.00 
_cell.Z_PDB              6 
_cell.pdbx_unique_axis   ? 
# 
_symmetry.entry_id                         7EZW 
_symmetry.space_group_name_H-M             'P 63' 
_symmetry.pdbx_full_space_group_name_H-M   ? 
_symmetry.cell_setting                     ? 
_symmetry.Int_Tables_number                173 
# 
_exptl.absorpt_coefficient_mu     ? 
_exptl.absorpt_correction_T_max   ? 
_exptl.absorpt_correction_T_min   ? 
_exptl.absorpt_correction_type    ? 
_exptl.absorpt_process_details    ? 
_exptl.entry_id                   7EZW 
_exptl.crystals_number            1 
_exptl.details                    ? 
_exptl.method                     'X-RAY DIFFRACTION' 
_exptl.method_details             ? 
# 
_exptl_crystal.colour                      ? 
_exptl_crystal.density_diffrn              ? 
_exptl_crystal.density_Matthews            2.39 
_exptl_crystal.density_method              ? 
_exptl_crystal.density_percent_sol         48.43 
_exptl_crystal.description                 ? 
_exptl_crystal.F_000                       ? 
_exptl_crystal.id                          1 
_exptl_crystal.preparation                 ? 
_exptl_crystal.size_max                    ? 
_exptl_crystal.size_mid                    ? 
_exptl_crystal.size_min                    ? 
_exptl_crystal.size_rad                    ? 
_exptl_crystal.colour_lustre               ? 
_exptl_crystal.colour_modifier             ? 
_exptl_crystal.colour_primary              ? 
_exptl_crystal.density_meas                ? 
_exptl_crystal.density_meas_esd            ? 
_exptl_crystal.density_meas_gt             ? 
_exptl_crystal.density_meas_lt             ? 
_exptl_crystal.density_meas_temp           ? 
_exptl_crystal.density_meas_temp_esd       ? 
_exptl_crystal.density_meas_temp_gt        ? 
_exptl_crystal.density_meas_temp_lt        ? 
_exptl_crystal.pdbx_crystal_image_url      ? 
_exptl_crystal.pdbx_crystal_image_format   ? 
_exptl_crystal.pdbx_mosaicity              ? 
_exptl_crystal.pdbx_mosaicity_esd          ? 
# 
_exptl_crystal_grow.apparatus       ? 
_exptl_crystal_grow.atmosphere      ? 
_exptl_crystal_grow.crystal_id      1 
_exptl_crystal_grow.details         ? 
_exptl_crystal_grow.method          'VAPOR DIFFUSION, SITTING DROP' 
_exptl_crystal_grow.method_ref      ? 
_exptl_crystal_grow.pH              ? 
_exptl_crystal_grow.pressure        ? 
_exptl_crystal_grow.pressure_esd    ? 
_exptl_crystal_grow.seeding         ? 
_exptl_crystal_grow.seeding_ref     ? 
_exptl_crystal_grow.temp            293 
_exptl_crystal_grow.temp_details    ? 
_exptl_crystal_grow.temp_esd        ? 
_exptl_crystal_grow.time            ? 
_exptl_crystal_grow.pdbx_details    '0.2 M Potassium chloride 20% (w/v) PEG 3350' 
_exptl_crystal_grow.pdbx_pH_range   ? 
# 
_diffrn.ambient_environment              ? 
_diffrn.ambient_temp                     100 
_diffrn.ambient_temp_details             ? 
_diffrn.ambient_temp_esd                 ? 
_diffrn.crystal_id                       1 
_diffrn.crystal_support                  ? 
_diffrn.crystal_treatment                ? 
_diffrn.details                          ? 
_diffrn.id                               1 
_diffrn.ambient_pressure                 ? 
_diffrn.ambient_pressure_esd             ? 
_diffrn.ambient_pressure_gt              ? 
_diffrn.ambient_pressure_lt              ? 
_diffrn.ambient_temp_gt                  ? 
_diffrn.ambient_temp_lt                  ? 
_diffrn.pdbx_serial_crystal_experiment   N 
# 
_diffrn_detector.details                      ? 
_diffrn_detector.detector                     PIXEL 
_diffrn_detector.diffrn_id                    1 
_diffrn_detector.type                         'DECTRIS EIGER X 9M' 
_diffrn_detector.area_resol_mean              ? 
_diffrn_detector.dtime                        ? 
_diffrn_detector.pdbx_frames_total            ? 
_diffrn_detector.pdbx_collection_time_total   ? 
_diffrn_detector.pdbx_collection_date         2017-03-29 
_diffrn_detector.pdbx_frequency               ? 
# 
_diffrn_radiation.collimation                      ? 
_diffrn_radiation.diffrn_id                        1 
_diffrn_radiation.filter_edge                      ? 
_diffrn_radiation.inhomogeneity                    ? 
_diffrn_radiation.monochromator                    ? 
_diffrn_radiation.polarisn_norm                    ? 
_diffrn_radiation.polarisn_ratio                   ? 
_diffrn_radiation.probe                            ? 
_diffrn_radiation.type                             ? 
_diffrn_radiation.xray_symbol                      ? 
_diffrn_radiation.wavelength_id                    1 
_diffrn_radiation.pdbx_monochromatic_or_laue_m_l   M 
_diffrn_radiation.pdbx_wavelength_list             ? 
_diffrn_radiation.pdbx_wavelength                  ? 
_diffrn_radiation.pdbx_diffrn_protocol             'SINGLE WAVELENGTH' 
_diffrn_radiation.pdbx_analyzer                    ? 
_diffrn_radiation.pdbx_scattering_type             x-ray 
# 
_diffrn_radiation_wavelength.id           1 
_diffrn_radiation_wavelength.wavelength   0.95370 
_diffrn_radiation_wavelength.wt           1.0 
# 
_diffrn_source.current                     ? 
_diffrn_source.details                     ? 
_diffrn_source.diffrn_id                   1 
_diffrn_source.power                       ? 
_diffrn_source.size                        ? 
_diffrn_source.source                      SYNCHROTRON 
_diffrn_source.target                      ? 
_diffrn_source.type                        'AUSTRALIAN SYNCHROTRON BEAMLINE MX1' 
_diffrn_source.voltage                     ? 
_diffrn_source.take-off_angle              ? 
_diffrn_source.pdbx_wavelength_list        0.95370 
_diffrn_source.pdbx_wavelength             ? 
_diffrn_source.pdbx_synchrotron_beamline   MX1 
_diffrn_source.pdbx_synchrotron_site       'Australian Synchrotron' 
# 
_reflns.pdbx_diffrn_id               1 
_reflns.pdbx_ordinal                 1 
_reflns.entry_id                     7EZW 
_reflns.observed_criterion_sigma_I   ? 
_reflns.observed_criterion_sigma_F   ? 
_reflns.d_resolution_low             48.194 
_reflns.d_resolution_high            2.350 
_reflns.number_obs                   10511 
_reflns.number_all                   ? 
_reflns.percent_possible_obs         99.9 
_reflns.pdbx_Rmerge_I_obs            0.11400 
_reflns.pdbx_Rsym_value              ? 
_reflns.pdbx_netI_over_sigmaI        13.8000 
_reflns.B_iso_Wilson_estimate        ? 
_reflns.pdbx_redundancy              11.30 
# 
_reflns_shell.pdbx_diffrn_id         1 
_reflns_shell.pdbx_ordinal           1 
_reflns_shell.d_res_high             2.35 
_reflns_shell.d_res_low              2.47 
_reflns_shell.percent_possible_all   99.2 
_reflns_shell.Rmerge_I_obs           0.71100 
_reflns_shell.pdbx_Rsym_value        ? 
_reflns_shell.meanI_over_sigI_obs    2.600 
_reflns_shell.pdbx_redundancy        11.20 
# 
_refine.pdbx_refine_id                           'X-RAY DIFFRACTION' 
_refine.entry_id                                 7EZW 
_refine.pdbx_diffrn_id                           1 
_refine.pdbx_TLS_residual_ADP_flag               ? 
_refine.ls_number_reflns_obs                     10425 
_refine.ls_number_reflns_all                     ? 
_refine.pdbx_ls_sigma_I                          ? 
_refine.pdbx_ls_sigma_F                          ? 
_refine.pdbx_data_cutoff_high_absF               ? 
_refine.pdbx_data_cutoff_low_absF                ? 
_refine.pdbx_data_cutoff_high_rms_absF           ? 
_refine.ls_d_res_low                             48.19 
_refine.ls_d_res_high                            2.35 
_refine.ls_percent_reflns_obs                    100.0 
_refine.ls_R_factor_obs                          ? 
_refine.ls_R_factor_all                          ? 
_refine.ls_R_factor_R_work                       0.205 
_refine.ls_R_factor_R_free                       0.248 
_refine.ls_R_factor_R_free_error                 ? 
_refine.ls_R_factor_R_free_error_details         ? 
_refine.ls_percent_reflns_R_free                 5.554 
_refine.ls_number_reflns_R_free                  579 
_refine.ls_number_parameters                     ? 
_refine.ls_number_restraints                     ? 
_refine.occupancy_min                            ? 
_refine.occupancy_max                            ? 
_refine.correlation_coeff_Fo_to_Fc               0.936 
_refine.correlation_coeff_Fo_to_Fc_free          0.910 
_refine.B_iso_mean                               33.22 
_refine.aniso_B[1][1]                            0.24500 
_refine.aniso_B[2][2]                            0.24500 
_refine.aniso_B[3][3]                            -0.79600 
_refine.aniso_B[1][2]                            0.12300 
_refine.aniso_B[1][3]                            0.00000 
_refine.aniso_B[2][3]                            0.00000 
_refine.solvent_model_details                    'MASK BULK SOLVENT' 
_refine.solvent_model_param_ksol                 ? 
_refine.solvent_model_param_bsol                 ? 
_refine.pdbx_solvent_vdw_probe_radii             1.20 
_refine.pdbx_solvent_ion_probe_radii             0.80 
_refine.pdbx_solvent_shrinkage_radii             0.80 
_refine.pdbx_ls_cross_valid_method               'FREE R-VALUE' 
_refine.details                                  
;HYDROGENS HAVE BEEN ADDED IN THEIR
 RIDING POSITIONS
;
_refine.pdbx_starting_model                      4BEA 
_refine.pdbx_method_to_determine_struct          'MOLECULAR REPLACEMENT' 
_refine.pdbx_isotropic_thermal_model             ? 
_refine.pdbx_stereochemistry_target_values       ? 
_refine.pdbx_stereochem_target_val_spec_case     ? 
_refine.pdbx_R_Free_selection_details            ? 
_refine.pdbx_overall_ESU_R                       0.332 
_refine.pdbx_overall_ESU_R_Free                  0.238 
_refine.overall_SU_ML                            0.178 
_refine.pdbx_overall_phase_error                 ? 
_refine.overall_SU_B                             7.698 
_refine.overall_SU_R_Cruickshank_DPI             ? 
_refine.pdbx_overall_SU_R_free_Cruickshank_DPI   ? 
_refine.pdbx_overall_SU_R_Blow_DPI               ? 
_refine.pdbx_overall_SU_R_free_Blow_DPI          ? 
# 
_refine_hist.pdbx_refine_id                   'X-RAY DIFFRACTION' 
_refine_hist.cycle_id                         LAST 
_refine_hist.pdbx_number_atoms_protein        1531 
_refine_hist.pdbx_number_atoms_nucleic_acid   0 
_refine_hist.pdbx_number_atoms_ligand         1 
_refine_hist.number_atoms_solvent             59 
_refine_hist.number_atoms_total               1591 
_refine_hist.d_res_high                       2.35 
_refine_hist.d_res_low                        48.19 
# 
loop_
_refine_ls_restr.type 
_refine_ls_restr.dev_ideal 
_refine_ls_restr.dev_ideal_target 
_refine_ls_restr.weight 
_refine_ls_restr.number 
_refine_ls_restr.pdbx_refine_id 
_refine_ls_restr.pdbx_restraint_function 
r_bond_refined_d             0.002  0.013  ? 1569 'X-RAY DIFFRACTION' ? 
r_bond_other_d               0.001  0.018  ? 1458 'X-RAY DIFFRACTION' ? 
r_angle_refined_deg          1.143  1.638  ? 2120 'X-RAY DIFFRACTION' ? 
r_angle_other_deg            1.089  1.596  ? 3345 'X-RAY DIFFRACTION' ? 
r_dihedral_angle_1_deg       6.498  5.000  ? 183  'X-RAY DIFFRACTION' ? 
r_dihedral_angle_2_deg       34.264 22.021 ? 94   'X-RAY DIFFRACTION' ? 
r_dihedral_angle_3_deg       13.510 15.000 ? 273  'X-RAY DIFFRACTION' ? 
r_dihedral_angle_4_deg       15.386 15.000 ? 12   'X-RAY DIFFRACTION' ? 
r_chiral_restr               0.039  0.200  ? 193  'X-RAY DIFFRACTION' ? 
r_gen_planes_refined         0.003  0.020  ? 1778 'X-RAY DIFFRACTION' ? 
r_gen_planes_other           0.001  0.020  ? 398  'X-RAY DIFFRACTION' ? 
r_nbd_refined                0.168  0.200  ? 258  'X-RAY DIFFRACTION' ? 
r_nbd_other                  0.124  0.200  ? 27   'X-RAY DIFFRACTION' ? 
r_nbtor_refined              0.156  0.200  ? 728  'X-RAY DIFFRACTION' ? 
r_nbtor_other                ?      ?      ? ?    'X-RAY DIFFRACTION' ? 
r_xyhbond_nbd_refined        0.144  0.200  ? 74   'X-RAY DIFFRACTION' ? 
r_xyhbond_nbd_other          ?      ?      ? ?    'X-RAY DIFFRACTION' ? 
r_metal_ion_refined          ?      ?      ? ?    'X-RAY DIFFRACTION' ? 
r_metal_ion_other            ?      ?      ? ?    'X-RAY DIFFRACTION' ? 
r_symmetry_vdw_refined       ?      ?      ? ?    'X-RAY DIFFRACTION' ? 
r_symmetry_vdw_other         ?      ?      ? ?    'X-RAY DIFFRACTION' ? 
r_symmetry_hbond_refined     ?      ?      ? ?    'X-RAY DIFFRACTION' ? 
r_symmetry_hbond_other       ?      ?      ? ?    'X-RAY DIFFRACTION' ? 
r_symmetry_metal_ion_refined ?      ?      ? ?    'X-RAY DIFFRACTION' ? 
r_symmetry_metal_ion_other   ?      ?      ? ?    'X-RAY DIFFRACTION' ? 
r_mcbond_it                  1.221  3.475  ? 742  'X-RAY DIFFRACTION' ? 
r_mcbond_other               1.222  3.472  ? 739  'X-RAY DIFFRACTION' ? 
r_mcangle_it                 2.176  5.201  ? 923  'X-RAY DIFFRACTION' ? 
r_mcangle_other              2.177  5.199  ? 921  'X-RAY DIFFRACTION' ? 
r_scbond_it                  1.178  3.601  ? 827  'X-RAY DIFFRACTION' ? 
r_scbond_other               1.177  3.602  ? 828  'X-RAY DIFFRACTION' ? 
r_scangle_it                 2.068  5.328  ? 1197 'X-RAY DIFFRACTION' ? 
r_scangle_other              2.067  5.329  ? 1198 'X-RAY DIFFRACTION' ? 
r_long_range_B_refined       ?      ?      ? ?    'X-RAY DIFFRACTION' ? 
r_long_range_B_other         ?      ?      ? ?    'X-RAY DIFFRACTION' ? 
r_rigid_bond_restr           ?      ?      ? ?    'X-RAY DIFFRACTION' ? 
r_sphericity_free            ?      ?      ? ?    'X-RAY DIFFRACTION' ? 
r_sphericity_bonded          ?      ?      ? ?    'X-RAY DIFFRACTION' ? 
# 
_refine_ls_shell.pdbx_refine_id                   'X-RAY DIFFRACTION' 
_refine_ls_shell.pdbx_total_number_of_bins_used   ? 
_refine_ls_shell.d_res_high                       2.35 
_refine_ls_shell.d_res_low                        2.41 
_refine_ls_shell.number_reflns_R_work             708 
_refine_ls_shell.R_factor_R_work                  0.2640 
_refine_ls_shell.percent_reflns_obs               100.0 
_refine_ls_shell.R_factor_R_free                  0.2960 
_refine_ls_shell.R_factor_R_free_error            ? 
_refine_ls_shell.percent_reflns_R_free            ? 
_refine_ls_shell.number_reflns_R_free             51 
_refine_ls_shell.number_reflns_all                ? 
_refine_ls_shell.R_factor_all                     ? 
# 
_struct.entry_id                     7EZW 
_struct.title                        'Cyclic Peptide that Interacts with the eIF4E Capped-mRNA Binding Site' 
_struct.pdbx_model_details           ? 
_struct.pdbx_formula_weight          ? 
_struct.pdbx_formula_weight_method   ? 
_struct.pdbx_model_type_details      ? 
_struct.pdbx_CASP_flag               N 
# 
_struct_keywords.entry_id        7EZW 
_struct_keywords.text            'ap dependent translation, RNA BINDING PROTEIN-INHIBITOR COMPLEX' 
_struct_keywords.pdbx_keywords   'RNA BINDING PROTEIN/INHIBITOR' 
# 
loop_
_struct_asym.id 
_struct_asym.pdbx_blank_PDB_chainid_flag 
_struct_asym.pdbx_modified 
_struct_asym.entity_id 
_struct_asym.details 
A N N 1 ? 
B N N 2 ? 
C N N 3 ? 
D N N 4 ? 
E N N 4 ? 
# 
loop_
_struct_ref.id 
_struct_ref.db_name 
_struct_ref.db_code 
_struct_ref.pdbx_db_accession 
_struct_ref.pdbx_db_isoform 
_struct_ref.entity_id 
_struct_ref.pdbx_seq_one_letter_code 
_struct_ref.pdbx_align_begin 
1 UNP IF4E_HUMAN P06730 ? 1 
;MATVEPETTPTPNPPTTEEEKTESNQEVANPEHYIKHPLQNRWALWFFKNDKSKTWQANLRLISKFDTVEDFWALYNHIQ
LSSNLMPGCDYSLFKDGIEPMWEDEKNKRGGRWLITLNKQQRRSDLDRFWLETLLCLIGESFDDYSDDVCGAVVNVRAKG
DKIAIWTTECENREAVTHIGRVYKERLGLPPKIVIGYQSHADTATKSGSTTKNRFVV
;
1 
2 PDB 7EZW       7EZW   ? 2 ? 1 
# 
loop_
_struct_ref_seq.align_id 
_struct_ref_seq.ref_id 
_struct_ref_seq.pdbx_PDB_id_code 
_struct_ref_seq.pdbx_strand_id 
_struct_ref_seq.seq_align_beg 
_struct_ref_seq.pdbx_seq_align_beg_ins_code 
_struct_ref_seq.seq_align_end 
_struct_ref_seq.pdbx_seq_align_end_ins_code 
_struct_ref_seq.pdbx_db_accession 
_struct_ref_seq.db_align_beg 
_struct_ref_seq.pdbx_db_align_beg_ins_code 
_struct_ref_seq.db_align_end 
_struct_ref_seq.pdbx_db_align_end_ins_code 
_struct_ref_seq.pdbx_auth_seq_align_beg 
_struct_ref_seq.pdbx_auth_seq_align_end 
1 1 7EZW A 1 ? 217 ? P06730 1 ? 217 ? 1 217 
2 2 7EZW B 1 ? 12  ? 7EZW   1 ? 12  ? 1 12  
# 
_pdbx_struct_assembly.id                   1 
_pdbx_struct_assembly.details              author_and_software_defined_assembly 
_pdbx_struct_assembly.method_details       PISA 
_pdbx_struct_assembly.oligomeric_details   dimeric 
_pdbx_struct_assembly.oligomeric_count     2 
# 
loop_
_pdbx_struct_assembly_prop.biol_id 
_pdbx_struct_assembly_prop.type 
_pdbx_struct_assembly_prop.value 
_pdbx_struct_assembly_prop.details 
1 'ABSA (A^2)' 1200 ? 
1 MORE         -11  ? 
1 'SSA (A^2)'  9600 ? 
# 
_pdbx_struct_assembly_gen.assembly_id       1 
_pdbx_struct_assembly_gen.oper_expression   1 
_pdbx_struct_assembly_gen.asym_id_list      A,B,C,D,E 
# 
_pdbx_struct_assembly_auth_evidence.id                     1 
_pdbx_struct_assembly_auth_evidence.assembly_id            1 
_pdbx_struct_assembly_auth_evidence.experimental_support   'surface plasmon resonance' 
_pdbx_struct_assembly_auth_evidence.details                'Protein interacts with peptide ligand via 1:1 binding model.' 
# 
_pdbx_struct_oper_list.id                   1 
_pdbx_struct_oper_list.type                 'identity operation' 
_pdbx_struct_oper_list.name                 1_555 
_pdbx_struct_oper_list.symmetry_operation   x,y,z 
_pdbx_struct_oper_list.matrix[1][1]         1.0000000000 
_pdbx_struct_oper_list.matrix[1][2]         0.0000000000 
_pdbx_struct_oper_list.matrix[1][3]         0.0000000000 
_pdbx_struct_oper_list.vector[1]            0.0000000000 
_pdbx_struct_oper_list.matrix[2][1]         0.0000000000 
_pdbx_struct_oper_list.matrix[2][2]         1.0000000000 
_pdbx_struct_oper_list.matrix[2][3]         0.0000000000 
_pdbx_struct_oper_list.vector[2]            0.0000000000 
_pdbx_struct_oper_list.matrix[3][1]         0.0000000000 
_pdbx_struct_oper_list.matrix[3][2]         0.0000000000 
_pdbx_struct_oper_list.matrix[3][3]         1.0000000000 
_pdbx_struct_oper_list.vector[3]            0.0000000000 
# 
loop_
_struct_conf.conf_type_id 
_struct_conf.id 
_struct_conf.pdbx_PDB_helix_id 
_struct_conf.beg_label_comp_id 
_struct_conf.beg_label_asym_id 
_struct_conf.beg_label_seq_id 
_struct_conf.pdbx_beg_PDB_ins_code 
_struct_conf.end_label_comp_id 
_struct_conf.end_label_asym_id 
_struct_conf.end_label_seq_id 
_struct_conf.pdbx_end_PDB_ins_code 
_struct_conf.beg_auth_comp_id 
_struct_conf.beg_auth_asym_id 
_struct_conf.beg_auth_seq_id 
_struct_conf.end_auth_comp_id 
_struct_conf.end_auth_asym_id 
_struct_conf.end_auth_seq_id 
_struct_conf.pdbx_PDB_helix_class 
_struct_conf.details 
_struct_conf.pdbx_PDB_helix_length 
HELX_P HELX_P1  AA1 THR A 55  ? ASN A 59  ? THR A 55  ASN A 59  1 ? 5  
HELX_P HELX_P2  AA2 VAL A 69  ? ASN A 77  ? VAL A 69  ASN A 77  1 ? 9  
HELX_P HELX_P3  AA3 LEU A 81  ? LEU A 85  ? LEU A 81  LEU A 85  5 ? 5  
HELX_P HELX_P4  AA4 ASP A 104 ? ARG A 109 ? ASP A 104 ARG A 109 1 ? 6  
HELX_P HELX_P5  AA5 ASN A 118 ? GLN A 120 ? ASN A 118 GLN A 120 5 ? 3  
HELX_P HELX_P6  AA6 GLN A 121 ? GLY A 139 ? GLN A 121 GLY A 139 1 ? 19 
HELX_P HELX_P7  AA7 PHE A 142 ? ASP A 147 ? PHE A 142 ASP A 147 5 ? 6  
HELX_P HELX_P8  AA8 ASN A 172 ? GLY A 188 ? ASN A 172 GLY A 188 1 ? 17 
HELX_P HELX_P9  AA9 HIS A 200 ? THR A 205 ? HIS A 200 THR A 205 1 ? 6  
HELX_P HELX_P10 AB1 PHE B 6   ? CYS B 10  ? PHE B 6   CYS B 10  5 ? 5  
# 
_struct_conf_type.id          HELX_P 
_struct_conf_type.criteria    ? 
_struct_conf_type.reference   ? 
# 
loop_
_struct_conn.id 
_struct_conn.conn_type_id 
_struct_conn.pdbx_leaving_atom_flag 
_struct_conn.pdbx_PDB_id 
_struct_conn.ptnr1_label_asym_id 
_struct_conn.ptnr1_label_comp_id 
_struct_conn.ptnr1_label_seq_id 
_struct_conn.ptnr1_label_atom_id 
_struct_conn.pdbx_ptnr1_label_alt_id 
_struct_conn.pdbx_ptnr1_PDB_ins_code 
_struct_conn.pdbx_ptnr1_standard_comp_id 
_struct_conn.ptnr1_symmetry 
_struct_conn.ptnr2_label_asym_id 
_struct_conn.ptnr2_label_comp_id 
_struct_conn.ptnr2_label_seq_id 
_struct_conn.ptnr2_label_atom_id 
_struct_conn.pdbx_ptnr2_label_alt_id 
_struct_conn.pdbx_ptnr2_PDB_ins_code 
_struct_conn.ptnr1_auth_asym_id 
_struct_conn.ptnr1_auth_comp_id 
_struct_conn.ptnr1_auth_seq_id 
_struct_conn.ptnr2_auth_asym_id 
_struct_conn.ptnr2_auth_comp_id 
_struct_conn.ptnr2_auth_seq_id 
_struct_conn.ptnr2_symmetry 
_struct_conn.pdbx_ptnr3_label_atom_id 
_struct_conn.pdbx_ptnr3_label_seq_id 
_struct_conn.pdbx_ptnr3_label_comp_id 
_struct_conn.pdbx_ptnr3_label_asym_id 
_struct_conn.pdbx_ptnr3_label_alt_id 
_struct_conn.pdbx_ptnr3_PDB_ins_code 
_struct_conn.details 
_struct_conn.pdbx_dist_value 
_struct_conn.pdbx_value_order 
_struct_conn.pdbx_role 
disulf1 disulf ?    ? B CYS 2  SG ? ? ? 1_555 B CYS 10 SG ? ? B CYS 2  B CYS 10  1_555 ? ? ? ? ? ? ? 2.037 ?    ? 
covale1 covale both ? B GLY 11 C  ? ? ? 1_555 B NH2 12 N  ? ? B GLY 11 B NH2 12  1_555 ? ? ? ? ? ? ? 1.417 sing ? 
metalc1 metalc ?    ? A ASN 77 O  ? ? ? 1_555 C NA  .  NA ? ? A ASN 77 A NA  301 1_555 ? ? ? ? ? ? ? 2.458 ?    ? 
metalc2 metalc ?    ? A ASN 77 O  ? ? ? 1_555 C NA  .  NA ? ? A ASN 77 A NA  301 2_655 ? ? ? ? ? ? ? 2.459 ?    ? 
# 
loop_
_struct_conn_type.id 
_struct_conn_type.criteria 
_struct_conn_type.reference 
disulf ? ? 
covale ? ? 
metalc ? ? 
# 
_pdbx_struct_conn_angle.id                    1 
_pdbx_struct_conn_angle.ptnr1_label_atom_id   O 
_pdbx_struct_conn_angle.ptnr1_label_alt_id    ? 
_pdbx_struct_conn_angle.ptnr1_label_asym_id   A 
_pdbx_struct_conn_angle.ptnr1_label_comp_id   ASN 
_pdbx_struct_conn_angle.ptnr1_label_seq_id    77 
_pdbx_struct_conn_angle.ptnr1_auth_atom_id    ? 
_pdbx_struct_conn_angle.ptnr1_auth_asym_id    A 
_pdbx_struct_conn_angle.ptnr1_auth_comp_id    ASN 
_pdbx_struct_conn_angle.ptnr1_auth_seq_id     77 
_pdbx_struct_conn_angle.ptnr1_PDB_ins_code    ? 
_pdbx_struct_conn_angle.ptnr1_symmetry        1_555 
_pdbx_struct_conn_angle.ptnr2_label_atom_id   NA 
_pdbx_struct_conn_angle.ptnr2_label_alt_id    ? 
_pdbx_struct_conn_angle.ptnr2_label_asym_id   C 
_pdbx_struct_conn_angle.ptnr2_label_comp_id   NA 
_pdbx_struct_conn_angle.ptnr2_label_seq_id    . 
_pdbx_struct_conn_angle.ptnr2_auth_atom_id    ? 
_pdbx_struct_conn_angle.ptnr2_auth_asym_id    A 
_pdbx_struct_conn_angle.ptnr2_auth_comp_id    NA 
_pdbx_struct_conn_angle.ptnr2_auth_seq_id     301 
_pdbx_struct_conn_angle.ptnr2_PDB_ins_code    ? 
_pdbx_struct_conn_angle.ptnr2_symmetry        1_555 
_pdbx_struct_conn_angle.ptnr3_label_atom_id   O 
_pdbx_struct_conn_angle.ptnr3_label_alt_id    ? 
_pdbx_struct_conn_angle.ptnr3_label_asym_id   A 
_pdbx_struct_conn_angle.ptnr3_label_comp_id   ASN 
_pdbx_struct_conn_angle.ptnr3_label_seq_id    77 
_pdbx_struct_conn_angle.ptnr3_auth_atom_id    ? 
_pdbx_struct_conn_angle.ptnr3_auth_asym_id    A 
_pdbx_struct_conn_angle.ptnr3_auth_comp_id    ASN 
_pdbx_struct_conn_angle.ptnr3_auth_seq_id     77 
_pdbx_struct_conn_angle.ptnr3_PDB_ins_code    ? 
_pdbx_struct_conn_angle.ptnr3_symmetry        1_555 
_pdbx_struct_conn_angle.value                 0.0 
_pdbx_struct_conn_angle.value_esd             ? 
# 
loop_
_pdbx_modification_feature.ordinal 
_pdbx_modification_feature.label_comp_id 
_pdbx_modification_feature.label_asym_id 
_pdbx_modification_feature.label_seq_id 
_pdbx_modification_feature.label_alt_id 
_pdbx_modification_feature.modified_residue_label_comp_id 
_pdbx_modification_feature.modified_residue_label_asym_id 
_pdbx_modification_feature.modified_residue_label_seq_id 
_pdbx_modification_feature.modified_residue_label_alt_id 
_pdbx_modification_feature.auth_comp_id 
_pdbx_modification_feature.auth_asym_id 
_pdbx_modification_feature.auth_seq_id 
_pdbx_modification_feature.PDB_ins_code 
_pdbx_modification_feature.symmetry 
_pdbx_modification_feature.modified_residue_auth_comp_id 
_pdbx_modification_feature.modified_residue_auth_asym_id 
_pdbx_modification_feature.modified_residue_auth_seq_id 
_pdbx_modification_feature.modified_residue_PDB_ins_code 
_pdbx_modification_feature.modified_residue_symmetry 
_pdbx_modification_feature.comp_id_linking_atom 
_pdbx_modification_feature.modified_residue_id_linking_atom 
_pdbx_modification_feature.modified_residue_id 
_pdbx_modification_feature.ref_pcm_id 
_pdbx_modification_feature.ref_comp_id 
_pdbx_modification_feature.type 
_pdbx_modification_feature.category 
1 NH2 B 12 ? GLY B 11 ? NH2 B 12 ? 1_555 GLY B 11 ? 1_555 .  .  GLY 12 NH2 None 'Terminal amidation' 
2 CYS B 2  ? CYS B 10 ? CYS B 2  ? 1_555 CYS B 10 ? 1_555 SG SG .   .  .   None 'Disulfide bridge'   
# 
_struct_sheet.id               AA1 
_struct_sheet.type             ? 
_struct_sheet.number_strands   8 
_struct_sheet.details          ? 
# 
loop_
_struct_sheet_order.sheet_id 
_struct_sheet_order.range_id_1 
_struct_sheet_order.range_id_2 
_struct_sheet_order.offset 
_struct_sheet_order.sense 
AA1 1 2 ? anti-parallel 
AA1 2 3 ? anti-parallel 
AA1 3 4 ? anti-parallel 
AA1 4 5 ? anti-parallel 
AA1 5 6 ? anti-parallel 
AA1 6 7 ? anti-parallel 
AA1 7 8 ? anti-parallel 
# 
loop_
_struct_sheet_range.sheet_id 
_struct_sheet_range.id 
_struct_sheet_range.beg_label_comp_id 
_struct_sheet_range.beg_label_asym_id 
_struct_sheet_range.beg_label_seq_id 
_struct_sheet_range.pdbx_beg_PDB_ins_code 
_struct_sheet_range.end_label_comp_id 
_struct_sheet_range.end_label_asym_id 
_struct_sheet_range.end_label_seq_id 
_struct_sheet_range.pdbx_end_PDB_ins_code 
_struct_sheet_range.beg_auth_comp_id 
_struct_sheet_range.beg_auth_asym_id 
_struct_sheet_range.beg_auth_seq_id 
_struct_sheet_range.end_auth_comp_id 
_struct_sheet_range.end_auth_asym_id 
_struct_sheet_range.end_auth_seq_id 
AA1 1 LEU A 60  ? THR A 68  ? LEU A 60  THR A 68  
AA1 2 PRO A 38  ? PHE A 48  ? PRO A 38  PHE A 48  
AA1 3 ASP A 90  ? LYS A 95  ? ASP A 90  LYS A 95  
AA1 4 VAL A 149 ? ASN A 155 ? VAL A 149 ASN A 155 
AA1 5 ASP A 161 ? THR A 167 ? ASP A 161 THR A 167 
AA1 6 GLY A 111 ? LEU A 117 ? GLY A 111 LEU A 117 
AA1 7 ILE A 195 ? SER A 199 ? ILE A 195 SER A 199 
AA1 8 PHE A 215 ? VAL A 217 ? PHE A 215 VAL A 217 
# 
loop_
_pdbx_struct_sheet_hbond.sheet_id 
_pdbx_struct_sheet_hbond.range_id_1 
_pdbx_struct_sheet_hbond.range_id_2 
_pdbx_struct_sheet_hbond.range_1_label_atom_id 
_pdbx_struct_sheet_hbond.range_1_label_comp_id 
_pdbx_struct_sheet_hbond.range_1_label_asym_id 
_pdbx_struct_sheet_hbond.range_1_label_seq_id 
_pdbx_struct_sheet_hbond.range_1_PDB_ins_code 
_pdbx_struct_sheet_hbond.range_1_auth_atom_id 
_pdbx_struct_sheet_hbond.range_1_auth_comp_id 
_pdbx_struct_sheet_hbond.range_1_auth_asym_id 
_pdbx_struct_sheet_hbond.range_1_auth_seq_id 
_pdbx_struct_sheet_hbond.range_2_label_atom_id 
_pdbx_struct_sheet_hbond.range_2_label_comp_id 
_pdbx_struct_sheet_hbond.range_2_label_asym_id 
_pdbx_struct_sheet_hbond.range_2_label_seq_id 
_pdbx_struct_sheet_hbond.range_2_PDB_ins_code 
_pdbx_struct_sheet_hbond.range_2_auth_atom_id 
_pdbx_struct_sheet_hbond.range_2_auth_comp_id 
_pdbx_struct_sheet_hbond.range_2_auth_asym_id 
_pdbx_struct_sheet_hbond.range_2_auth_seq_id 
AA1 1 2 O PHE A 66  ? O PHE A 66  N TRP A 43  ? N TRP A 43  
AA1 2 3 N TRP A 46  ? N TRP A 46  O SER A 92  ? O SER A 92  
AA1 3 4 N LYS A 95  ? N LYS A 95  O CYS A 150 ? O CYS A 150 
AA1 4 5 N GLY A 151 ? N GLY A 151 O TRP A 166 ? O TRP A 166 
AA1 5 6 O ILE A 163 ? O ILE A 163 N ILE A 115 ? N ILE A 115 
AA1 6 7 N LEU A 114 ? N LEU A 114 O GLY A 196 ? O GLY A 196 
AA1 7 8 N TYR A 197 ? N TYR A 197 O PHE A 215 ? O PHE A 215 
# 
_pdbx_entry_details.entry_id                   7EZW 
_pdbx_entry_details.has_ligand_of_interest     Y 
_pdbx_entry_details.compound_details           ? 
_pdbx_entry_details.source_details             ? 
_pdbx_entry_details.nonpolymer_details         ? 
_pdbx_entry_details.sequence_details           ? 
_pdbx_entry_details.has_protein_modification   Y 
# 
loop_
_pdbx_validate_torsion.id 
_pdbx_validate_torsion.PDB_model_num 
_pdbx_validate_torsion.auth_comp_id 
_pdbx_validate_torsion.auth_asym_id 
_pdbx_validate_torsion.auth_seq_id 
_pdbx_validate_torsion.PDB_ins_code 
_pdbx_validate_torsion.label_alt_id 
_pdbx_validate_torsion.phi 
_pdbx_validate_torsion.psi 
1 1 ASP A 67  ? ? -141.57 27.79   
2 1 LYS A 108 ? ? -26.62  -59.94  
3 1 ASP A 143 ? ? 59.25   -120.20 
4 1 MET B 4   ? ? -39.33  122.11  
# 
_pdbx_struct_special_symmetry.id              1 
_pdbx_struct_special_symmetry.PDB_model_num   1 
_pdbx_struct_special_symmetry.auth_asym_id    A 
_pdbx_struct_special_symmetry.auth_comp_id    NA 
_pdbx_struct_special_symmetry.auth_seq_id     301 
_pdbx_struct_special_symmetry.PDB_ins_code    ? 
_pdbx_struct_special_symmetry.label_asym_id   C 
_pdbx_struct_special_symmetry.label_comp_id   NA 
_pdbx_struct_special_symmetry.label_seq_id    . 
# 
loop_
_pdbx_unobs_or_zero_occ_residues.id 
_pdbx_unobs_or_zero_occ_residues.PDB_model_num 
_pdbx_unobs_or_zero_occ_residues.polymer_flag 
_pdbx_unobs_or_zero_occ_residues.occupancy_flag 
_pdbx_unobs_or_zero_occ_residues.auth_asym_id 
_pdbx_unobs_or_zero_occ_residues.auth_comp_id 
_pdbx_unobs_or_zero_occ_residues.auth_seq_id 
_pdbx_unobs_or_zero_occ_residues.PDB_ins_code 
_pdbx_unobs_or_zero_occ_residues.label_asym_id 
_pdbx_unobs_or_zero_occ_residues.label_comp_id 
_pdbx_unobs_or_zero_occ_residues.label_seq_id 
1  1 Y 1 A MET 1   ? A MET 1   
2  1 Y 1 A ALA 2   ? A ALA 2   
3  1 Y 1 A THR 3   ? A THR 3   
4  1 Y 1 A VAL 4   ? A VAL 4   
5  1 Y 1 A GLU 5   ? A GLU 5   
6  1 Y 1 A PRO 6   ? A PRO 6   
7  1 Y 1 A GLU 7   ? A GLU 7   
8  1 Y 1 A THR 8   ? A THR 8   
9  1 Y 1 A THR 9   ? A THR 9   
10 1 Y 1 A PRO 10  ? A PRO 10  
11 1 Y 1 A THR 11  ? A THR 11  
12 1 Y 1 A PRO 12  ? A PRO 12  
13 1 Y 1 A ASN 13  ? A ASN 13  
14 1 Y 1 A PRO 14  ? A PRO 14  
15 1 Y 1 A PRO 15  ? A PRO 15  
16 1 Y 1 A THR 16  ? A THR 16  
17 1 Y 1 A THR 17  ? A THR 17  
18 1 Y 1 A GLU 18  ? A GLU 18  
19 1 Y 1 A GLU 19  ? A GLU 19  
20 1 Y 1 A GLU 20  ? A GLU 20  
21 1 Y 1 A LYS 21  ? A LYS 21  
22 1 Y 1 A THR 22  ? A THR 22  
23 1 Y 1 A GLU 23  ? A GLU 23  
24 1 Y 1 A SER 24  ? A SER 24  
25 1 Y 1 A ASN 25  ? A ASN 25  
26 1 Y 1 A GLN 26  ? A GLN 26  
27 1 Y 1 A GLU 27  ? A GLU 27  
28 1 Y 1 A VAL 28  ? A VAL 28  
29 1 Y 1 A ALA 29  ? A ALA 29  
30 1 Y 1 A ASN 30  ? A ASN 30  
31 1 Y 1 A PRO 31  ? A PRO 31  
32 1 Y 1 A GLU 32  ? A GLU 32  
33 1 Y 1 A HIS 33  ? A HIS 33  
34 1 Y 1 A TYR 34  ? A TYR 34  
35 1 Y 1 A ILE 35  ? A ILE 35  
36 1 Y 1 A LYS 206 ? A LYS 206 
37 1 Y 1 A SER 207 ? A SER 207 
38 1 Y 1 A GLY 208 ? A GLY 208 
39 1 Y 1 A SER 209 ? A SER 209 
40 1 Y 1 A THR 210 ? A THR 210 
41 1 Y 1 A THR 211 ? A THR 211 
42 1 Y 1 A LYS 212 ? A LYS 212 
# 
loop_
_chem_comp_atom.comp_id 
_chem_comp_atom.atom_id 
_chem_comp_atom.type_symbol 
_chem_comp_atom.pdbx_aromatic_flag 
_chem_comp_atom.pdbx_stereo_config 
_chem_comp_atom.pdbx_ordinal 
ALA N    N  N N 1   
ALA CA   C  N S 2   
ALA C    C  N N 3   
ALA O    O  N N 4   
ALA CB   C  N N 5   
ALA OXT  O  N N 6   
ALA H    H  N N 7   
ALA H2   H  N N 8   
ALA HA   H  N N 9   
ALA HB1  H  N N 10  
ALA HB2  H  N N 11  
ALA HB3  H  N N 12  
ALA HXT  H  N N 13  
ARG N    N  N N 14  
ARG CA   C  N S 15  
ARG C    C  N N 16  
ARG O    O  N N 17  
ARG CB   C  N N 18  
ARG CG   C  N N 19  
ARG CD   C  N N 20  
ARG NE   N  N N 21  
ARG CZ   C  N N 22  
ARG NH1  N  N N 23  
ARG NH2  N  N N 24  
ARG OXT  O  N N 25  
ARG H    H  N N 26  
ARG H2   H  N N 27  
ARG HA   H  N N 28  
ARG HB2  H  N N 29  
ARG HB3  H  N N 30  
ARG HG2  H  N N 31  
ARG HG3  H  N N 32  
ARG HD2  H  N N 33  
ARG HD3  H  N N 34  
ARG HE   H  N N 35  
ARG HH11 H  N N 36  
ARG HH12 H  N N 37  
ARG HH21 H  N N 38  
ARG HH22 H  N N 39  
ARG HXT  H  N N 40  
ASN N    N  N N 41  
ASN CA   C  N S 42  
ASN C    C  N N 43  
ASN O    O  N N 44  
ASN CB   C  N N 45  
ASN CG   C  N N 46  
ASN OD1  O  N N 47  
ASN ND2  N  N N 48  
ASN OXT  O  N N 49  
ASN H    H  N N 50  
ASN H2   H  N N 51  
ASN HA   H  N N 52  
ASN HB2  H  N N 53  
ASN HB3  H  N N 54  
ASN HD21 H  N N 55  
ASN HD22 H  N N 56  
ASN HXT  H  N N 57  
ASP N    N  N N 58  
ASP CA   C  N S 59  
ASP C    C  N N 60  
ASP O    O  N N 61  
ASP CB   C  N N 62  
ASP CG   C  N N 63  
ASP OD1  O  N N 64  
ASP OD2  O  N N 65  
ASP OXT  O  N N 66  
ASP H    H  N N 67  
ASP H2   H  N N 68  
ASP HA   H  N N 69  
ASP HB2  H  N N 70  
ASP HB3  H  N N 71  
ASP HD2  H  N N 72  
ASP HXT  H  N N 73  
CYS N    N  N N 74  
CYS CA   C  N R 75  
CYS C    C  N N 76  
CYS O    O  N N 77  
CYS CB   C  N N 78  
CYS SG   S  N N 79  
CYS OXT  O  N N 80  
CYS H    H  N N 81  
CYS H2   H  N N 82  
CYS HA   H  N N 83  
CYS HB2  H  N N 84  
CYS HB3  H  N N 85  
CYS HG   H  N N 86  
CYS HXT  H  N N 87  
GLN N    N  N N 88  
GLN CA   C  N S 89  
GLN C    C  N N 90  
GLN O    O  N N 91  
GLN CB   C  N N 92  
GLN CG   C  N N 93  
GLN CD   C  N N 94  
GLN OE1  O  N N 95  
GLN NE2  N  N N 96  
GLN OXT  O  N N 97  
GLN H    H  N N 98  
GLN H2   H  N N 99  
GLN HA   H  N N 100 
GLN HB2  H  N N 101 
GLN HB3  H  N N 102 
GLN HG2  H  N N 103 
GLN HG3  H  N N 104 
GLN HE21 H  N N 105 
GLN HE22 H  N N 106 
GLN HXT  H  N N 107 
GLU N    N  N N 108 
GLU CA   C  N S 109 
GLU C    C  N N 110 
GLU O    O  N N 111 
GLU CB   C  N N 112 
GLU CG   C  N N 113 
GLU CD   C  N N 114 
GLU OE1  O  N N 115 
GLU OE2  O  N N 116 
GLU OXT  O  N N 117 
GLU H    H  N N 118 
GLU H2   H  N N 119 
GLU HA   H  N N 120 
GLU HB2  H  N N 121 
GLU HB3  H  N N 122 
GLU HG2  H  N N 123 
GLU HG3  H  N N 124 
GLU HE2  H  N N 125 
GLU HXT  H  N N 126 
GLY N    N  N N 127 
GLY CA   C  N N 128 
GLY C    C  N N 129 
GLY O    O  N N 130 
GLY OXT  O  N N 131 
GLY H    H  N N 132 
GLY H2   H  N N 133 
GLY HA2  H  N N 134 
GLY HA3  H  N N 135 
GLY HXT  H  N N 136 
HIS N    N  N N 137 
HIS CA   C  N S 138 
HIS C    C  N N 139 
HIS O    O  N N 140 
HIS CB   C  N N 141 
HIS CG   C  Y N 142 
HIS ND1  N  Y N 143 
HIS CD2  C  Y N 144 
HIS CE1  C  Y N 145 
HIS NE2  N  Y N 146 
HIS OXT  O  N N 147 
HIS H    H  N N 148 
HIS H2   H  N N 149 
HIS HA   H  N N 150 
HIS HB2  H  N N 151 
HIS HB3  H  N N 152 
HIS HD1  H  N N 153 
HIS HD2  H  N N 154 
HIS HE1  H  N N 155 
HIS HE2  H  N N 156 
HIS HXT  H  N N 157 
HOH O    O  N N 158 
HOH H1   H  N N 159 
HOH H2   H  N N 160 
ILE N    N  N N 161 
ILE CA   C  N S 162 
ILE C    C  N N 163 
ILE O    O  N N 164 
ILE CB   C  N S 165 
ILE CG1  C  N N 166 
ILE CG2  C  N N 167 
ILE CD1  C  N N 168 
ILE OXT  O  N N 169 
ILE H    H  N N 170 
ILE H2   H  N N 171 
ILE HA   H  N N 172 
ILE HB   H  N N 173 
ILE HG12 H  N N 174 
ILE HG13 H  N N 175 
ILE HG21 H  N N 176 
ILE HG22 H  N N 177 
ILE HG23 H  N N 178 
ILE HD11 H  N N 179 
ILE HD12 H  N N 180 
ILE HD13 H  N N 181 
ILE HXT  H  N N 182 
LEU N    N  N N 183 
LEU CA   C  N S 184 
LEU C    C  N N 185 
LEU O    O  N N 186 
LEU CB   C  N N 187 
LEU CG   C  N N 188 
LEU CD1  C  N N 189 
LEU CD2  C  N N 190 
LEU OXT  O  N N 191 
LEU H    H  N N 192 
LEU H2   H  N N 193 
LEU HA   H  N N 194 
LEU HB2  H  N N 195 
LEU HB3  H  N N 196 
LEU HG   H  N N 197 
LEU HD11 H  N N 198 
LEU HD12 H  N N 199 
LEU HD13 H  N N 200 
LEU HD21 H  N N 201 
LEU HD22 H  N N 202 
LEU HD23 H  N N 203 
LEU HXT  H  N N 204 
LYS N    N  N N 205 
LYS CA   C  N S 206 
LYS C    C  N N 207 
LYS O    O  N N 208 
LYS CB   C  N N 209 
LYS CG   C  N N 210 
LYS CD   C  N N 211 
LYS CE   C  N N 212 
LYS NZ   N  N N 213 
LYS OXT  O  N N 214 
LYS H    H  N N 215 
LYS H2   H  N N 216 
LYS HA   H  N N 217 
LYS HB2  H  N N 218 
LYS HB3  H  N N 219 
LYS HG2  H  N N 220 
LYS HG3  H  N N 221 
LYS HD2  H  N N 222 
LYS HD3  H  N N 223 
LYS HE2  H  N N 224 
LYS HE3  H  N N 225 
LYS HZ1  H  N N 226 
LYS HZ2  H  N N 227 
LYS HZ3  H  N N 228 
LYS HXT  H  N N 229 
MET N    N  N N 230 
MET CA   C  N S 231 
MET C    C  N N 232 
MET O    O  N N 233 
MET CB   C  N N 234 
MET CG   C  N N 235 
MET SD   S  N N 236 
MET CE   C  N N 237 
MET OXT  O  N N 238 
MET H    H  N N 239 
MET H2   H  N N 240 
MET HA   H  N N 241 
MET HB2  H  N N 242 
MET HB3  H  N N 243 
MET HG2  H  N N 244 
MET HG3  H  N N 245 
MET HE1  H  N N 246 
MET HE2  H  N N 247 
MET HE3  H  N N 248 
MET HXT  H  N N 249 
NA  NA   NA N N 250 
NH2 N    N  N N 251 
NH2 HN1  H  N N 252 
NH2 HN2  H  N N 253 
PHE N    N  N N 254 
PHE CA   C  N S 255 
PHE C    C  N N 256 
PHE O    O  N N 257 
PHE CB   C  N N 258 
PHE CG   C  Y N 259 
PHE CD1  C  Y N 260 
PHE CD2  C  Y N 261 
PHE CE1  C  Y N 262 
PHE CE2  C  Y N 263 
PHE CZ   C  Y N 264 
PHE OXT  O  N N 265 
PHE H    H  N N 266 
PHE H2   H  N N 267 
PHE HA   H  N N 268 
PHE HB2  H  N N 269 
PHE HB3  H  N N 270 
PHE HD1  H  N N 271 
PHE HD2  H  N N 272 
PHE HE1  H  N N 273 
PHE HE2  H  N N 274 
PHE HZ   H  N N 275 
PHE HXT  H  N N 276 
PRO N    N  N N 277 
PRO CA   C  N S 278 
PRO C    C  N N 279 
PRO O    O  N N 280 
PRO CB   C  N N 281 
PRO CG   C  N N 282 
PRO CD   C  N N 283 
PRO OXT  O  N N 284 
PRO H    H  N N 285 
PRO HA   H  N N 286 
PRO HB2  H  N N 287 
PRO HB3  H  N N 288 
PRO HG2  H  N N 289 
PRO HG3  H  N N 290 
PRO HD2  H  N N 291 
PRO HD3  H  N N 292 
PRO HXT  H  N N 293 
SER N    N  N N 294 
SER CA   C  N S 295 
SER C    C  N N 296 
SER O    O  N N 297 
SER CB   C  N N 298 
SER OG   O  N N 299 
SER OXT  O  N N 300 
SER H    H  N N 301 
SER H2   H  N N 302 
SER HA   H  N N 303 
SER HB2  H  N N 304 
SER HB3  H  N N 305 
SER HG   H  N N 306 
SER HXT  H  N N 307 
THR N    N  N N 308 
THR CA   C  N S 309 
THR C    C  N N 310 
THR O    O  N N 311 
THR CB   C  N R 312 
THR OG1  O  N N 313 
THR CG2  C  N N 314 
THR OXT  O  N N 315 
THR H    H  N N 316 
THR H2   H  N N 317 
THR HA   H  N N 318 
THR HB   H  N N 319 
THR HG1  H  N N 320 
THR HG21 H  N N 321 
THR HG22 H  N N 322 
THR HG23 H  N N 323 
THR HXT  H  N N 324 
TRP N    N  N N 325 
TRP CA   C  N S 326 
TRP C    C  N N 327 
TRP O    O  N N 328 
TRP CB   C  N N 329 
TRP CG   C  Y N 330 
TRP CD1  C  Y N 331 
TRP CD2  C  Y N 332 
TRP NE1  N  Y N 333 
TRP CE2  C  Y N 334 
TRP CE3  C  Y N 335 
TRP CZ2  C  Y N 336 
TRP CZ3  C  Y N 337 
TRP CH2  C  Y N 338 
TRP OXT  O  N N 339 
TRP H    H  N N 340 
TRP H2   H  N N 341 
TRP HA   H  N N 342 
TRP HB2  H  N N 343 
TRP HB3  H  N N 344 
TRP HD1  H  N N 345 
TRP HE1  H  N N 346 
TRP HE3  H  N N 347 
TRP HZ2  H  N N 348 
TRP HZ3  H  N N 349 
TRP HH2  H  N N 350 
TRP HXT  H  N N 351 
TYR N    N  N N 352 
TYR CA   C  N S 353 
TYR C    C  N N 354 
TYR O    O  N N 355 
TYR CB   C  N N 356 
TYR CG   C  Y N 357 
TYR CD1  C  Y N 358 
TYR CD2  C  Y N 359 
TYR CE1  C  Y N 360 
TYR CE2  C  Y N 361 
TYR CZ   C  Y N 362 
TYR OH   O  N N 363 
TYR OXT  O  N N 364 
TYR H    H  N N 365 
TYR H2   H  N N 366 
TYR HA   H  N N 367 
TYR HB2  H  N N 368 
TYR HB3  H  N N 369 
TYR HD1  H  N N 370 
TYR HD2  H  N N 371 
TYR HE1  H  N N 372 
TYR HE2  H  N N 373 
TYR HH   H  N N 374 
TYR HXT  H  N N 375 
VAL N    N  N N 376 
VAL CA   C  N S 377 
VAL C    C  N N 378 
VAL O    O  N N 379 
VAL CB   C  N N 380 
VAL CG1  C  N N 381 
VAL CG2  C  N N 382 
VAL OXT  O  N N 383 
VAL H    H  N N 384 
VAL H2   H  N N 385 
VAL HA   H  N N 386 
VAL HB   H  N N 387 
VAL HG11 H  N N 388 
VAL HG12 H  N N 389 
VAL HG13 H  N N 390 
VAL HG21 H  N N 391 
VAL HG22 H  N N 392 
VAL HG23 H  N N 393 
VAL HXT  H  N N 394 
# 
loop_
_chem_comp_bond.comp_id 
_chem_comp_bond.atom_id_1 
_chem_comp_bond.atom_id_2 
_chem_comp_bond.value_order 
_chem_comp_bond.pdbx_aromatic_flag 
_chem_comp_bond.pdbx_stereo_config 
_chem_comp_bond.pdbx_ordinal 
ALA N   CA   sing N N 1   
ALA N   H    sing N N 2   
ALA N   H2   sing N N 3   
ALA CA  C    sing N N 4   
ALA CA  CB   sing N N 5   
ALA CA  HA   sing N N 6   
ALA C   O    doub N N 7   
ALA C   OXT  sing N N 8   
ALA CB  HB1  sing N N 9   
ALA CB  HB2  sing N N 10  
ALA CB  HB3  sing N N 11  
ALA OXT HXT  sing N N 12  
ARG N   CA   sing N N 13  
ARG N   H    sing N N 14  
ARG N   H2   sing N N 15  
ARG CA  C    sing N N 16  
ARG CA  CB   sing N N 17  
ARG CA  HA   sing N N 18  
ARG C   O    doub N N 19  
ARG C   OXT  sing N N 20  
ARG CB  CG   sing N N 21  
ARG CB  HB2  sing N N 22  
ARG CB  HB3  sing N N 23  
ARG CG  CD   sing N N 24  
ARG CG  HG2  sing N N 25  
ARG CG  HG3  sing N N 26  
ARG CD  NE   sing N N 27  
ARG CD  HD2  sing N N 28  
ARG CD  HD3  sing N N 29  
ARG NE  CZ   sing N N 30  
ARG NE  HE   sing N N 31  
ARG CZ  NH1  sing N N 32  
ARG CZ  NH2  doub N N 33  
ARG NH1 HH11 sing N N 34  
ARG NH1 HH12 sing N N 35  
ARG NH2 HH21 sing N N 36  
ARG NH2 HH22 sing N N 37  
ARG OXT HXT  sing N N 38  
ASN N   CA   sing N N 39  
ASN N   H    sing N N 40  
ASN N   H2   sing N N 41  
ASN CA  C    sing N N 42  
ASN CA  CB   sing N N 43  
ASN CA  HA   sing N N 44  
ASN C   O    doub N N 45  
ASN C   OXT  sing N N 46  
ASN CB  CG   sing N N 47  
ASN CB  HB2  sing N N 48  
ASN CB  HB3  sing N N 49  
ASN CG  OD1  doub N N 50  
ASN CG  ND2  sing N N 51  
ASN ND2 HD21 sing N N 52  
ASN ND2 HD22 sing N N 53  
ASN OXT HXT  sing N N 54  
ASP N   CA   sing N N 55  
ASP N   H    sing N N 56  
ASP N   H2   sing N N 57  
ASP CA  C    sing N N 58  
ASP CA  CB   sing N N 59  
ASP CA  HA   sing N N 60  
ASP C   O    doub N N 61  
ASP C   OXT  sing N N 62  
ASP CB  CG   sing N N 63  
ASP CB  HB2  sing N N 64  
ASP CB  HB3  sing N N 65  
ASP CG  OD1  doub N N 66  
ASP CG  OD2  sing N N 67  
ASP OD2 HD2  sing N N 68  
ASP OXT HXT  sing N N 69  
CYS N   CA   sing N N 70  
CYS N   H    sing N N 71  
CYS N   H2   sing N N 72  
CYS CA  C    sing N N 73  
CYS CA  CB   sing N N 74  
CYS CA  HA   sing N N 75  
CYS C   O    doub N N 76  
CYS C   OXT  sing N N 77  
CYS CB  SG   sing N N 78  
CYS CB  HB2  sing N N 79  
CYS CB  HB3  sing N N 80  
CYS SG  HG   sing N N 81  
CYS OXT HXT  sing N N 82  
GLN N   CA   sing N N 83  
GLN N   H    sing N N 84  
GLN N   H2   sing N N 85  
GLN CA  C    sing N N 86  
GLN CA  CB   sing N N 87  
GLN CA  HA   sing N N 88  
GLN C   O    doub N N 89  
GLN C   OXT  sing N N 90  
GLN CB  CG   sing N N 91  
GLN CB  HB2  sing N N 92  
GLN CB  HB3  sing N N 93  
GLN CG  CD   sing N N 94  
GLN CG  HG2  sing N N 95  
GLN CG  HG3  sing N N 96  
GLN CD  OE1  doub N N 97  
GLN CD  NE2  sing N N 98  
GLN NE2 HE21 sing N N 99  
GLN NE2 HE22 sing N N 100 
GLN OXT HXT  sing N N 101 
GLU N   CA   sing N N 102 
GLU N   H    sing N N 103 
GLU N   H2   sing N N 104 
GLU CA  C    sing N N 105 
GLU CA  CB   sing N N 106 
GLU CA  HA   sing N N 107 
GLU C   O    doub N N 108 
GLU C   OXT  sing N N 109 
GLU CB  CG   sing N N 110 
GLU CB  HB2  sing N N 111 
GLU CB  HB3  sing N N 112 
GLU CG  CD   sing N N 113 
GLU CG  HG2  sing N N 114 
GLU CG  HG3  sing N N 115 
GLU CD  OE1  doub N N 116 
GLU CD  OE2  sing N N 117 
GLU OE2 HE2  sing N N 118 
GLU OXT HXT  sing N N 119 
GLY N   CA   sing N N 120 
GLY N   H    sing N N 121 
GLY N   H2   sing N N 122 
GLY CA  C    sing N N 123 
GLY CA  HA2  sing N N 124 
GLY CA  HA3  sing N N 125 
GLY C   O    doub N N 126 
GLY C   OXT  sing N N 127 
GLY OXT HXT  sing N N 128 
HIS N   CA   sing N N 129 
HIS N   H    sing N N 130 
HIS N   H2   sing N N 131 
HIS CA  C    sing N N 132 
HIS CA  CB   sing N N 133 
HIS CA  HA   sing N N 134 
HIS C   O    doub N N 135 
HIS C   OXT  sing N N 136 
HIS CB  CG   sing N N 137 
HIS CB  HB2  sing N N 138 
HIS CB  HB3  sing N N 139 
HIS CG  ND1  sing Y N 140 
HIS CG  CD2  doub Y N 141 
HIS ND1 CE1  doub Y N 142 
HIS ND1 HD1  sing N N 143 
HIS CD2 NE2  sing Y N 144 
HIS CD2 HD2  sing N N 145 
HIS CE1 NE2  sing Y N 146 
HIS CE1 HE1  sing N N 147 
HIS NE2 HE2  sing N N 148 
HIS OXT HXT  sing N N 149 
HOH O   H1   sing N N 150 
HOH O   H2   sing N N 151 
ILE N   CA   sing N N 152 
ILE N   H    sing N N 153 
ILE N   H2   sing N N 154 
ILE CA  C    sing N N 155 
ILE CA  CB   sing N N 156 
ILE CA  HA   sing N N 157 
ILE C   O    doub N N 158 
ILE C   OXT  sing N N 159 
ILE CB  CG1  sing N N 160 
ILE CB  CG2  sing N N 161 
ILE CB  HB   sing N N 162 
ILE CG1 CD1  sing N N 163 
ILE CG1 HG12 sing N N 164 
ILE CG1 HG13 sing N N 165 
ILE CG2 HG21 sing N N 166 
ILE CG2 HG22 sing N N 167 
ILE CG2 HG23 sing N N 168 
ILE CD1 HD11 sing N N 169 
ILE CD1 HD12 sing N N 170 
ILE CD1 HD13 sing N N 171 
ILE OXT HXT  sing N N 172 
LEU N   CA   sing N N 173 
LEU N   H    sing N N 174 
LEU N   H2   sing N N 175 
LEU CA  C    sing N N 176 
LEU CA  CB   sing N N 177 
LEU CA  HA   sing N N 178 
LEU C   O    doub N N 179 
LEU C   OXT  sing N N 180 
LEU CB  CG   sing N N 181 
LEU CB  HB2  sing N N 182 
LEU CB  HB3  sing N N 183 
LEU CG  CD1  sing N N 184 
LEU CG  CD2  sing N N 185 
LEU CG  HG   sing N N 186 
LEU CD1 HD11 sing N N 187 
LEU CD1 HD12 sing N N 188 
LEU CD1 HD13 sing N N 189 
LEU CD2 HD21 sing N N 190 
LEU CD2 HD22 sing N N 191 
LEU CD2 HD23 sing N N 192 
LEU OXT HXT  sing N N 193 
LYS N   CA   sing N N 194 
LYS N   H    sing N N 195 
LYS N   H2   sing N N 196 
LYS CA  C    sing N N 197 
LYS CA  CB   sing N N 198 
LYS CA  HA   sing N N 199 
LYS C   O    doub N N 200 
LYS C   OXT  sing N N 201 
LYS CB  CG   sing N N 202 
LYS CB  HB2  sing N N 203 
LYS CB  HB3  sing N N 204 
LYS CG  CD   sing N N 205 
LYS CG  HG2  sing N N 206 
LYS CG  HG3  sing N N 207 
LYS CD  CE   sing N N 208 
LYS CD  HD2  sing N N 209 
LYS CD  HD3  sing N N 210 
LYS CE  NZ   sing N N 211 
LYS CE  HE2  sing N N 212 
LYS CE  HE3  sing N N 213 
LYS NZ  HZ1  sing N N 214 
LYS NZ  HZ2  sing N N 215 
LYS NZ  HZ3  sing N N 216 
LYS OXT HXT  sing N N 217 
MET N   CA   sing N N 218 
MET N   H    sing N N 219 
MET N   H2   sing N N 220 
MET CA  C    sing N N 221 
MET CA  CB   sing N N 222 
MET CA  HA   sing N N 223 
MET C   O    doub N N 224 
MET C   OXT  sing N N 225 
MET CB  CG   sing N N 226 
MET CB  HB2  sing N N 227 
MET CB  HB3  sing N N 228 
MET CG  SD   sing N N 229 
MET CG  HG2  sing N N 230 
MET CG  HG3  sing N N 231 
MET SD  CE   sing N N 232 
MET CE  HE1  sing N N 233 
MET CE  HE2  sing N N 234 
MET CE  HE3  sing N N 235 
MET OXT HXT  sing N N 236 
NH2 N   HN1  sing N N 237 
NH2 N   HN2  sing N N 238 
PHE N   CA   sing N N 239 
PHE N   H    sing N N 240 
PHE N   H2   sing N N 241 
PHE CA  C    sing N N 242 
PHE CA  CB   sing N N 243 
PHE CA  HA   sing N N 244 
PHE C   O    doub N N 245 
PHE C   OXT  sing N N 246 
PHE CB  CG   sing N N 247 
PHE CB  HB2  sing N N 248 
PHE CB  HB3  sing N N 249 
PHE CG  CD1  doub Y N 250 
PHE CG  CD2  sing Y N 251 
PHE CD1 CE1  sing Y N 252 
PHE CD1 HD1  sing N N 253 
PHE CD2 CE2  doub Y N 254 
PHE CD2 HD2  sing N N 255 
PHE CE1 CZ   doub Y N 256 
PHE CE1 HE1  sing N N 257 
PHE CE2 CZ   sing Y N 258 
PHE CE2 HE2  sing N N 259 
PHE CZ  HZ   sing N N 260 
PHE OXT HXT  sing N N 261 
PRO N   CA   sing N N 262 
PRO N   CD   sing N N 263 
PRO N   H    sing N N 264 
PRO CA  C    sing N N 265 
PRO CA  CB   sing N N 266 
PRO CA  HA   sing N N 267 
PRO C   O    doub N N 268 
PRO C   OXT  sing N N 269 
PRO CB  CG   sing N N 270 
PRO CB  HB2  sing N N 271 
PRO CB  HB3  sing N N 272 
PRO CG  CD   sing N N 273 
PRO CG  HG2  sing N N 274 
PRO CG  HG3  sing N N 275 
PRO CD  HD2  sing N N 276 
PRO CD  HD3  sing N N 277 
PRO OXT HXT  sing N N 278 
SER N   CA   sing N N 279 
SER N   H    sing N N 280 
SER N   H2   sing N N 281 
SER CA  C    sing N N 282 
SER CA  CB   sing N N 283 
SER CA  HA   sing N N 284 
SER C   O    doub N N 285 
SER C   OXT  sing N N 286 
SER CB  OG   sing N N 287 
SER CB  HB2  sing N N 288 
SER CB  HB3  sing N N 289 
SER OG  HG   sing N N 290 
SER OXT HXT  sing N N 291 
THR N   CA   sing N N 292 
THR N   H    sing N N 293 
THR N   H2   sing N N 294 
THR CA  C    sing N N 295 
THR CA  CB   sing N N 296 
THR CA  HA   sing N N 297 
THR C   O    doub N N 298 
THR C   OXT  sing N N 299 
THR CB  OG1  sing N N 300 
THR CB  CG2  sing N N 301 
THR CB  HB   sing N N 302 
THR OG1 HG1  sing N N 303 
THR CG2 HG21 sing N N 304 
THR CG2 HG22 sing N N 305 
THR CG2 HG23 sing N N 306 
THR OXT HXT  sing N N 307 
TRP N   CA   sing N N 308 
TRP N   H    sing N N 309 
TRP N   H2   sing N N 310 
TRP CA  C    sing N N 311 
TRP CA  CB   sing N N 312 
TRP CA  HA   sing N N 313 
TRP C   O    doub N N 314 
TRP C   OXT  sing N N 315 
TRP CB  CG   sing N N 316 
TRP CB  HB2  sing N N 317 
TRP CB  HB3  sing N N 318 
TRP CG  CD1  doub Y N 319 
TRP CG  CD2  sing Y N 320 
TRP CD1 NE1  sing Y N 321 
TRP CD1 HD1  sing N N 322 
TRP CD2 CE2  doub Y N 323 
TRP CD2 CE3  sing Y N 324 
TRP NE1 CE2  sing Y N 325 
TRP NE1 HE1  sing N N 326 
TRP CE2 CZ2  sing Y N 327 
TRP CE3 CZ3  doub Y N 328 
TRP CE3 HE3  sing N N 329 
TRP CZ2 CH2  doub Y N 330 
TRP CZ2 HZ2  sing N N 331 
TRP CZ3 CH2  sing Y N 332 
TRP CZ3 HZ3  sing N N 333 
TRP CH2 HH2  sing N N 334 
TRP OXT HXT  sing N N 335 
TYR N   CA   sing N N 336 
TYR N   H    sing N N 337 
TYR N   H2   sing N N 338 
TYR CA  C    sing N N 339 
TYR CA  CB   sing N N 340 
TYR CA  HA   sing N N 341 
TYR C   O    doub N N 342 
TYR C   OXT  sing N N 343 
TYR CB  CG   sing N N 344 
TYR CB  HB2  sing N N 345 
TYR CB  HB3  sing N N 346 
TYR CG  CD1  doub Y N 347 
TYR CG  CD2  sing Y N 348 
TYR CD1 CE1  sing Y N 349 
TYR CD1 HD1  sing N N 350 
TYR CD2 CE2  doub Y N 351 
TYR CD2 HD2  sing N N 352 
TYR CE1 CZ   doub Y N 353 
TYR CE1 HE1  sing N N 354 
TYR CE2 CZ   sing Y N 355 
TYR CE2 HE2  sing N N 356 
TYR CZ  OH   sing N N 357 
TYR OH  HH   sing N N 358 
TYR OXT HXT  sing N N 359 
VAL N   CA   sing N N 360 
VAL N   H    sing N N 361 
VAL N   H2   sing N N 362 
VAL CA  C    sing N N 363 
VAL CA  CB   sing N N 364 
VAL CA  HA   sing N N 365 
VAL C   O    doub N N 366 
VAL C   OXT  sing N N 367 
VAL CB  CG1  sing N N 368 
VAL CB  CG2  sing N N 369 
VAL CB  HB   sing N N 370 
VAL CG1 HG11 sing N N 371 
VAL CG1 HG12 sing N N 372 
VAL CG1 HG13 sing N N 373 
VAL CG2 HG21 sing N N 374 
VAL CG2 HG22 sing N N 375 
VAL CG2 HG23 sing N N 376 
VAL OXT HXT  sing N N 377 
# 
_pdbx_initial_refinement_model.id               1 
_pdbx_initial_refinement_model.entity_id_list   ? 
_pdbx_initial_refinement_model.type             'experimental model' 
_pdbx_initial_refinement_model.source_name      PDB 
_pdbx_initial_refinement_model.accession_code   4BEA 
_pdbx_initial_refinement_model.details          ? 
# 
_atom_sites.entry_id                    7EZW 
_atom_sites.fract_transf_matrix[1][1]   -0.00631323 
_atom_sites.fract_transf_matrix[1][2]   -0.00904226 
_atom_sites.fract_transf_matrix[1][3]   -0.00899576 
_atom_sites.fract_transf_matrix[2][1]   0.00685779 
_atom_sites.fract_transf_matrix[2][2]   -0.00436788 
_atom_sites.fract_transf_matrix[2][3]   -0.01167963 
_atom_sites.fract_transf_matrix[3][1]   0.00571953 
_atom_sites.fract_transf_matrix[3][2]   -0.01167983 
_atom_sites.fract_transf_matrix[3][3]   0.00772623 
_atom_sites.fract_transf_vector[1]      0.368357 
_atom_sites.fract_transf_vector[2]      0.225587 
_atom_sites.fract_transf_vector[3]      0.171913 
# 
loop_
_atom_type.symbol 
_atom_type.pdbx_scat_Z 
_atom_type.pdbx_N_electrons 
_atom_type.scat_Cromer_Mann_a1 
_atom_type.scat_Cromer_Mann_b1 
_atom_type.scat_Cromer_Mann_a2 
_atom_type.scat_Cromer_Mann_b2 
_atom_type.scat_Cromer_Mann_a3 
_atom_type.scat_Cromer_Mann_b3 
_atom_type.scat_Cromer_Mann_a4 
_atom_type.scat_Cromer_Mann_b4 
_atom_type.scat_Cromer_Mann_c 
C  6  6  2.310  20.844 1.020 10.208 1.589 0.569  0.865 51.651  0.216   
H  1  1  0.493  10.511 0.323 26.126 0.140 3.142  0.041 57.800  0.003   
N  7  7  12.222 0.006  3.135 9.893  2.014 28.997 1.167 0.583   -11.538 
N0 ?  ?  ?      ?      ?     ?      ?     ?      ?     ?       ?       
NA 11 11 4.766  3.285  3.176 8.842  1.268 0.314  1.114 129.424 0.730   
O  8  8  3.049  13.277 2.287 5.701  1.546 0.324  0.867 32.909  0.251   
S  16 16 6.905  1.468  5.203 22.215 1.438 0.254  1.586 56.172  1.042   
# 
loop_
_atom_site.group_PDB 
_atom_site.id 
_atom_site.type_symbol 
_atom_site.label_atom_id 
_atom_site.label_alt_id 
_atom_site.label_comp_id 
_atom_site.label_asym_id 
_atom_site.label_entity_id 
_atom_site.label_seq_id 
_atom_site.pdbx_PDB_ins_code 
_atom_site.Cartn_x 
_atom_site.Cartn_y 
_atom_site.Cartn_z 
_atom_site.occupancy 
_atom_site.B_iso_or_equiv 
_atom_site.pdbx_formal_charge 
_atom_site.auth_seq_id 
_atom_site.auth_comp_id 
_atom_site.auth_asym_id 
_atom_site.auth_atom_id 
_atom_site.pdbx_PDB_model_num 
_atom_site.calc_flag 
ATOM   1    N  N   . LYS A 1 36  ? -8.224  -4.471  -24.786 1.00 32.78 0 36  LYS A N   1 ? 
ATOM   2    C  CA  . LYS A 1 36  ? -7.509  -4.158  -23.510 1.00 32.19 0 36  LYS A CA  1 ? 
ATOM   3    C  C   . LYS A 1 36  ? -7.335  -2.639  -23.391 1.00 32.22 0 36  LYS A C   1 ? 
ATOM   4    O  O   . LYS A 1 36  ? -6.866  -2.018  -24.363 1.00 33.37 0 36  LYS A O   1 ? 
ATOM   5    C  CB  . LYS A 1 36  ? -6.145  -4.856  -23.441 1.00 30.95 0 36  LYS A CB  1 ? 
ATOM   6    C  CG  . LYS A 1 36  ? -6.187  -6.349  -23.140 1.00 30.22 0 36  LYS A CG  1 ? 
ATOM   7    C  CD  . LYS A 1 36  ? -4.837  -6.934  -22.773 1.00 29.75 0 36  LYS A CD  1 ? 
ATOM   8    C  CE  . LYS A 1 36  ? -4.865  -8.439  -22.602 1.00 29.06 0 36  LYS A CE  1 ? 
ATOM   9    N  NZ  . LYS A 1 36  ? -3.584  -8.964  -22.071 1.00 28.48 0 36  LYS A NZ  1 ? 
ATOM   10   N  N   . HIS A 1 37  ? -7.685  -2.077  -22.234 1.00 31.98 0 37  HIS A N   1 ? 
ATOM   11   C  CA  . HIS A 1 37  ? -7.634  -0.620  -21.950 1.00 32.39 0 37  HIS A CA  1 ? 
ATOM   12   C  C   . HIS A 1 37  ? -6.363  -0.320  -21.166 1.00 32.67 0 37  HIS A C   1 ? 
ATOM   13   O  O   . HIS A 1 37  ? -6.223  -0.751  -20.023 1.00 30.65 0 37  HIS A O   1 ? 
ATOM   14   C  CB  . HIS A 1 37  ? -8.925  -0.178  -21.252 1.00 32.59 0 37  HIS A CB  1 ? 
ATOM   15   C  CG  . HIS A 1 37  ? -10.120 -0.338  -22.130 1.00 33.19 0 37  HIS A CG  1 ? 
ATOM   16   N  ND1 . HIS A 1 37  ? -10.825 -1.524  -22.209 1.00 33.86 0 37  HIS A ND1 1 ? 
ATOM   17   C  CD2 . HIS A 1 37  ? -10.705 0.509   -23.005 1.00 33.21 0 37  HIS A CD2 1 ? 
ATOM   18   C  CE1 . HIS A 1 37  ? -11.810 -1.390  -23.073 1.00 33.91 0 37  HIS A CE1 1 ? 
ATOM   19   N  NE2 . HIS A 1 37  ? -11.756 -0.153  -23.578 1.00 33.76 0 37  HIS A NE2 1 ? 
ATOM   20   N  N   . PRO A 1 38  ? -5.400  0.418   -21.768 1.00 34.07 0 38  PRO A N   1 ? 
ATOM   21   C  CA  . PRO A 1 38  ? -4.095  0.645   -21.147 1.00 34.16 0 38  PRO A CA  1 ? 
ATOM   22   C  C   . PRO A 1 38  ? -4.192  1.549   -19.913 1.00 32.92 0 38  PRO A C   1 ? 
ATOM   23   O  O   . PRO A 1 38  ? -5.025  2.427   -19.898 1.00 33.32 0 38  PRO A O   1 ? 
ATOM   24   C  CB  . PRO A 1 38  ? -3.281  1.334   -22.253 1.00 34.80 0 38  PRO A CB  1 ? 
ATOM   25   C  CG  . PRO A 1 38  ? -4.330  2.037   -23.085 1.00 35.16 0 38  PRO A CG  1 ? 
ATOM   26   C  CD  . PRO A 1 38  ? -5.522  1.102   -23.066 1.00 34.99 0 38  PRO A CD  1 ? 
ATOM   27   N  N   . LEU A 1 39  ? -3.352  1.290   -18.910 1.00 32.30 0 39  LEU A N   1 ? 
ATOM   28   C  CA  . LEU A 1 39  ? -3.176  2.160   -17.721 1.00 32.22 0 39  LEU A CA  1 ? 
ATOM   29   C  C   . LEU A 1 39  ? -2.106  3.210   -18.037 1.00 33.08 0 39  LEU A C   1 ? 
ATOM   30   O  O   . LEU A 1 39  ? -1.267  2.956   -18.931 1.00 32.16 0 39  LEU A O   1 ? 
ATOM   31   C  CB  . LEU A 1 39  ? -2.768  1.304   -16.517 1.00 31.18 0 39  LEU A CB  1 ? 
ATOM   32   C  CG  . LEU A 1 39  ? -3.769  0.226   -16.105 1.00 30.59 0 39  LEU A CG  1 ? 
ATOM   33   C  CD1 . LEU A 1 39  ? -3.181  -0.669  -15.025 1.00 30.03 0 39  LEU A CD1 1 ? 
ATOM   34   C  CD2 . LEU A 1 39  ? -5.077  0.845   -15.637 1.00 30.01 0 39  LEU A CD2 1 ? 
ATOM   35   N  N   . GLN A 1 40  ? -2.147  4.337   -17.325 1.00 34.56 0 40  GLN A N   1 ? 
ATOM   36   C  CA  . GLN A 1 40  ? -1.145  5.434   -17.399 1.00 36.06 0 40  GLN A CA  1 ? 
ATOM   37   C  C   . GLN A 1 40  ? 0.244   4.889   -17.044 1.00 35.26 0 40  GLN A C   1 ? 
ATOM   38   O  O   . GLN A 1 40  ? 1.222   5.363   -17.645 1.00 35.74 0 40  GLN A O   1 ? 
ATOM   39   C  CB  . GLN A 1 40  ? -1.548  6.562   -16.445 1.00 38.40 0 40  GLN A CB  1 ? 
ATOM   40   C  CG  . GLN A 1 40  ? -0.548  7.708   -16.374 1.00 40.49 0 40  GLN A CG  1 ? 
ATOM   41   C  CD  . GLN A 1 40  ? -0.353  8.371   -17.714 1.00 43.44 0 40  GLN A CD  1 ? 
ATOM   42   O  OE1 . GLN A 1 40  ? 0.759   8.452   -18.233 1.00 46.24 0 40  GLN A OE1 1 ? 
ATOM   43   N  NE2 . GLN A 1 40  ? -1.449  8.832   -18.297 1.00 44.60 0 40  GLN A NE2 1 ? 
ATOM   44   N  N   . ASN A 1 41  ? 0.320   3.947   -16.095 1.00 34.27 0 41  ASN A N   1 ? 
ATOM   45   C  CA  . ASN A 1 41  ? 1.590   3.392   -15.545 1.00 33.57 0 41  ASN A CA  1 ? 
ATOM   46   C  C   . ASN A 1 41  ? 1.550   1.858   -15.558 1.00 32.61 0 41  ASN A C   1 ? 
ATOM   47   O  O   . ASN A 1 41  ? 0.442   1.279   -15.511 1.00 31.31 0 41  ASN A O   1 ? 
ATOM   48   C  CB  . ASN A 1 41  ? 1.857   3.896   -14.124 1.00 33.82 0 41  ASN A CB  1 ? 
ATOM   49   C  CG  . ASN A 1 41  ? 2.391   5.313   -14.080 1.00 34.47 0 41  ASN A CG  1 ? 
ATOM   50   O  OD1 . ASN A 1 41  ? 1.731   6.220   -13.574 1.00 33.68 0 41  ASN A OD1 1 ? 
ATOM   51   N  ND2 . ASN A 1 41  ? 3.591   5.513   -14.599 1.00 34.00 0 41  ASN A ND2 1 ? 
ATOM   52   N  N   . ARG A 1 42  ? 2.730   1.234   -15.618 1.00 31.64 0 42  ARG A N   1 ? 
ATOM   53   C  CA  . ARG A 1 42  ? 2.940   -0.220  -15.391 1.00 31.85 0 42  ARG A CA  1 ? 
ATOM   54   C  C   . ARG A 1 42  ? 3.146   -0.425  -13.886 1.00 29.73 0 42  ARG A C   1 ? 
ATOM   55   O  O   . ARG A 1 42  ? 3.911   0.354   -13.291 1.00 29.67 0 42  ARG A O   1 ? 
ATOM   56   C  CB  . ARG A 1 42  ? 4.132   -0.712  -16.219 1.00 33.47 0 42  ARG A CB  1 ? 
ATOM   57   C  CG  . ARG A 1 42  ? 4.267   -2.226  -16.315 1.00 34.72 0 42  ARG A CG  1 ? 
ATOM   58   C  CD  . ARG A 1 42  ? 5.033   -2.638  -17.561 1.00 35.77 0 42  ARG A CD  1 ? 
ATOM   59   N  NE  . ARG A 1 42  ? 5.119   -4.083  -17.755 1.00 35.96 0 42  ARG A NE  1 ? 
ATOM   60   C  CZ  . ARG A 1 42  ? 6.163   -4.847  -17.434 1.00 37.18 0 42  ARG A CZ  1 ? 
ATOM   61   N  NH1 . ARG A 1 42  ? 7.246   -4.323  -16.882 1.00 38.47 0 42  ARG A NH1 1 ? 
ATOM   62   N  NH2 . ARG A 1 42  ? 6.122   -6.148  -17.670 1.00 36.55 0 42  ARG A NH2 1 ? 
ATOM   63   N  N   . TRP A 1 43  ? 2.469   -1.413  -13.295 1.00 28.01 0 43  TRP A N   1 ? 
ATOM   64   C  CA  . TRP A 1 43  ? 2.497   -1.693  -11.833 1.00 26.86 0 43  TRP A CA  1 ? 
ATOM   65   C  C   . TRP A 1 43  ? 2.997   -3.117  -11.577 1.00 26.23 0 43  TRP A C   1 ? 
ATOM   66   O  O   . TRP A 1 43  ? 2.754   -3.994  -12.426 1.00 26.27 0 43  TRP A O   1 ? 
ATOM   67   C  CB  . TRP A 1 43  ? 1.110   -1.473  -11.218 1.00 26.11 0 43  TRP A CB  1 ? 
ATOM   68   C  CG  . TRP A 1 43  ? 0.577   -0.087  -11.405 1.00 25.47 0 43  TRP A CG  1 ? 
ATOM   69   C  CD1 . TRP A 1 43  ? -0.079  0.396   -12.497 1.00 25.39 0 43  TRP A CD1 1 ? 
ATOM   70   C  CD2 . TRP A 1 43  ? 0.661   1.007   -10.473 1.00 24.94 0 43  TRP A CD2 1 ? 
ATOM   71   N  NE1 . TRP A 1 43  ? -0.412  1.709   -12.310 1.00 25.26 0 43  TRP A NE1 1 ? 
ATOM   72   C  CE2 . TRP A 1 43  ? 0.026   2.112   -11.077 1.00 25.08 0 43  TRP A CE2 1 ? 
ATOM   73   C  CE3 . TRP A 1 43  ? 1.203   1.161   -9.192  1.00 25.07 0 43  TRP A CE3 1 ? 
ATOM   74   C  CZ2 . TRP A 1 43  ? -0.081  3.350   -10.442 1.00 24.98 0 43  TRP A CZ2 1 ? 
ATOM   75   C  CZ3 . TRP A 1 43  ? 1.097   2.385   -8.564  1.00 25.09 0 43  TRP A CZ3 1 ? 
ATOM   76   C  CH2 . TRP A 1 43  ? 0.467   3.465   -9.185  1.00 24.81 0 43  TRP A CH2 1 ? 
ATOM   77   N  N   . ALA A 1 44  ? 3.636   -3.329  -10.424 1.00 26.03 0 44  ALA A N   1 ? 
ATOM   78   C  CA  . ALA A 1 44  ? 4.145   -4.637  -9.946  1.00 25.95 0 44  ALA A CA  1 ? 
ATOM   79   C  C   . ALA A 1 44  ? 3.437   -5.012  -8.641  1.00 25.51 0 44  ALA A C   1 ? 
ATOM   80   O  O   . ALA A 1 44  ? 3.456   -4.196  -7.697  1.00 24.84 0 44  ALA A O   1 ? 
ATOM   81   C  CB  . ALA A 1 44  ? 5.640   -4.568  -9.752  1.00 25.77 0 44  ALA A CB  1 ? 
ATOM   82   N  N   . LEU A 1 45  ? 2.849   -6.208  -8.590  1.00 25.76 0 45  LEU A N   1 ? 
ATOM   83   C  CA  . LEU A 1 45  ? 2.222   -6.761  -7.364  1.00 26.44 0 45  LEU A CA  1 ? 
ATOM   84   C  C   . LEU A 1 45  ? 3.242   -7.647  -6.644  1.00 26.22 0 45  LEU A C   1 ? 
ATOM   85   O  O   . LEU A 1 45  ? 3.757   -8.585  -7.281  1.00 26.08 0 45  LEU A O   1 ? 
ATOM   86   C  CB  . LEU A 1 45  ? 0.973   -7.559  -7.735  1.00 27.09 0 45  LEU A CB  1 ? 
ATOM   87   C  CG  . LEU A 1 45  ? 0.186   -8.093  -6.538  1.00 28.35 0 45  LEU A CG  1 ? 
ATOM   88   C  CD1 . LEU A 1 45  ? -0.931  -7.138  -6.156  1.00 28.66 0 45  LEU A CD1 1 ? 
ATOM   89   C  CD2 . LEU A 1 45  ? -0.369  -9.477  -6.830  1.00 29.37 0 45  LEU A CD2 1 ? 
ATOM   90   N  N   . TRP A 1 46  ? 3.510   -7.349  -5.369  1.00 26.25 0 46  TRP A N   1 ? 
ATOM   91   C  CA  . TRP A 1 46  ? 4.443   -8.104  -4.492  1.00 26.91 0 46  TRP A CA  1 ? 
ATOM   92   C  C   . TRP A 1 46  ? 3.653   -8.808  -3.383  1.00 27.16 0 46  TRP A C   1 ? 
ATOM   93   O  O   . TRP A 1 46  ? 2.642   -8.246  -2.915  1.00 25.92 0 46  TRP A O   1 ? 
ATOM   94   C  CB  . TRP A 1 46  ? 5.506   -7.177  -3.888  1.00 27.15 0 46  TRP A CB  1 ? 
ATOM   95   C  CG  . TRP A 1 46  ? 6.370   -6.473  -4.887  1.00 27.55 0 46  TRP A CG  1 ? 
ATOM   96   C  CD1 . TRP A 1 46  ? 6.035   -5.401  -5.661  1.00 27.90 0 46  TRP A CD1 1 ? 
ATOM   97   C  CD2 . TRP A 1 46  ? 7.741   -6.777  -5.198  1.00 28.10 0 46  TRP A CD2 1 ? 
ATOM   98   N  NE1 . TRP A 1 46  ? 7.096   -5.025  -6.440  1.00 27.91 0 46  TRP A NE1 1 ? 
ATOM   99   C  CE2 . TRP A 1 46  ? 8.156   -5.851  -6.180  1.00 28.12 0 46  TRP A CE2 1 ? 
ATOM   100  C  CE3 . TRP A 1 46  ? 8.651   -7.741  -4.750  1.00 28.92 0 46  TRP A CE3 1 ? 
ATOM   101  C  CZ2 . TRP A 1 46  ? 9.444   -5.863  -6.713  1.00 28.49 0 46  TRP A CZ2 1 ? 
ATOM   102  C  CZ3 . TRP A 1 46  ? 9.923   -7.752  -5.280  1.00 29.10 0 46  TRP A CZ3 1 ? 
ATOM   103  C  CH2 . TRP A 1 46  ? 10.312  -6.825  -6.248  1.00 28.59 0 46  TRP A CH2 1 ? 
ATOM   104  N  N   . PHE A 1 47  ? 4.123   -9.988  -2.976  1.00 28.13 0 47  PHE A N   1 ? 
ATOM   105  C  CA  . PHE A 1 47  ? 3.650   -10.740 -1.788  1.00 29.01 0 47  PHE A CA  1 ? 
ATOM   106  C  C   . PHE A 1 47  ? 4.848   -10.975 -0.865  1.00 29.51 0 47  PHE A C   1 ? 
ATOM   107  O  O   . PHE A 1 47  ? 5.929   -11.339 -1.366  1.00 29.42 0 47  PHE A O   1 ? 
ATOM   108  C  CB  . PHE A 1 47  ? 2.985   -12.048 -2.224  1.00 29.02 0 47  PHE A CB  1 ? 
ATOM   109  C  CG  . PHE A 1 47  ? 2.640   -12.998 -1.104  1.00 28.97 0 47  PHE A CG  1 ? 
ATOM   110  C  CD1 . PHE A 1 47  ? 1.654   -12.681 -0.183  1.00 28.82 0 47  PHE A CD1 1 ? 
ATOM   111  C  CD2 . PHE A 1 47  ? 3.284   -14.222 -0.987  1.00 28.95 0 47  PHE A CD2 1 ? 
ATOM   112  C  CE1 . PHE A 1 47  ? 1.333   -13.558 0.842   1.00 28.57 0 47  PHE A CE1 1 ? 
ATOM   113  C  CE2 . PHE A 1 47  ? 2.956   -15.100 0.035   1.00 28.97 0 47  PHE A CE2 1 ? 
ATOM   114  C  CZ  . PHE A 1 47  ? 1.985   -14.763 0.951   1.00 28.75 0 47  PHE A CZ  1 ? 
ATOM   115  N  N   . PHE A 1 48  ? 4.669   -10.739 0.437   1.00 30.44 0 48  PHE A N   1 ? 
ATOM   116  C  CA  . PHE A 1 48  ? 5.670   -11.064 1.482   1.00 31.27 0 48  PHE A CA  1 ? 
ATOM   117  C  C   . PHE A 1 48  ? 5.083   -12.123 2.415   1.00 31.34 0 48  PHE A C   1 ? 
ATOM   118  O  O   . PHE A 1 48  ? 4.045   -11.858 3.042   1.00 30.07 0 48  PHE A O   1 ? 
ATOM   119  C  CB  . PHE A 1 48  ? 6.097   -9.829  2.276   1.00 31.76 0 48  PHE A CB  1 ? 
ATOM   120  C  CG  . PHE A 1 48  ? 7.109   -10.145 3.346   1.00 32.58 0 48  PHE A CG  1 ? 
ATOM   121  C  CD1 . PHE A 1 48  ? 8.365   -10.622 3.006   1.00 33.07 0 48  PHE A CD1 1 ? 
ATOM   122  C  CD2 . PHE A 1 48  ? 6.799   -9.998  4.689   1.00 33.33 0 48  PHE A CD2 1 ? 
ATOM   123  C  CE1 . PHE A 1 48  ? 9.298   -10.923 3.986   1.00 33.89 0 48  PHE A CE1 1 ? 
ATOM   124  C  CE2 . PHE A 1 48  ? 7.734   -10.297 5.669   1.00 34.22 0 48  PHE A CE2 1 ? 
ATOM   125  C  CZ  . PHE A 1 48  ? 8.982   -10.760 5.316   1.00 34.14 0 48  PHE A CZ  1 ? 
ATOM   126  N  N   . LYS A 1 49  ? 5.757   -13.273 2.493   1.00 32.36 0 49  LYS A N   1 ? 
ATOM   127  C  CA  . LYS A 1 49  ? 5.324   -14.482 3.241   1.00 33.61 0 49  LYS A CA  1 ? 
ATOM   128  C  C   . LYS A 1 49  ? 5.907   -14.433 4.656   1.00 33.92 0 49  LYS A C   1 ? 
ATOM   129  O  O   . LYS A 1 49  ? 7.132   -14.218 4.789   1.00 32.37 0 49  LYS A O   1 ? 
ATOM   130  C  CB  . LYS A 1 49  ? 5.782   -15.740 2.491   1.00 33.98 0 49  LYS A CB  1 ? 
ATOM   131  C  CG  . LYS A 1 49  ? 5.526   -17.067 3.194   1.00 34.67 0 49  LYS A CG  1 ? 
ATOM   132  C  CD  . LYS A 1 49  ? 4.073   -17.305 3.552   1.00 34.90 0 49  LYS A CD  1 ? 
ATOM   133  C  CE  . LYS A 1 49  ? 3.813   -18.701 4.076   1.00 35.18 0 49  LYS A CE  1 ? 
ATOM   134  N  NZ  . LYS A 1 49  ? 2.382   -18.907 4.400   1.00 35.48 0 49  LYS A NZ  1 ? 
ATOM   135  N  N   . ASN A 1 50  ? 5.057   -14.621 5.669   1.00 35.24 0 50  ASN A N   1 ? 
ATOM   136  C  CA  . ASN A 1 50  ? 5.481   -14.882 7.070   1.00 36.04 0 50  ASN A CA  1 ? 
ATOM   137  C  C   . ASN A 1 50  ? 5.952   -16.341 7.166   1.00 36.14 0 50  ASN A C   1 ? 
ATOM   138  O  O   . ASN A 1 50  ? 5.090   -17.234 7.295   1.00 35.68 0 50  ASN A O   1 ? 
ATOM   139  C  CB  . ASN A 1 50  ? 4.367   -14.575 8.075   1.00 36.47 0 50  ASN A CB  1 ? 
ATOM   140  C  CG  . ASN A 1 50  ? 4.779   -14.806 9.515   1.00 36.61 0 50  ASN A CG  1 ? 
ATOM   141  O  OD1 . ASN A 1 50  ? 5.961   -14.958 9.815   1.00 36.87 0 50  ASN A OD1 1 ? 
ATOM   142  N  ND2 . ASN A 1 50  ? 3.808   -14.827 10.414  1.00 36.24 0 50  ASN A ND2 1 ? 
ATOM   143  N  N   . ASP A 1 51  ? 7.268   -16.560 7.063   1.00 35.85 0 51  ASP A N   1 ? 
ATOM   144  C  CA  . ASP A 1 51  ? 7.940   -17.867 7.305   1.00 36.07 0 51  ASP A CA  1 ? 
ATOM   145  C  C   . ASP A 1 51  ? 9.322   -17.581 7.902   1.00 36.09 0 51  ASP A C   1 ? 
ATOM   146  O  O   . ASP A 1 51  ? 10.258  -17.300 7.129   1.00 34.41 0 51  ASP A O   1 ? 
ATOM   147  C  CB  . ASP A 1 51  ? 8.031   -18.714 6.030   1.00 35.76 0 51  ASP A CB  1 ? 
ATOM   148  C  CG  . ASP A 1 51  ? 8.578   -20.115 6.262   1.00 36.02 0 51  ASP A CG  1 ? 
ATOM   149  O  OD1 . ASP A 1 51  ? 9.092   -20.373 7.369   1.00 36.14 0 51  ASP A OD1 1 ? 
ATOM   150  O  OD2 . ASP A 1 51  ? 8.487   -20.940 5.330   1.00 36.31 0 51  ASP A OD2 1 ? 
ATOM   151  N  N   . LYS A 1 52  ? 9.434   -17.656 9.230   1.00 36.69 0 52  LYS A N   1 ? 
ATOM   152  C  CA  . LYS A 1 52  ? 10.628  -17.202 9.990   1.00 37.62 0 52  LYS A CA  1 ? 
ATOM   153  C  C   . LYS A 1 52  ? 11.746  -18.250 9.899   1.00 37.01 0 52  LYS A C   1 ? 
ATOM   154  O  O   . LYS A 1 52  ? 12.801  -18.022 10.515  1.00 37.81 0 52  LYS A O   1 ? 
ATOM   155  C  CB  . LYS A 1 52  ? 10.224  -16.882 11.433  1.00 38.96 0 52  LYS A CB  1 ? 
ATOM   156  C  CG  . LYS A 1 52  ? 9.218   -15.744 11.549  1.00 40.09 0 52  LYS A CG  1 ? 
ATOM   157  C  CD  . LYS A 1 52  ? 9.323   -14.938 12.825  1.00 41.44 0 52  LYS A CD  1 ? 
ATOM   158  C  CE  . LYS A 1 52  ? 8.918   -13.491 12.638  1.00 42.26 0 52  LYS A CE  1 ? 
ATOM   159  N  NZ  . LYS A 1 52  ? 7.615   -13.370 11.940  1.00 42.88 0 52  LYS A NZ  1 ? 
ATOM   160  N  N   . SER A 1 53  ? 11.539  -19.336 9.148   1.00 36.07 0 53  SER A N   1 ? 
ATOM   161  C  CA  . SER A 1 53  ? 12.581  -20.339 8.809   1.00 36.25 0 53  SER A CA  1 ? 
ATOM   162  C  C   . SER A 1 53  ? 13.256  -19.974 7.479   1.00 35.86 0 53  SER A C   1 ? 
ATOM   163  O  O   . SER A 1 53  ? 14.025  -20.809 6.966   1.00 36.39 0 53  SER A O   1 ? 
ATOM   164  C  CB  . SER A 1 53  ? 12.002  -21.730 8.768   1.00 35.64 0 53  SER A CB  1 ? 
ATOM   165  O  OG  . SER A 1 53  ? 11.194  -21.900 7.617   1.00 36.32 0 53  SER A OG  1 ? 
ATOM   166  N  N   . LYS A 1 54  ? 12.983  -18.778 6.943   1.00 35.75 0 54  LYS A N   1 ? 
ATOM   167  C  CA  . LYS A 1 54  ? 13.580  -18.268 5.679   1.00 35.62 0 54  LYS A CA  1 ? 
ATOM   168  C  C   . LYS A 1 54  ? 13.872  -16.768 5.817   1.00 33.66 0 54  LYS A C   1 ? 
ATOM   169  O  O   . LYS A 1 54  ? 13.247  -16.123 6.673   1.00 32.23 0 54  LYS A O   1 ? 
ATOM   170  C  CB  . LYS A 1 54  ? 12.637  -18.550 4.506   1.00 37.75 0 54  LYS A CB  1 ? 
ATOM   171  C  CG  . LYS A 1 54  ? 12.375  -20.024 4.226   1.00 38.89 0 54  LYS A CG  1 ? 
ATOM   172  C  CD  . LYS A 1 54  ? 11.248  -20.271 3.246   1.00 41.30 0 54  LYS A CD  1 ? 
ATOM   173  C  CE  . LYS A 1 54  ? 11.614  -19.951 1.813   1.00 42.87 0 54  LYS A CE  1 ? 
ATOM   174  N  NZ  . LYS A 1 54  ? 10.416  -19.913 0.940   1.00 44.13 0 54  LYS A NZ  1 ? 
ATOM   175  N  N   . THR A 1 55  ? 14.790  -16.243 4.999   1.00 32.86 0 55  THR A N   1 ? 
ATOM   176  C  CA  . THR A 1 55  ? 15.182  -14.807 4.966   1.00 32.10 0 55  THR A CA  1 ? 
ATOM   177  C  C   . THR A 1 55  ? 14.035  -13.993 4.357   1.00 32.61 0 55  THR A C   1 ? 
ATOM   178  O  O   . THR A 1 55  ? 13.174  -14.604 3.691   1.00 32.27 0 55  THR A O   1 ? 
ATOM   179  C  CB  . THR A 1 55  ? 16.471  -14.591 4.164   1.00 32.24 0 55  THR A CB  1 ? 
ATOM   180  O  OG1 . THR A 1 55  ? 16.204  -14.949 2.808   1.00 31.26 0 55  THR A OG1 1 ? 
ATOM   181  C  CG2 . THR A 1 55  ? 17.644  -15.385 4.695   1.00 32.47 0 55  THR A CG2 1 ? 
ATOM   182  N  N   . TRP A 1 56  ? 14.033  -12.669 4.553   1.00 31.93 0 56  TRP A N   1 ? 
ATOM   183  C  CA  . TRP A 1 56  ? 12.976  -11.773 4.009   1.00 31.80 0 56  TRP A CA  1 ? 
ATOM   184  C  C   . TRP A 1 56  ? 13.081  -11.733 2.478   1.00 31.52 0 56  TRP A C   1 ? 
ATOM   185  O  O   . TRP A 1 56  ? 12.022  -11.672 1.824   1.00 31.06 0 56  TRP A O   1 ? 
ATOM   186  C  CB  . TRP A 1 56  ? 13.016  -10.375 4.648   1.00 31.83 0 56  TRP A CB  1 ? 
ATOM   187  C  CG  . TRP A 1 56  ? 14.181  -9.509  4.273   1.00 31.78 0 56  TRP A CG  1 ? 
ATOM   188  C  CD1 . TRP A 1 56  ? 15.281  -9.249  5.035   1.00 31.41 0 56  TRP A CD1 1 ? 
ATOM   189  C  CD2 . TRP A 1 56  ? 14.342  -8.740  3.065   1.00 31.99 0 56  TRP A CD2 1 ? 
ATOM   190  N  NE1 . TRP A 1 56  ? 16.123  -8.392  4.381   1.00 31.70 0 56  TRP A NE1 1 ? 
ATOM   191  C  CE2 . TRP A 1 56  ? 15.576  -8.063  3.169   1.00 32.47 0 56  TRP A CE2 1 ? 
ATOM   192  C  CE3 . TRP A 1 56  ? 13.575  -8.563  1.907   1.00 31.99 0 56  TRP A CE3 1 ? 
ATOM   193  C  CZ2 . TRP A 1 56  ? 16.059  -7.234  2.157   1.00 32.60 0 56  TRP A CZ2 1 ? 
ATOM   194  C  CZ3 . TRP A 1 56  ? 14.050  -7.743  0.907   1.00 32.18 0 56  TRP A CZ3 1 ? 
ATOM   195  C  CH2 . TRP A 1 56  ? 15.278  -7.089  1.032   1.00 32.81 0 56  TRP A CH2 1 ? 
ATOM   196  N  N   . GLN A 1 57  ? 14.305  -11.798 1.938   1.00 30.99 0 57  GLN A N   1 ? 
ATOM   197  C  CA  . GLN A 1 57  ? 14.581  -11.846 0.475   1.00 30.83 0 57  GLN A CA  1 ? 
ATOM   198  C  C   . GLN A 1 57  ? 13.901  -13.081 -0.127  1.00 30.84 0 57  GLN A C   1 ? 
ATOM   199  O  O   . GLN A 1 57  ? 13.243  -12.942 -1.178  1.00 32.27 0 57  GLN A O   1 ? 
ATOM   200  C  CB  . GLN A 1 57  ? 16.085  -11.878 0.192   1.00 31.11 0 57  GLN A CB  1 ? 
ATOM   201  C  CG  . GLN A 1 57  ? 16.813  -10.590 0.556   1.00 31.36 0 57  GLN A CG  1 ? 
ATOM   202  C  CD  . GLN A 1 57  ? 17.436  -10.617 1.933   1.00 31.91 0 57  GLN A CD  1 ? 
ATOM   203  O  OE1 . GLN A 1 57  ? 17.015  -11.356 2.819   1.00 31.74 0 57  GLN A OE1 1 ? 
ATOM   204  N  NE2 . GLN A 1 57  ? 18.445  -9.785  2.132   1.00 32.83 0 57  GLN A NE2 1 ? 
ATOM   205  N  N   . ALA A 1 58  ? 14.047  -14.239 0.522   1.00 30.11 0 58  ALA A N   1 ? 
ATOM   206  C  CA  . ALA A 1 58  ? 13.477  -15.533 0.078   1.00 30.03 0 58  ALA A CA  1 ? 
ATOM   207  C  C   . ALA A 1 58  ? 11.949  -15.526 0.227   1.00 29.87 0 58  ALA A C   1 ? 
ATOM   208  O  O   . ALA A 1 58  ? 11.290  -16.252 -0.534  1.00 30.67 0 58  ALA A O   1 ? 
ATOM   209  C  CB  . ALA A 1 58  ? 14.101  -16.667 0.857   1.00 29.89 0 58  ALA A CB  1 ? 
ATOM   210  N  N   . ASN A 1 59  ? 11.412  -14.744 1.172   1.00 29.65 0 59  ASN A N   1 ? 
ATOM   211  C  CA  . ASN A 1 59  ? 9.956   -14.658 1.476   1.00 30.02 0 59  ASN A CA  1 ? 
ATOM   212  C  C   . ASN A 1 59  ? 9.292   -13.548 0.651   1.00 30.20 0 59  ASN A C   1 ? 
ATOM   213  O  O   . ASN A 1 59  ? 8.053   -13.541 0.590   1.00 29.79 0 59  ASN A O   1 ? 
ATOM   214  C  CB  . ASN A 1 59  ? 9.702   -14.418 2.965   1.00 29.77 0 59  ASN A CB  1 ? 
ATOM   215  C  CG  . ASN A 1 59  ? 9.924   -15.651 3.815   1.00 29.88 0 59  ASN A CG  1 ? 
ATOM   216  O  OD1 . ASN A 1 59  ? 10.456  -15.557 4.915   1.00 29.59 0 59  ASN A OD1 1 ? 
ATOM   217  N  ND2 . ASN A 1 59  ? 9.512   -16.808 3.321   1.00 29.88 0 59  ASN A ND2 1 ? 
ATOM   218  N  N   . LEU A 1 60  ? 10.076  -12.631 0.076   1.00 30.88 0 60  LEU A N   1 ? 
ATOM   219  C  CA  . LEU A 1 60  ? 9.577   -11.539 -0.799  1.00 31.46 0 60  LEU A CA  1 ? 
ATOM   220  C  C   . LEU A 1 60  ? 9.531   -12.056 -2.237  1.00 32.65 0 60  LEU A C   1 ? 
ATOM   221  O  O   . LEU A 1 60  ? 10.556  -12.571 -2.710  1.00 32.94 0 60  LEU A O   1 ? 
ATOM   222  C  CB  . LEU A 1 60  ? 10.488  -10.313 -0.689  1.00 31.14 0 60  LEU A CB  1 ? 
ATOM   223  C  CG  . LEU A 1 60  ? 10.067  -9.117  -1.544  1.00 31.08 0 60  LEU A CG  1 ? 
ATOM   224  C  CD1 . LEU A 1 60  ? 8.667   -8.653  -1.166  1.00 31.10 0 60  LEU A CD1 1 ? 
ATOM   225  C  CD2 . LEU A 1 60  ? 11.066  -7.978  -1.421  1.00 30.73 0 60  LEU A CD2 1 ? 
ATOM   226  N  N   . ARG A 1 61  ? 8.383   -11.910 -2.895  1.00 34.04 0 61  ARG A N   1 ? 
ATOM   227  C  CA  . ARG A 1 61  ? 8.124   -12.452 -4.252  1.00 35.21 0 61  ARG A CA  1 ? 
ATOM   228  C  C   . ARG A 1 61  ? 7.411   -11.383 -5.087  1.00 34.56 0 61  ARG A C   1 ? 
ATOM   229  O  O   . ARG A 1 61  ? 6.367   -10.872 -4.637  1.00 33.47 0 61  ARG A O   1 ? 
ATOM   230  C  CB  . ARG A 1 61  ? 7.307   -13.741 -4.133  1.00 37.16 0 61  ARG A CB  1 ? 
ATOM   231  C  CG  . ARG A 1 61  ? 6.964   -14.394 -5.464  1.00 39.56 0 61  ARG A CG  1 ? 
ATOM   232  C  CD  . ARG A 1 61  ? 5.963   -15.522 -5.298  1.00 41.90 0 61  ARG A CD  1 ? 
ATOM   233  N  NE  . ARG A 1 61  ? 5.254   -15.810 -6.539  1.00 43.52 0 61  ARG A NE  1 ? 
ATOM   234  C  CZ  . ARG A 1 61  ? 4.194   -16.610 -6.643  1.00 45.55 0 61  ARG A CZ  1 ? 
ATOM   235  N  NH1 . ARG A 1 61  ? 3.702   -17.215 -5.573  1.00 46.00 0 61  ARG A NH1 1 ? 
ATOM   236  N  NH2 . ARG A 1 61  ? 3.623   -16.797 -7.823  1.00 45.98 0 61  ARG A NH2 1 ? 
ATOM   237  N  N   . LEU A 1 62  ? 7.985   -11.043 -6.243  1.00 33.85 0 62  LEU A N   1 ? 
ATOM   238  C  CA  . LEU A 1 62  ? 7.311   -10.271 -7.320  1.00 33.37 0 62  LEU A CA  1 ? 
ATOM   239  C  C   . LEU A 1 62  ? 6.429   -11.245 -8.109  1.00 31.43 0 62  LEU A C   1 ? 
ATOM   240  O  O   . LEU A 1 62  ? 6.995   -12.093 -8.815  1.00 31.54 0 62  LEU A O   1 ? 
ATOM   241  C  CB  . LEU A 1 62  ? 8.379   -9.616  -8.204  1.00 34.74 0 62  LEU A CB  1 ? 
ATOM   242  C  CG  . LEU A 1 62  ? 7.874   -8.867  -9.438  1.00 36.36 0 62  LEU A CG  1 ? 
ATOM   243  C  CD1 . LEU A 1 62  ? 6.648   -8.025  -9.119  1.00 36.89 0 62  LEU A CD1 1 ? 
ATOM   244  C  CD2 . LEU A 1 62  ? 8.976   -7.993  -10.019 1.00 36.78 0 62  LEU A CD2 1 ? 
ATOM   245  N  N   . ILE A 1 63  ? 5.103   -11.138 -7.969  1.00 29.88 0 63  ILE A N   1 ? 
ATOM   246  C  CA  . ILE A 1 63  ? 4.116   -12.089 -8.564  1.00 29.20 0 63  ILE A CA  1 ? 
ATOM   247  C  C   . ILE A 1 63  ? 4.039   -11.856 -10.077 1.00 28.85 0 63  ILE A C   1 ? 
ATOM   248  O  O   . ILE A 1 63  ? 4.310   -12.808 -10.830 1.00 29.59 0 63  ILE A O   1 ? 
ATOM   249  C  CB  . ILE A 1 63  ? 2.741   -11.970 -7.875  1.00 28.93 0 63  ILE A CB  1 ? 
ATOM   250  C  CG1 . ILE A 1 63  ? 2.820   -12.422 -6.414  1.00 29.38 0 63  ILE A CG1 1 ? 
ATOM   251  C  CG2 . ILE A 1 63  ? 1.683   -12.744 -8.649  1.00 28.45 0 63  ILE A CG2 1 ? 
ATOM   252  C  CD1 . ILE A 1 63  ? 1.658   -11.981 -5.559  1.00 30.11 0 63  ILE A CD1 1 ? 
ATOM   253  N  N   . SER A 1 64  ? 3.679   -10.646 -10.508 1.00 28.52 0 64  SER A N   1 ? 
ATOM   254  C  CA  . SER A 1 64  ? 3.692   -10.230 -11.937 1.00 28.69 0 64  SER A CA  1 ? 
ATOM   255  C  C   . SER A 1 64  ? 3.444   -8.725  -12.054 1.00 28.30 0 64  SER A C   1 ? 
ATOM   256  O  O   . SER A 1 64  ? 3.133   -8.093  -11.026 1.00 28.21 0 64  SER A O   1 ? 
ATOM   257  C  CB  . SER A 1 64  ? 2.691   -11.012 -12.759 1.00 28.32 0 64  SER A CB  1 ? 
ATOM   258  O  OG  . SER A 1 64  ? 1.367   -10.714 -12.359 1.00 28.29 0 64  SER A OG  1 ? 
ATOM   259  N  N   . LYS A 1 65  ? 3.596   -8.197  -13.272 1.00 28.70 0 65  LYS A N   1 ? 
ATOM   260  C  CA  . LYS A 1 65  ? 3.364   -6.777  -13.641 1.00 28.57 0 65  LYS A CA  1 ? 
ATOM   261  C  C   . LYS A 1 65  ? 2.236   -6.712  -14.675 1.00 28.26 0 65  LYS A C   1 ? 
ATOM   262  O  O   . LYS A 1 65  ? 2.021   -7.723  -15.380 1.00 27.37 0 65  LYS A O   1 ? 
ATOM   263  C  CB  . LYS A 1 65  ? 4.642   -6.158  -14.216 1.00 29.28 0 65  LYS A CB  1 ? 
ATOM   264  C  CG  . LYS A 1 65  ? 5.880   -6.313  -13.346 1.00 29.74 0 65  LYS A CG  1 ? 
ATOM   265  C  CD  . LYS A 1 65  ? 7.123   -5.730  -13.966 1.00 30.37 0 65  LYS A CD  1 ? 
ATOM   266  C  CE  . LYS A 1 65  ? 8.324   -5.807  -13.048 1.00 31.30 0 65  LYS A CE  1 ? 
ATOM   267  N  NZ  . LYS A 1 65  ? 9.409   -4.899  -13.491 1.00 31.89 0 65  LYS A NZ  1 ? 
ATOM   268  N  N   . PHE A 1 66  ? 1.562   -5.561  -14.761 1.00 27.43 0 66  PHE A N   1 ? 
ATOM   269  C  CA  . PHE A 1 66  ? 0.417   -5.300  -15.672 1.00 27.13 0 66  PHE A CA  1 ? 
ATOM   270  C  C   . PHE A 1 66  ? 0.379   -3.807  -16.018 1.00 26.55 0 66  PHE A C   1 ? 
ATOM   271  O  O   . PHE A 1 66  ? 0.852   -2.996  -15.197 1.00 26.26 0 66  PHE A O   1 ? 
ATOM   272  C  CB  . PHE A 1 66  ? -0.891  -5.760  -15.019 1.00 27.32 0 66  PHE A CB  1 ? 
ATOM   273  C  CG  . PHE A 1 66  ? -1.182  -5.097  -13.697 1.00 28.10 0 66  PHE A CG  1 ? 
ATOM   274  C  CD1 . PHE A 1 66  ? -1.833  -3.872  -13.645 1.00 27.70 0 66  PHE A CD1 1 ? 
ATOM   275  C  CD2 . PHE A 1 66  ? -0.788  -5.687  -12.504 1.00 28.57 0 66  PHE A CD2 1 ? 
ATOM   276  C  CE1 . PHE A 1 66  ? -2.088  -3.257  -12.429 1.00 27.86 0 66  PHE A CE1 1 ? 
ATOM   277  C  CE2 . PHE A 1 66  ? -1.048  -5.071  -11.289 1.00 28.58 0 66  PHE A CE2 1 ? 
ATOM   278  C  CZ  . PHE A 1 66  ? -1.694  -3.855  -11.254 1.00 28.35 0 66  PHE A CZ  1 ? 
ATOM   279  N  N   . ASP A 1 67  ? -0.152  -3.466  -17.196 1.00 26.05 0 67  ASP A N   1 ? 
ATOM   280  C  CA  . ASP A 1 67  ? -0.345  -2.063  -17.658 1.00 25.93 0 67  ASP A CA  1 ? 
ATOM   281  C  C   . ASP A 1 67  ? -1.673  -1.938  -18.416 1.00 25.47 0 67  ASP A C   1 ? 
ATOM   282  O  O   . ASP A 1 67  ? -1.772  -1.050  -19.285 1.00 25.28 0 67  ASP A O   1 ? 
ATOM   283  C  CB  . ASP A 1 67  ? 0.840   -1.604  -18.512 1.00 26.75 0 67  ASP A CB  1 ? 
ATOM   284  C  CG  . ASP A 1 67  ? 1.158   -2.527  -19.675 1.00 27.23 0 67  ASP A CG  1 ? 
ATOM   285  O  OD1 . ASP A 1 67  ? 0.285   -3.344  -20.040 1.00 28.01 0 67  ASP A OD1 1 ? 
ATOM   286  O  OD2 . ASP A 1 67  ? 2.278   -2.428  -20.198 1.00 28.39 0 67  ASP A OD2 1 ? 
ATOM   287  N  N   . THR A 1 68  ? -2.659  -2.785  -18.096 1.00 24.67 0 68  THR A N   1 ? 
ATOM   288  C  CA  . THR A 1 68  ? -4.057  -2.678  -18.588 1.00 23.82 0 68  THR A CA  1 ? 
ATOM   289  C  C   . THR A 1 68  ? -5.015  -2.994  -17.436 1.00 24.03 0 68  THR A C   1 ? 
ATOM   290  O  O   . THR A 1 68  ? -4.582  -3.642  -16.468 1.00 22.97 0 68  THR A O   1 ? 
ATOM   291  C  CB  . THR A 1 68  ? -4.310  -3.576  -19.808 1.00 23.68 0 68  THR A CB  1 ? 
ATOM   292  O  OG1 . THR A 1 68  ? -4.334  -4.939  -19.388 1.00 22.62 0 68  THR A OG1 1 ? 
ATOM   293  C  CG2 . THR A 1 68  ? -3.279  -3.404  -20.904 1.00 23.54 0 68  THR A CG2 1 ? 
ATOM   294  N  N   . VAL A 1 69  ? -6.266  -2.543  -17.557 1.00 24.62 0 69  VAL A N   1 ? 
ATOM   295  C  CA  . VAL A 1 69  ? -7.369  -2.789  -16.582 1.00 25.52 0 69  VAL A CA  1 ? 
ATOM   296  C  C   . VAL A 1 69  ? -7.660  -4.294  -16.560 1.00 25.94 0 69  VAL A C   1 ? 
ATOM   297  O  O   . VAL A 1 69  ? -7.765  -4.869  -15.460 1.00 26.05 0 69  VAL A O   1 ? 
ATOM   298  C  CB  . VAL A 1 69  ? -8.633  -1.983  -16.946 1.00 25.86 0 69  VAL A CB  1 ? 
ATOM   299  C  CG1 . VAL A 1 69  ? -9.748  -2.213  -15.938 1.00 25.97 0 69  VAL A CG1 1 ? 
ATOM   300  C  CG2 . VAL A 1 69  ? -8.345  -0.496  -17.100 1.00 26.18 0 69  VAL A CG2 1 ? 
ATOM   301  N  N   . GLU A 1 70  ? -7.772  -4.899  -17.745 1.00 25.98 0 70  GLU A N   1 ? 
ATOM   302  C  CA  . GLU A 1 70  ? -8.088  -6.336  -17.944 1.00 26.40 0 70  GLU A CA  1 ? 
ATOM   303  C  C   . GLU A 1 70  ? -7.026  -7.208  -17.260 1.00 25.26 0 70  GLU A C   1 ? 
ATOM   304  O  O   . GLU A 1 70  ? -7.413  -8.194  -16.598 1.00 25.20 0 70  GLU A O   1 ? 
ATOM   305  C  CB  . GLU A 1 70  ? -8.181  -6.653  -19.438 1.00 27.81 0 70  GLU A CB  1 ? 
ATOM   306  C  CG  . GLU A 1 70  ? -9.453  -6.140  -20.096 1.00 29.68 0 70  GLU A CG  1 ? 
ATOM   307  C  CD  . GLU A 1 70  ? -9.517  -4.646  -20.384 1.00 31.32 0 70  GLU A CD  1 ? 
ATOM   308  O  OE1 . GLU A 1 70  ? -8.456  -3.983  -20.389 1.00 31.13 0 70  GLU A OE1 1 ? 
ATOM   309  O  OE2 . GLU A 1 70  ? -10.641 -4.145  -20.599 1.00 34.14 0 70  GLU A OE2 1 ? 
ATOM   310  N  N   . ASP A 1 71  ? -5.741  -6.874  -17.425 1.00 23.62 0 71  ASP A N   1 ? 
ATOM   311  C  CA  . ASP A 1 71  ? -4.612  -7.663  -16.859 1.00 22.95 0 71  ASP A CA  1 ? 
ATOM   312  C  C   . ASP A 1 71  ? -4.626  -7.524  -15.337 1.00 22.89 0 71  ASP A C   1 ? 
ATOM   313  O  O   . ASP A 1 71  ? -4.323  -8.527  -14.656 1.00 22.90 0 71  ASP A O   1 ? 
ATOM   314  C  CB  . ASP A 1 71  ? -3.261  -7.242  -17.438 1.00 22.36 0 71  ASP A CB  1 ? 
ATOM   315  C  CG  . ASP A 1 71  ? -3.087  -7.642  -18.894 1.00 22.25 0 71  ASP A CG  1 ? 
ATOM   316  O  OD1 . ASP A 1 71  ? -3.464  -8.782  -19.234 1.00 21.48 0 71  ASP A OD1 1 ? 
ATOM   317  O  OD2 . ASP A 1 71  ? -2.607  -6.797  -19.681 1.00 21.26 0 71  ASP A OD2 1 ? 
ATOM   318  N  N   . PHE A 1 72  ? -4.973  -6.337  -14.831 1.00 22.03 0 72  PHE A N   1 ? 
ATOM   319  C  CA  . PHE A 1 72  ? -5.099  -6.071  -13.377 1.00 21.91 0 72  PHE A CA  1 ? 
ATOM   320  C  C   . PHE A 1 72  ? -6.168  -7.000  -12.790 1.00 21.98 0 72  PHE A C   1 ? 
ATOM   321  O  O   . PHE A 1 72  ? -5.871  -7.720  -11.822 1.00 21.88 0 72  PHE A O   1 ? 
ATOM   322  C  CB  . PHE A 1 72  ? -5.463  -4.617  -13.066 1.00 21.32 0 72  PHE A CB  1 ? 
ATOM   323  C  CG  . PHE A 1 72  ? -5.991  -4.467  -11.664 1.00 20.79 0 72  PHE A CG  1 ? 
ATOM   324  C  CD1 . PHE A 1 72  ? -5.152  -4.643  -10.577 1.00 20.88 0 72  PHE A CD1 1 ? 
ATOM   325  C  CD2 . PHE A 1 72  ? -7.339  -4.252  -11.429 1.00 20.85 0 72  PHE A CD2 1 ? 
ATOM   326  C  CE1 . PHE A 1 72  ? -5.640  -4.562  -9.282  1.00 21.29 0 72  PHE A CE1 1 ? 
ATOM   327  C  CE2 . PHE A 1 72  ? -7.827  -4.168  -10.135 1.00 21.08 0 72  PHE A CE2 1 ? 
ATOM   328  C  CZ  . PHE A 1 72  ? -6.977  -4.327  -9.063  1.00 21.19 0 72  PHE A CZ  1 ? 
ATOM   329  N  N   . TRP A 1 73  ? -7.378  -6.957  -13.351 1.00 22.03 0 73  TRP A N   1 ? 
ATOM   330  C  CA  . TRP A 1 73  ? -8.548  -7.739  -12.870 1.00 22.95 0 73  TRP A CA  1 ? 
ATOM   331  C  C   . TRP A 1 73  ? -8.250  -9.240  -12.958 1.00 22.44 0 73  TRP A C   1 ? 
ATOM   332  O  O   . TRP A 1 73  ? -8.565  -9.950  -11.981 1.00 21.69 0 73  TRP A O   1 ? 
ATOM   333  C  CB  . TRP A 1 73  ? -9.829  -7.344  -13.618 1.00 23.47 0 73  TRP A CB  1 ? 
ATOM   334  C  CG  . TRP A 1 73  ? -10.445 -6.111  -13.035 1.00 24.83 0 73  TRP A CG  1 ? 
ATOM   335  C  CD1 . TRP A 1 73  ? -10.403 -4.846  -13.544 1.00 25.56 0 73  TRP A CD1 1 ? 
ATOM   336  C  CD2 . TRP A 1 73  ? -11.132 -6.011  -11.774 1.00 25.74 0 73  TRP A CD2 1 ? 
ATOM   337  N  NE1 . TRP A 1 73  ? -11.039 -3.973  -12.705 1.00 25.84 0 73  TRP A NE1 1 ? 
ATOM   338  C  CE2 . TRP A 1 73  ? -11.497 -4.657  -11.611 1.00 25.84 0 73  TRP A CE2 1 ? 
ATOM   339  C  CE3 . TRP A 1 73  ? -11.490 -6.931  -10.782 1.00 26.04 0 73  TRP A CE3 1 ? 
ATOM   340  C  CZ2 . TRP A 1 73  ? -12.203 -4.205  -10.497 1.00 25.80 0 73  TRP A CZ2 1 ? 
ATOM   341  C  CZ3 . TRP A 1 73  ? -12.188 -6.483  -9.680  1.00 26.01 0 73  TRP A CZ3 1 ? 
ATOM   342  C  CH2 . TRP A 1 73  ? -12.533 -5.138  -9.540  1.00 26.08 0 73  TRP A CH2 1 ? 
ATOM   343  N  N   . ALA A 1 74  ? -7.656  -9.696  -14.064 1.00 22.19 0 74  ALA A N   1 ? 
ATOM   344  C  CA  . ALA A 1 74  ? -7.198  -11.093 -14.248 1.00 22.33 0 74  ALA A CA  1 ? 
ATOM   345  C  C   . ALA A 1 74  ? -6.280  -11.475 -13.079 1.00 22.28 0 74  ALA A C   1 ? 
ATOM   346  O  O   . ALA A 1 74  ? -6.501  -12.541 -12.481 1.00 22.18 0 74  ALA A O   1 ? 
ATOM   347  C  CB  . ALA A 1 74  ? -6.501  -11.252 -15.576 1.00 22.32 0 74  ALA A CB  1 ? 
ATOM   348  N  N   . LEU A 1 75  ? -5.309  -10.621 -12.743 1.00 21.92 0 75  LEU A N   1 ? 
ATOM   349  C  CA  . LEU A 1 75  ? -4.328  -10.888 -11.657 1.00 21.64 0 75  LEU A CA  1 ? 
ATOM   350  C  C   . LEU A 1 75  ? -5.056  -10.932 -10.311 1.00 21.41 0 75  LEU A C   1 ? 
ATOM   351  O  O   . LEU A 1 75  ? -4.852  -11.912 -9.574  1.00 22.09 0 75  LEU A O   1 ? 
ATOM   352  C  CB  . LEU A 1 75  ? -3.232  -9.819  -11.655 1.00 21.78 0 75  LEU A CB  1 ? 
ATOM   353  C  CG  . LEU A 1 75  ? -2.117  -10.031 -10.629 1.00 22.04 0 75  LEU A CG  1 ? 
ATOM   354  C  CD1 . LEU A 1 75  ? -1.424  -11.368 -10.844 1.00 21.88 0 75  LEU A CD1 1 ? 
ATOM   355  C  CD2 . LEU A 1 75  ? -1.108  -8.894  -10.678 1.00 22.15 0 75  LEU A CD2 1 ? 
ATOM   356  N  N   . TYR A 1 76  ? -5.872  -9.919  -10.003 1.00 20.75 0 76  TYR A N   1 ? 
ATOM   357  C  CA  . TYR A 1 76  ? -6.550  -9.765  -8.688  1.00 20.62 0 76  TYR A CA  1 ? 
ATOM   358  C  C   . TYR A 1 76  ? -7.420  -10.994 -8.397  1.00 20.21 0 76  TYR A C   1 ? 
ATOM   359  O  O   . TYR A 1 76  ? -7.494  -11.401 -7.224  1.00 19.90 0 76  TYR A O   1 ? 
ATOM   360  C  CB  . TYR A 1 76  ? -7.388  -8.482  -8.622  1.00 20.36 0 76  TYR A CB  1 ? 
ATOM   361  C  CG  . TYR A 1 76  ? -7.938  -8.204  -7.247  1.00 20.09 0 76  TYR A CG  1 ? 
ATOM   362  C  CD1 . TYR A 1 76  ? -7.141  -7.650  -6.258  1.00 20.19 0 76  TYR A CD1 1 ? 
ATOM   363  C  CD2 . TYR A 1 76  ? -9.244  -8.531  -6.915  1.00 20.54 0 76  TYR A CD2 1 ? 
ATOM   364  C  CE1 . TYR A 1 76  ? -7.630  -7.412  -4.983  1.00 20.25 0 76  TYR A CE1 1 ? 
ATOM   365  C  CE2 . TYR A 1 76  ? -9.749  -8.302  -5.644  1.00 20.21 0 76  TYR A CE2 1 ? 
ATOM   366  C  CZ  . TYR A 1 76  ? -8.939  -7.740  -4.673  1.00 20.16 0 76  TYR A CZ  1 ? 
ATOM   367  O  OH  . TYR A 1 76  ? -9.427  -7.503  -3.422  1.00 19.95 0 76  TYR A OH  1 ? 
ATOM   368  N  N   . ASN A 1 77  ? -8.036  -11.567 -9.434  1.00 20.44 0 77  ASN A N   1 ? 
ATOM   369  C  CA  . ASN A 1 77  ? -9.021  -12.677 -9.322  1.00 21.08 0 77  ASN A CA  1 ? 
ATOM   370  C  C   . ASN A 1 77  ? -8.328  -14.045 -9.371  1.00 21.21 0 77  ASN A C   1 ? 
ATOM   371  O  O   . ASN A 1 77  ? -9.049  -15.056 -9.267  1.00 20.67 0 77  ASN A O   1 ? 
ATOM   372  C  CB  . ASN A 1 77  ? -10.096 -12.559 -10.401 1.00 21.42 0 77  ASN A CB  1 ? 
ATOM   373  C  CG  . ASN A 1 77  ? -11.005 -11.376 -10.162 1.00 21.46 0 77  ASN A CG  1 ? 
ATOM   374  O  OD1 . ASN A 1 77  ? -11.372 -11.092 -9.025  1.00 21.38 0 77  ASN A OD1 1 ? 
ATOM   375  N  ND2 . ASN A 1 77  ? -11.364 -10.679 -11.223 1.00 21.81 0 77  ASN A ND2 1 ? 
ATOM   376  N  N   . HIS A 1 78  ? -6.998  -14.089 -9.494  1.00 22.03 0 78  HIS A N   1 ? 
ATOM   377  C  CA  . HIS A 1 78  ? -6.193  -15.341 -9.448  1.00 22.55 0 78  HIS A CA  1 ? 
ATOM   378  C  C   . HIS A 1 78  ? -5.264  -15.360 -8.227  1.00 23.89 0 78  HIS A C   1 ? 
ATOM   379  O  O   . HIS A 1 78  ? -4.456  -16.303 -8.129  1.00 25.60 0 78  HIS A O   1 ? 
ATOM   380  C  CB  . HIS A 1 78  ? -5.412  -15.518 -10.753 1.00 21.88 0 78  HIS A CB  1 ? 
ATOM   381  C  CG  . HIS A 1 78  ? -6.259  -15.993 -11.882 1.00 21.31 0 78  HIS A CG  1 ? 
ATOM   382  N  ND1 . HIS A 1 78  ? -6.849  -15.126 -12.773 1.00 20.94 0 78  HIS A ND1 1 ? 
ATOM   383  C  CD2 . HIS A 1 78  ? -6.616  -17.237 -12.265 1.00 21.32 0 78  HIS A CD2 1 ? 
ATOM   384  C  CE1 . HIS A 1 78  ? -7.531  -15.815 -13.664 1.00 21.56 0 78  HIS A CE1 1 ? 
ATOM   385  N  NE2 . HIS A 1 78  ? -7.403  -17.114 -13.375 1.00 21.52 0 78  HIS A NE2 1 ? 
ATOM   386  N  N   . ILE A 1 79  ? -5.359  -14.375 -7.331  1.00 24.75 0 79  ILE A N   1 ? 
ATOM   387  C  CA  . ILE A 1 79  ? -4.556  -14.341 -6.073  1.00 25.45 0 79  ILE A CA  1 ? 
ATOM   388  C  C   . ILE A 1 79  ? -5.506  -14.319 -4.876  1.00 26.03 0 79  ILE A C   1 ? 
ATOM   389  O  O   . ILE A 1 79  ? -6.629  -13.786 -5.003  1.00 25.70 0 79  ILE A O   1 ? 
ATOM   390  C  CB  . ILE A 1 79  ? -3.569  -13.159 -6.050  1.00 25.57 0 79  ILE A CB  1 ? 
ATOM   391  C  CG1 . ILE A 1 79  ? -4.292  -11.810 -6.106  1.00 26.03 0 79  ILE A CG1 1 ? 
ATOM   392  C  CG2 . ILE A 1 79  ? -2.541  -13.315 -7.158  1.00 25.71 0 79  ILE A CG2 1 ? 
ATOM   393  C  CD1 . ILE A 1 79  ? -3.383  -10.615 -5.986  1.00 26.19 0 79  ILE A CD1 1 ? 
ATOM   394  N  N   . GLN A 1 80  ? -5.049  -14.898 -3.768  1.00 27.44 0 80  GLN A N   1 ? 
ATOM   395  C  CA  . GLN A 1 80  ? -5.776  -14.965 -2.479  1.00 29.66 0 80  GLN A CA  1 ? 
ATOM   396  C  C   . GLN A 1 80  ? -6.204  -13.542 -2.099  1.00 27.80 0 80  GLN A C   1 ? 
ATOM   397  O  O   . GLN A 1 80  ? -5.381  -12.618 -2.247  1.00 27.50 0 80  GLN A O   1 ? 
ATOM   398  C  CB  . GLN A 1 80  ? -4.872  -15.605 -1.418  1.00 33.17 0 80  GLN A CB  1 ? 
ATOM   399  C  CG  . GLN A 1 80  ? -5.595  -16.554 -0.472  1.00 37.29 0 80  GLN A CG  1 ? 
ATOM   400  C  CD  . GLN A 1 80  ? -6.167  -17.758 -1.185  1.00 40.70 0 80  GLN A CD  1 ? 
ATOM   401  O  OE1 . GLN A 1 80  ? -5.596  -18.263 -2.151  1.00 43.97 0 80  GLN A OE1 1 ? 
ATOM   402  N  NE2 . GLN A 1 80  ? -7.315  -18.221 -0.714  1.00 41.39 0 80  GLN A NE2 1 ? 
ATOM   403  N  N   . LEU A 1 81  ? -7.453  -13.368 -1.661  1.00 25.95 0 81  LEU A N   1 ? 
ATOM   404  C  CA  . LEU A 1 81  ? -7.937  -12.109 -1.034  1.00 24.89 0 81  LEU A CA  1 ? 
ATOM   405  C  C   . LEU A 1 81  ? -7.073  -11.811 0.198   1.00 24.70 0 81  LEU A C   1 ? 
ATOM   406  O  O   . LEU A 1 81  ? -6.649  -12.774 0.873   1.00 24.23 0 81  LEU A O   1 ? 
ATOM   407  C  CB  . LEU A 1 81  ? -9.409  -12.262 -0.636  1.00 23.83 0 81  LEU A CB  1 ? 
ATOM   408  C  CG  . LEU A 1 81  ? -10.405 -12.365 -1.790  1.00 23.06 0 81  LEU A CG  1 ? 
ATOM   409  C  CD1 . LEU A 1 81  ? -11.789 -12.740 -1.278  1.00 22.33 0 81  LEU A CD1 1 ? 
ATOM   410  C  CD2 . LEU A 1 81  ? -10.455 -11.066 -2.578  1.00 22.81 0 81  LEU A CD2 1 ? 
ATOM   411  N  N   . SER A 1 82  ? -6.828  -10.528 0.475   1.00 24.54 0 82  SER A N   1 ? 
ATOM   412  C  CA  . SER A 1 82  ? -6.103  -10.039 1.676   1.00 24.52 0 82  SER A CA  1 ? 
ATOM   413  C  C   . SER A 1 82  ? -6.673  -10.707 2.934   1.00 24.57 0 82  SER A C   1 ? 
ATOM   414  O  O   . SER A 1 82  ? -5.872  -11.139 3.780   1.00 23.78 0 82  SER A O   1 ? 
ATOM   415  C  CB  . SER A 1 82  ? -6.169  -8.541  1.771   1.00 24.27 0 82  SER A CB  1 ? 
ATOM   416  O  OG  . SER A 1 82  ? -5.528  -7.945  0.655   1.00 24.29 0 82  SER A OG  1 ? 
ATOM   417  N  N   . SER A 1 83  ? -8.004  -10.816 3.024   1.00 24.86 0 83  SER A N   1 ? 
ATOM   418  C  CA  . SER A 1 83  ? -8.748  -11.354 4.194   1.00 26.00 0 83  SER A CA  1 ? 
ATOM   419  C  C   . SER A 1 83  ? -8.430  -12.837 4.431   1.00 27.03 0 83  SER A C   1 ? 
ATOM   420  O  O   . SER A 1 83  ? -8.625  -13.285 5.577   1.00 29.16 0 83  SER A O   1 ? 
ATOM   421  C  CB  . SER A 1 83  ? -10.230 -11.134 4.038   1.00 25.61 0 83  SER A CB  1 ? 
ATOM   422  O  OG  . SER A 1 83  ? -10.733 -11.852 2.922   1.00 25.10 0 83  SER A OG  1 ? 
ATOM   423  N  N   . ASN A 1 84  ? -7.959  -13.568 3.412   1.00 27.32 0 84  ASN A N   1 ? 
ATOM   424  C  CA  . ASN A 1 84  ? -7.651  -15.023 3.506   1.00 27.94 0 84  ASN A CA  1 ? 
ATOM   425  C  C   . ASN A 1 84  ? -6.135  -15.270 3.573   1.00 28.06 0 84  ASN A C   1 ? 
ATOM   426  O  O   . ASN A 1 84  ? -5.745  -16.453 3.570   1.00 28.06 0 84  ASN A O   1 ? 
ATOM   427  C  CB  . ASN A 1 84  ? -8.277  -15.803 2.350   1.00 28.26 0 84  ASN A CB  1 ? 
ATOM   428  C  CG  . ASN A 1 84  ? -9.788  -15.801 2.397   1.00 28.59 0 84  ASN A CG  1 ? 
ATOM   429  O  OD1 . ASN A 1 84  ? -10.377 -15.910 3.468   1.00 29.14 0 84  ASN A OD1 1 ? 
ATOM   430  N  ND2 . ASN A 1 84  ? -10.422 -15.668 1.244   1.00 28.95 0 84  ASN A ND2 1 ? 
ATOM   431  N  N   . LEU A 1 85  ? -5.311  -14.219 3.632   1.00 28.52 0 85  LEU A N   1 ? 
ATOM   432  C  CA  . LEU A 1 85  ? -3.843  -14.347 3.859   1.00 28.91 0 85  LEU A CA  1 ? 
ATOM   433  C  C   . LEU A 1 85  ? -3.602  -14.805 5.301   1.00 29.86 0 85  LEU A C   1 ? 
ATOM   434  O  O   . LEU A 1 85  ? -4.363  -14.389 6.194   1.00 29.69 0 85  LEU A O   1 ? 
ATOM   435  C  CB  . LEU A 1 85  ? -3.135  -13.012 3.603   1.00 28.60 0 85  LEU A CB  1 ? 
ATOM   436  C  CG  . LEU A 1 85  ? -2.965  -12.589 2.142   1.00 28.57 0 85  LEU A CG  1 ? 
ATOM   437  C  CD1 . LEU A 1 85  ? -1.992  -11.422 2.047   1.00 28.02 0 85  LEU A CD1 1 ? 
ATOM   438  C  CD2 . LEU A 1 85  ? -2.490  -13.749 1.272   1.00 28.83 0 85  LEU A CD2 1 ? 
ATOM   439  N  N   . MET A 1 86  ? -2.571  -15.624 5.513   1.00 32.07 0 86  MET A N   1 ? 
ATOM   440  C  CA  . MET A 1 86  ? -2.153  -16.108 6.854   1.00 32.52 0 86  MET A CA  1 ? 
ATOM   441  C  C   . MET A 1 86  ? -1.531  -14.934 7.607   1.00 31.31 0 86  MET A C   1 ? 
ATOM   442  O  O   . MET A 1 86  ? -0.943  -14.050 6.987   1.00 30.21 0 86  MET A O   1 ? 
ATOM   443  C  CB  . MET A 1 86  ? -1.152  -17.262 6.737   1.00 34.46 0 86  MET A CB  1 ? 
ATOM   444  C  CG  . MET A 1 86  ? -1.738  -18.490 6.051   1.00 35.96 0 86  MET A CG  1 ? 
ATOM   445  S  SD  . MET A 1 86  ? -0.538  -19.829 5.798   1.00 39.32 0 86  MET A SD  1 ? 
ATOM   446  C  CE  . MET A 1 86  ? -0.240  -20.329 7.493   1.00 37.92 0 86  MET A CE  1 ? 
ATOM   447  N  N   . PRO A 1 87  ? -1.666  -14.873 8.952   1.00 30.81 0 87  PRO A N   1 ? 
ATOM   448  C  CA  . PRO A 1 87  ? -1.165  -13.739 9.730   1.00 30.20 0 87  PRO A CA  1 ? 
ATOM   449  C  C   . PRO A 1 87  ? 0.315   -13.442 9.454   1.00 28.80 0 87  PRO A C   1 ? 
ATOM   450  O  O   . PRO A 1 87  ? 1.076   -14.378 9.347   1.00 28.87 0 87  PRO A O   1 ? 
ATOM   451  C  CB  . PRO A 1 87  ? -1.345  -14.183 11.190  1.00 30.40 0 87  PRO A CB  1 ? 
ATOM   452  C  CG  . PRO A 1 87  ? -2.458  -15.209 11.139  1.00 30.61 0 87  PRO A CG  1 ? 
ATOM   453  C  CD  . PRO A 1 87  ? -2.310  -15.893 9.796   1.00 30.56 0 87  PRO A CD  1 ? 
ATOM   454  N  N   . GLY A 1 88  ? 0.669   -12.159 9.334   1.00 27.74 0 88  GLY A N   1 ? 
ATOM   455  C  CA  . GLY A 1 88  ? 2.055   -11.694 9.124   1.00 27.31 0 88  GLY A CA  1 ? 
ATOM   456  C  C   . GLY A 1 88  ? 2.403   -11.556 7.653   1.00 26.72 0 88  GLY A C   1 ? 
ATOM   457  O  O   . GLY A 1 88  ? 3.554   -11.174 7.354   1.00 26.77 0 88  GLY A O   1 ? 
ATOM   458  N  N   . CYS A 1 89  ? 1.459   -11.856 6.760   1.00 26.42 0 89  CYS A N   1 ? 
ATOM   459  C  CA  . CYS A 1 89  ? 1.648   -11.797 5.288   1.00 25.95 0 89  CYS A CA  1 ? 
ATOM   460  C  C   . CYS A 1 89  ? 1.231   -10.414 4.775   1.00 25.25 0 89  CYS A C   1 ? 
ATOM   461  O  O   . CYS A 1 89  ? 0.300   -9.819  5.349   1.00 25.43 0 89  CYS A O   1 ? 
ATOM   462  C  CB  . CYS A 1 89  ? 0.877   -12.913 4.593   1.00 26.44 0 89  CYS A CB  1 ? 
ATOM   463  S  SG  . CYS A 1 89  ? 1.530   -14.566 4.959   1.00 26.72 0 89  CYS A SG  1 ? 
ATOM   464  N  N   . ASP A 1 90  ? 1.926   -9.922  3.748   1.00 24.83 0 90  ASP A N   1 ? 
ATOM   465  C  CA  . ASP A 1 90  ? 1.695   -8.593  3.130   1.00 24.62 0 90  ASP A CA  1 ? 
ATOM   466  C  C   . ASP A 1 90  ? 1.513   -8.748  1.617   1.00 24.33 0 90  ASP A C   1 ? 
ATOM   467  O  O   . ASP A 1 90  ? 2.146   -9.648  1.026   1.00 23.61 0 90  ASP A O   1 ? 
ATOM   468  C  CB  . ASP A 1 90  ? 2.858   -7.639  3.408   1.00 25.18 0 90  ASP A CB  1 ? 
ATOM   469  C  CG  . ASP A 1 90  ? 3.165   -7.445  4.880   1.00 26.30 0 90  ASP A CG  1 ? 
ATOM   470  O  OD1 . ASP A 1 90  ? 2.209   -7.315  5.670   1.00 26.53 0 90  ASP A OD1 1 ? 
ATOM   471  O  OD2 . ASP A 1 90  ? 4.361   -7.427  5.229   1.00 27.38 0 90  ASP A OD2 1 ? 
ATOM   472  N  N   . TYR A 1 91  ? 0.656   -7.903  1.036   1.00 23.61 0 91  TYR A N   1 ? 
ATOM   473  C  CA  . TYR A 1 91  ? 0.627   -7.553  -0.406  1.00 23.18 0 91  TYR A CA  1 ? 
ATOM   474  C  C   . TYR A 1 91  ? 1.108   -6.110  -0.562  1.00 22.70 0 91  TYR A C   1 ? 
ATOM   475  O  O   . TYR A 1 91  ? 0.917   -5.307  0.374   1.00 21.39 0 91  TYR A O   1 ? 
ATOM   476  C  CB  . TYR A 1 91  ? -0.785  -7.650  -0.997  1.00 23.29 0 91  TYR A CB  1 ? 
ATOM   477  C  CG  . TYR A 1 91  ? -1.281  -9.033  -1.339  1.00 23.08 0 91  TYR A CG  1 ? 
ATOM   478  C  CD1 . TYR A 1 91  ? -0.511  -9.918  -2.076  1.00 22.73 0 91  TYR A CD1 1 ? 
ATOM   479  C  CD2 . TYR A 1 91  ? -2.557  -9.434  -0.976  1.00 22.98 0 91  TYR A CD2 1 ? 
ATOM   480  C  CE1 . TYR A 1 91  ? -0.982  -11.180 -2.407  1.00 22.94 0 91  TYR A CE1 1 ? 
ATOM   481  C  CE2 . TYR A 1 91  ? -3.046  -10.687 -1.307  1.00 22.79 0 91  TYR A CE2 1 ? 
ATOM   482  C  CZ  . TYR A 1 91  ? -2.254  -11.566 -2.026  1.00 22.78 0 91  TYR A CZ  1 ? 
ATOM   483  O  OH  . TYR A 1 91  ? -2.724  -12.807 -2.352  1.00 23.03 0 91  TYR A OH  1 ? 
ATOM   484  N  N   . SER A 1 92  ? 1.684   -5.786  -1.721  1.00 22.88 0 92  SER A N   1 ? 
ATOM   485  C  CA  . SER A 1 92  ? 1.964   -4.392  -2.144  1.00 23.14 0 92  SER A CA  1 ? 
ATOM   486  C  C   . SER A 1 92  ? 1.818   -4.265  -3.661  1.00 23.46 0 92  SER A C   1 ? 
ATOM   487  O  O   . SER A 1 92  ? 2.042   -5.267  -4.370  1.00 23.67 0 92  SER A O   1 ? 
ATOM   488  C  CB  . SER A 1 92  ? 3.323   -3.931  -1.688  1.00 23.08 0 92  SER A CB  1 ? 
ATOM   489  O  OG  . SER A 1 92  ? 4.355   -4.619  -2.377  1.00 23.01 0 92  SER A OG  1 ? 
ATOM   490  N  N   . LEU A 1 93  ? 1.446   -3.069  -4.118  1.00 23.48 0 93  LEU A N   1 ? 
ATOM   491  C  CA  . LEU A 1 93  ? 1.498   -2.666  -5.544  1.00 24.02 0 93  LEU A CA  1 ? 
ATOM   492  C  C   . LEU A 1 93  ? 2.340   -1.396  -5.637  1.00 24.87 0 93  LEU A C   1 ? 
ATOM   493  O  O   . LEU A 1 93  ? 1.977   -0.399  -4.978  1.00 24.43 0 93  LEU A O   1 ? 
ATOM   494  C  CB  . LEU A 1 93  ? 0.080   -2.435  -6.075  1.00 23.82 0 93  LEU A CB  1 ? 
ATOM   495  C  CG  . LEU A 1 93  ? -0.027  -2.363  -7.597  1.00 23.84 0 93  LEU A CG  1 ? 
ATOM   496  C  CD1 . LEU A 1 93  ? -0.032  -3.758  -8.206  1.00 23.62 0 93  LEU A CD1 1 ? 
ATOM   497  C  CD2 . LEU A 1 93  ? -1.263  -1.587  -8.027  1.00 23.69 0 93  LEU A CD2 1 ? 
ATOM   498  N  N   . PHE A 1 94  ? 3.433   -1.446  -6.400  1.00 25.52 0 94  PHE A N   1 ? 
ATOM   499  C  CA  . PHE A 1 94  ? 4.346   -0.299  -6.635  1.00 26.06 0 94  PHE A CA  1 ? 
ATOM   500  C  C   . PHE A 1 94  ? 4.486   -0.075  -8.138  1.00 27.05 0 94  PHE A C   1 ? 
ATOM   501  O  O   . PHE A 1 94  ? 4.415   -1.058  -8.900  1.00 26.83 0 94  PHE A O   1 ? 
ATOM   502  C  CB  . PHE A 1 94  ? 5.699   -0.540  -5.964  1.00 25.79 0 94  PHE A CB  1 ? 
ATOM   503  C  CG  . PHE A 1 94  ? 5.711   -0.210  -4.494  1.00 25.88 0 94  PHE A CG  1 ? 
ATOM   504  C  CD1 . PHE A 1 94  ? 5.325   -1.152  -3.552  1.00 26.02 0 94  PHE A CD1 1 ? 
ATOM   505  C  CD2 . PHE A 1 94  ? 6.086   1.051   -4.057  1.00 25.29 0 94  PHE A CD2 1 ? 
ATOM   506  C  CE1 . PHE A 1 94  ? 5.324   -0.840  -2.201  1.00 26.21 0 94  PHE A CE1 1 ? 
ATOM   507  C  CE2 . PHE A 1 94  ? 6.086   1.360   -2.707  1.00 25.47 0 94  PHE A CE2 1 ? 
ATOM   508  C  CZ  . PHE A 1 94  ? 5.706   0.414   -1.782  1.00 26.24 0 94  PHE A CZ  1 ? 
ATOM   509  N  N   . LYS A 1 95  ? 4.660   1.188   -8.539  1.00 28.79 0 95  LYS A N   1 ? 
ATOM   510  C  CA  . LYS A 1 95  ? 4.979   1.570   -9.938  1.00 30.26 0 95  LYS A CA  1 ? 
ATOM   511  C  C   . LYS A 1 95  ? 6.194   0.753   -10.381 1.00 31.16 0 95  LYS A C   1 ? 
ATOM   512  O  O   . LYS A 1 95  ? 7.081   0.498   -9.533  1.00 30.86 0 95  LYS A O   1 ? 
ATOM   513  C  CB  . LYS A 1 95  ? 5.237   3.075   -10.050 1.00 30.73 0 95  LYS A CB  1 ? 
ATOM   514  C  CG  . LYS A 1 95  ? 3.996   3.941   -9.901  1.00 30.86 0 95  LYS A CG  1 ? 
ATOM   515  C  CD  . LYS A 1 95  ? 4.225   5.402   -10.205 1.00 30.87 0 95  LYS A CD  1 ? 
ATOM   516  C  CE  . LYS A 1 95  ? 2.951   6.212   -10.109 1.00 30.84 0 95  LYS A CE  1 ? 
ATOM   517  N  NZ  . LYS A 1 95  ? 3.232   7.650   -9.895  1.00 31.58 0 95  LYS A NZ  1 ? 
ATOM   518  N  N   . ASP A 1 96  ? 6.204   0.323   -11.643 1.00 32.50 0 96  ASP A N   1 ? 
ATOM   519  C  CA  . ASP A 1 96  ? 7.325   -0.441  -12.244 1.00 33.91 0 96  ASP A CA  1 ? 
ATOM   520  C  C   . ASP A 1 96  ? 8.612   0.359   -12.015 1.00 34.64 0 96  ASP A C   1 ? 
ATOM   521  O  O   . ASP A 1 96  ? 8.615   1.565   -12.344 1.00 34.06 0 96  ASP A O   1 ? 
ATOM   522  C  CB  . ASP A 1 96  ? 7.077   -0.714  -13.730 1.00 34.43 0 96  ASP A CB  1 ? 
ATOM   523  C  CG  . ASP A 1 96  ? 8.063   -1.691  -14.341 1.00 34.56 0 96  ASP A CG  1 ? 
ATOM   524  O  OD1 . ASP A 1 96  ? 8.745   -2.391  -13.566 1.00 34.80 0 96  ASP A OD1 1 ? 
ATOM   525  O  OD2 . ASP A 1 96  ? 8.135   -1.747  -15.582 1.00 35.53 0 96  ASP A OD2 1 ? 
ATOM   526  N  N   . GLY A 1 97  ? 9.634   -0.280  -11.436 1.00 35.37 0 97  GLY A N   1 ? 
ATOM   527  C  CA  . GLY A 1 97  ? 10.957  0.325   -11.186 1.00 36.17 0 97  GLY A CA  1 ? 
ATOM   528  C  C   . GLY A 1 97  ? 11.171  0.678   -9.725  1.00 37.09 0 97  GLY A C   1 ? 
ATOM   529  O  O   . GLY A 1 97  ? 12.345  0.771   -9.324  1.00 38.88 0 97  GLY A O   1 ? 
ATOM   530  N  N   . ILE A 1 98  ? 10.096  0.876   -8.952  1.00 37.49 0 98  ILE A N   1 ? 
ATOM   531  C  CA  . ILE A 1 98  ? 10.164  1.228   -7.500  1.00 36.87 0 98  ILE A CA  1 ? 
ATOM   532  C  C   . ILE A 1 98  ? 10.094  -0.061  -6.675  1.00 37.03 0 98  ILE A C   1 ? 
ATOM   533  O  O   . ILE A 1 98  ? 9.052   -0.746  -6.735  1.00 36.26 0 98  ILE A O   1 ? 
ATOM   534  C  CB  . ILE A 1 98  ? 9.049   2.217   -7.104  1.00 37.10 0 98  ILE A CB  1 ? 
ATOM   535  C  CG1 . ILE A 1 98  ? 9.000   3.427   -8.043  1.00 37.25 0 98  ILE A CG1 1 ? 
ATOM   536  C  CG2 . ILE A 1 98  ? 9.204   2.634   -5.649  1.00 37.29 0 98  ILE A CG2 1 ? 
ATOM   537  C  CD1 . ILE A 1 98  ? 7.944   4.450   -7.682  1.00 37.68 0 98  ILE A CD1 1 ? 
ATOM   538  N  N   . GLU A 1 99  ? 11.164  -0.368  -5.933  1.00 37.55 0 99  GLU A N   1 ? 
ATOM   539  C  CA  . GLU A 1 99  ? 11.249  -1.538  -5.017  1.00 37.25 0 99  GLU A CA  1 ? 
ATOM   540  C  C   . GLU A 1 99  ? 10.309  -1.314  -3.833  1.00 35.04 0 99  GLU A C   1 ? 
ATOM   541  O  O   . GLU A 1 99  ? 10.144  -0.183  -3.376  1.00 33.20 0 99  GLU A O   1 ? 
ATOM   542  C  CB  . GLU A 1 99  ? 12.687  -1.748  -4.535  1.00 38.70 0 99  GLU A CB  1 ? 
ATOM   543  C  CG  . GLU A 1 99  ? 13.632  -2.217  -5.626  1.00 40.67 0 99  GLU A CG  1 ? 
ATOM   544  C  CD  . GLU A 1 99  ? 13.565  -3.704  -5.924  1.00 42.53 0 99  GLU A CD  1 ? 
ATOM   545  O  OE1 . GLU A 1 99  ? 13.764  -4.505  -4.985  1.00 42.98 0 99  GLU A OE1 1 ? 
ATOM   546  O  OE2 . GLU A 1 99  ? 13.309  -4.062  -7.093  1.00 44.75 0 99  GLU A OE2 1 ? 
ATOM   547  N  N   . PRO A 1 100 ? 9.676   -2.381  -3.294  1.00 33.68 0 100 PRO A N   1 ? 
ATOM   548  C  CA  . PRO A 1 100 ? 8.783   -2.251  -2.142  1.00 34.24 0 100 PRO A CA  1 ? 
ATOM   549  C  C   . PRO A 1 100 ? 9.591   -2.126  -0.842  1.00 34.45 0 100 PRO A C   1 ? 
ATOM   550  O  O   . PRO A 1 100 ? 9.458   -2.968  0.035   1.00 33.91 0 100 PRO A O   1 ? 
ATOM   551  C  CB  . PRO A 1 100 ? 7.967   -3.548  -2.221  1.00 34.11 0 100 PRO A CB  1 ? 
ATOM   552  C  CG  . PRO A 1 100 ? 8.960   -4.550  -2.758  1.00 33.74 0 100 PRO A CG  1 ? 
ATOM   553  C  CD  . PRO A 1 100 ? 9.777   -3.770  -3.766  1.00 33.33 0 100 PRO A CD  1 ? 
ATOM   554  N  N   . MET A 1 101 ? 10.415  -1.077  -0.770  1.00 35.67 0 101 MET A N   1 ? 
ATOM   555  C  CA  . MET A 1 101 ? 11.364  -0.790  0.339   1.00 37.03 0 101 MET A CA  1 ? 
ATOM   556  C  C   . MET A 1 101 ? 11.479  0.731   0.492   1.00 36.44 0 101 MET A C   1 ? 
ATOM   557  O  O   . MET A 1 101 ? 11.601  1.419   -0.538  1.00 36.21 0 101 MET A O   1 ? 
ATOM   558  C  CB  . MET A 1 101 ? 12.745  -1.374  0.036   1.00 39.09 0 101 MET A CB  1 ? 
ATOM   559  C  CG  . MET A 1 101 ? 12.701  -2.774  -0.540  1.00 41.23 0 101 MET A CG  1 ? 
ATOM   560  S  SD  . MET A 1 101 ? 14.340  -3.520  -0.613  1.00 45.79 0 101 MET A SD  1 ? 
ATOM   561  C  CE  . MET A 1 101 ? 13.978  -5.009  -1.545  1.00 46.93 0 101 MET A CE  1 ? 
ATOM   562  N  N   . TRP A 1 102 ? 11.456  1.236   1.728   1.00 36.71 0 102 TRP A N   1 ? 
ATOM   563  C  CA  . TRP A 1 102 ? 11.526  2.695   2.010   1.00 37.53 0 102 TRP A CA  1 ? 
ATOM   564  C  C   . TRP A 1 102 ? 12.904  3.246   1.617   1.00 38.23 0 102 TRP A C   1 ? 
ATOM   565  O  O   . TRP A 1 102 ? 12.978  4.450   1.321   1.00 38.09 0 102 TRP A O   1 ? 
ATOM   566  C  CB  . TRP A 1 102 ? 11.169  2.994   3.470   1.00 37.60 0 102 TRP A CB  1 ? 
ATOM   567  C  CG  . TRP A 1 102 ? 12.300  2.932   4.450   1.00 37.83 0 102 TRP A CG  1 ? 
ATOM   568  C  CD1 . TRP A 1 102 ? 12.705  1.850   5.174   1.00 37.59 0 102 TRP A CD1 1 ? 
ATOM   569  C  CD2 . TRP A 1 102 ? 13.140  4.025   4.865   1.00 38.56 0 102 TRP A CD2 1 ? 
ATOM   570  N  NE1 . TRP A 1 102 ? 13.749  2.185   5.992   1.00 38.12 0 102 TRP A NE1 1 ? 
ATOM   571  C  CE2 . TRP A 1 102 ? 14.040  3.512   5.824   1.00 39.28 0 102 TRP A CE2 1 ? 
ATOM   572  C  CE3 . TRP A 1 102 ? 13.230  5.377   4.511   1.00 39.31 0 102 TRP A CE3 1 ? 
ATOM   573  C  CZ2 . TRP A 1 102 ? 15.010  4.309   6.434   1.00 39.36 0 102 TRP A CZ2 1 ? 
ATOM   574  C  CZ3 . TRP A 1 102 ? 14.189  6.163   5.114   1.00 39.58 0 102 TRP A CZ3 1 ? 
ATOM   575  C  CH2 . TRP A 1 102 ? 15.067  5.633   6.061   1.00 39.25 0 102 TRP A CH2 1 ? 
ATOM   576  N  N   . GLU A 1 103 ? 13.936  2.394   1.581   1.00 38.08 0 103 GLU A N   1 ? 
ATOM   577  C  CA  . GLU A 1 103 ? 15.334  2.776   1.233   1.00 37.62 0 103 GLU A CA  1 ? 
ATOM   578  C  C   . GLU A 1 103 ? 15.442  3.076   -0.269  1.00 38.10 0 103 GLU A C   1 ? 
ATOM   579  O  O   . GLU A 1 103 ? 16.450  3.687   -0.661  1.00 38.91 0 103 GLU A O   1 ? 
ATOM   580  C  CB  . GLU A 1 103 ? 16.331  1.678   1.614   1.00 37.00 0 103 GLU A CB  1 ? 
ATOM   581  C  CG  . GLU A 1 103 ? 16.312  1.297   3.086   1.00 36.24 0 103 GLU A CG  1 ? 
ATOM   582  C  CD  . GLU A 1 103 ? 15.412  0.123   3.438   1.00 36.62 0 103 GLU A CD  1 ? 
ATOM   583  O  OE1 . GLU A 1 103 ? 14.448  -0.131  2.688   1.00 35.97 0 103 GLU A OE1 1 ? 
ATOM   584  O  OE2 . GLU A 1 103 ? 15.669  -0.530  4.467   1.00 36.26 0 103 GLU A OE2 1 ? 
ATOM   585  N  N   . ASP A 1 104 ? 14.468  2.645   -1.083  1.00 38.29 0 104 ASP A N   1 ? 
ATOM   586  C  CA  . ASP A 1 104 ? 14.393  2.975   -2.535  1.00 38.52 0 104 ASP A CA  1 ? 
ATOM   587  C  C   . ASP A 1 104 ? 14.400  4.499   -2.688  1.00 40.11 0 104 ASP A C   1 ? 
ATOM   588  O  O   . ASP A 1 104 ? 13.792  5.174   -1.835  1.00 39.76 0 104 ASP A O   1 ? 
ATOM   589  C  CB  . ASP A 1 104 ? 13.153  2.360   -3.194  1.00 37.96 0 104 ASP A CB  1 ? 
ATOM   590  C  CG  . ASP A 1 104 ? 13.147  2.437   -4.714  1.00 37.10 0 104 ASP A CG  1 ? 
ATOM   591  O  OD1 . ASP A 1 104 ? 13.107  3.560   -5.251  1.00 36.05 0 104 ASP A OD1 1 ? 
ATOM   592  O  OD2 . ASP A 1 104 ? 13.179  1.369   -5.350  1.00 37.75 0 104 ASP A OD2 1 ? 
ATOM   593  N  N   . GLU A 1 105 ? 15.056  5.012   -3.735  1.00 42.82 0 105 GLU A N   1 ? 
ATOM   594  C  CA  . GLU A 1 105 ? 15.230  6.470   -3.989  1.00 44.22 0 105 GLU A CA  1 ? 
ATOM   595  C  C   . GLU A 1 105 ? 13.865  7.172   -4.010  1.00 43.67 0 105 GLU A C   1 ? 
ATOM   596  O  O   . GLU A 1 105 ? 13.770  8.287   -3.463  1.00 42.37 0 105 GLU A O   1 ? 
ATOM   597  C  CB  . GLU A 1 105 ? 15.993  6.708   -5.295  1.00 46.52 0 105 GLU A CB  1 ? 
ATOM   598  C  CG  . GLU A 1 105 ? 17.498  6.793   -5.099  1.00 48.57 0 105 GLU A CG  1 ? 
ATOM   599  C  CD  . GLU A 1 105 ? 17.939  7.864   -4.113  1.00 49.93 0 105 GLU A CD  1 ? 
ATOM   600  O  OE1 . GLU A 1 105 ? 17.364  8.972   -4.149  1.00 49.10 0 105 GLU A OE1 1 ? 
ATOM   601  O  OE2 . GLU A 1 105 ? 18.841  7.582   -3.299  1.00 52.03 0 105 GLU A OE2 1 ? 
ATOM   602  N  N   . LYS A 1 106 ? 12.849  6.528   -4.594  1.00 43.56 0 106 LYS A N   1 ? 
ATOM   603  C  CA  . LYS A 1 106 ? 11.484  7.096   -4.777  1.00 43.14 0 106 LYS A CA  1 ? 
ATOM   604  C  C   . LYS A 1 106 ? 10.689  7.060   -3.462  1.00 41.01 0 106 LYS A C   1 ? 
ATOM   605  O  O   . LYS A 1 106 ? 9.658   7.753   -3.395  1.00 40.00 0 106 LYS A O   1 ? 
ATOM   606  C  CB  . LYS A 1 106 ? 10.748  6.336   -5.886  1.00 44.49 0 106 LYS A CB  1 ? 
ATOM   607  C  CG  . LYS A 1 106 ? 11.291  6.562   -7.290  1.00 46.09 0 106 LYS A CG  1 ? 
ATOM   608  C  CD  . LYS A 1 106 ? 11.051  7.967   -7.803  1.00 48.27 0 106 LYS A CD  1 ? 
ATOM   609  C  CE  . LYS A 1 106 ? 11.005  8.058   -9.314  1.00 49.66 0 106 LYS A CE  1 ? 
ATOM   610  N  NZ  . LYS A 1 106 ? 10.264  9.262   -9.757  1.00 50.85 0 106 LYS A NZ  1 ? 
ATOM   611  N  N   . ASN A 1 107 ? 11.134  6.289   -2.463  1.00 39.44 0 107 ASN A N   1 ? 
ATOM   612  C  CA  . ASN A 1 107 ? 10.457  6.152   -1.142  1.00 39.82 0 107 ASN A CA  1 ? 
ATOM   613  C  C   . ASN A 1 107 ? 11.284  6.818   -0.031  1.00 40.65 0 107 ASN A C   1 ? 
ATOM   614  O  O   . ASN A 1 107 ? 10.664  7.324   0.921   1.00 40.90 0 107 ASN A O   1 ? 
ATOM   615  C  CB  . ASN A 1 107 ? 10.176  4.684   -0.812  1.00 38.63 0 107 ASN A CB  1 ? 
ATOM   616  C  CG  . ASN A 1 107 ? 9.220   4.029   -1.790  1.00 37.88 0 107 ASN A CG  1 ? 
ATOM   617  O  OD1 . ASN A 1 107 ? 8.277   4.656   -2.264  1.00 35.39 0 107 ASN A OD1 1 ? 
ATOM   618  N  ND2 . ASN A 1 107 ? 9.453   2.763   -2.093  1.00 38.80 0 107 ASN A ND2 1 ? 
ATOM   619  N  N   . LYS A 1 108 ? 12.618  6.790   -0.148  1.00 41.94 0 108 LYS A N   1 ? 
ATOM   620  C  CA  . LYS A 1 108 ? 13.631  7.355   0.792   1.00 42.88 0 108 LYS A CA  1 ? 
ATOM   621  C  C   . LYS A 1 108 ? 13.060  8.533   1.595   1.00 43.28 0 108 LYS A C   1 ? 
ATOM   622  O  O   . LYS A 1 108 ? 13.043  8.446   2.841   1.00 42.72 0 108 LYS A O   1 ? 
ATOM   623  C  CB  . LYS A 1 108 ? 14.865  7.800   -0.006  1.00 44.71 0 108 LYS A CB  1 ? 
ATOM   624  C  CG  . LYS A 1 108 ? 16.197  7.728   0.725   1.00 45.08 0 108 LYS A CG  1 ? 
ATOM   625  C  CD  . LYS A 1 108 ? 17.377  7.978   -0.190  1.00 45.69 0 108 LYS A CD  1 ? 
ATOM   626  C  CE  . LYS A 1 108 ? 18.717  7.864   0.505   1.00 46.68 0 108 LYS A CE  1 ? 
ATOM   627  N  NZ  . LYS A 1 108 ? 19.121  6.451   0.698   1.00 46.70 0 108 LYS A NZ  1 ? 
ATOM   628  N  N   . ARG A 1 109 ? 12.624  9.594   0.908   1.00 43.24 0 109 ARG A N   1 ? 
ATOM   629  C  CA  . ARG A 1 109 ? 12.208  10.887  1.518   1.00 44.58 0 109 ARG A CA  1 ? 
ATOM   630  C  C   . ARG A 1 109 ? 10.677  10.993  1.546   1.00 42.92 0 109 ARG A C   1 ? 
ATOM   631  O  O   . ARG A 1 109 ? 10.165  12.092  1.835   1.00 42.27 0 109 ARG A O   1 ? 
ATOM   632  C  CB  . ARG A 1 109 ? 12.836  12.047  0.737   1.00 46.75 0 109 ARG A CB  1 ? 
ATOM   633  C  CG  . ARG A 1 109 ? 14.326  12.223  0.992   1.00 48.39 0 109 ARG A CG  1 ? 
ATOM   634  C  CD  . ARG A 1 109 ? 15.048  12.922  -0.147  1.00 49.21 0 109 ARG A CD  1 ? 
ATOM   635  N  NE  . ARG A 1 109 ? 15.232  12.036  -1.292  1.00 49.98 0 109 ARG A NE  1 ? 
ATOM   636  C  CZ  . ARG A 1 109 ? 14.539  12.080  -2.429  1.00 50.09 0 109 ARG A CZ  1 ? 
ATOM   637  N  NH1 . ARG A 1 109 ? 13.594  12.987  -2.613  1.00 50.43 0 109 ARG A NH1 1 ? 
ATOM   638  N  NH2 . ARG A 1 109 ? 14.804  11.208  -3.389  1.00 48.59 0 109 ARG A NH2 1 ? 
ATOM   639  N  N   . GLY A 1 110 ? 9.975   9.889   1.279   1.00 41.98 0 110 GLY A N   1 ? 
ATOM   640  C  CA  . GLY A 1 110 ? 8.504   9.836   1.213   1.00 40.48 0 110 GLY A CA  1 ? 
ATOM   641  C  C   . GLY A 1 110 ? 7.887   9.370   2.520   1.00 39.04 0 110 GLY A C   1 ? 
ATOM   642  O  O   . GLY A 1 110 ? 8.589   9.373   3.555   1.00 40.62 0 110 GLY A O   1 ? 
ATOM   643  N  N   . GLY A 1 111 ? 6.611   8.987   2.469   1.00 37.04 0 111 GLY A N   1 ? 
ATOM   644  C  CA  . GLY A 1 111 ? 5.834   8.480   3.615   1.00 35.39 0 111 GLY A CA  1 ? 
ATOM   645  C  C   . GLY A 1 111 ? 4.576   7.765   3.154   1.00 33.84 0 111 GLY A C   1 ? 
ATOM   646  O  O   . GLY A 1 111 ? 4.449   7.511   1.940   1.00 33.42 0 111 GLY A O   1 ? 
ATOM   647  N  N   . ARG A 1 112 ? 3.668   7.467   4.083   1.00 32.74 0 112 ARG A N   1 ? 
ATOM   648  C  CA  . ARG A 1 112 ? 2.431   6.698   3.802   1.00 32.00 0 112 ARG A CA  1 ? 
ATOM   649  C  C   . ARG A 1 112 ? 1.250   7.296   4.573   1.00 31.13 0 112 ARG A C   1 ? 
ATOM   650  O  O   . ARG A 1 112 ? 1.437   7.667   5.748   1.00 28.86 0 112 ARG A O   1 ? 
ATOM   651  C  CB  . ARG A 1 112 ? 2.621   5.224   4.175   1.00 32.10 0 112 ARG A CB  1 ? 
ATOM   652  C  CG  . ARG A 1 112 ? 2.769   4.967   5.668   1.00 32.24 0 112 ARG A CG  1 ? 
ATOM   653  C  CD  . ARG A 1 112 ? 3.148   3.534   5.984   1.00 32.84 0 112 ARG A CD  1 ? 
ATOM   654  N  NE  . ARG A 1 112 ? 3.351   3.350   7.414   1.00 34.33 0 112 ARG A NE  1 ? 
ATOM   655  C  CZ  . ARG A 1 112 ? 3.639   2.194   8.008   1.00 34.91 0 112 ARG A CZ  1 ? 
ATOM   656  N  NH1 . ARG A 1 112 ? 3.759   1.080   7.302   1.00 35.23 0 112 ARG A NH1 1 ? 
ATOM   657  N  NH2 . ARG A 1 112 ? 3.809   2.158   9.319   1.00 34.44 0 112 ARG A NH2 1 ? 
ATOM   658  N  N   . TRP A 1 113 ? 0.089   7.369   3.917   1.00 30.58 0 113 TRP A N   1 ? 
ATOM   659  C  CA  . TRP A 1 113 ? -1.244  7.481   4.564   1.00 30.21 0 113 TRP A CA  1 ? 
ATOM   660  C  C   . TRP A 1 113 ? -1.641  6.101   5.100   1.00 29.71 0 113 TRP A C   1 ? 
ATOM   661  O  O   . TRP A 1 113 ? -1.747  5.176   4.284   1.00 29.58 0 113 TRP A O   1 ? 
ATOM   662  C  CB  . TRP A 1 113 ? -2.284  8.028   3.580   1.00 30.25 0 113 TRP A CB  1 ? 
ATOM   663  C  CG  . TRP A 1 113 ? -2.137  9.498   3.352   1.00 30.58 0 113 TRP A CG  1 ? 
ATOM   664  C  CD1 . TRP A 1 113 ? -1.628  10.112  2.246   1.00 30.63 0 113 TRP A CD1 1 ? 
ATOM   665  C  CD2 . TRP A 1 113 ? -2.477  10.544  4.278   1.00 30.43 0 113 TRP A CD2 1 ? 
ATOM   666  N  NE1 . TRP A 1 113 ? -1.638  11.469  2.416   1.00 31.03 0 113 TRP A NE1 1 ? 
ATOM   667  C  CE2 . TRP A 1 113 ? -2.156  11.766  3.651   1.00 30.85 0 113 TRP A CE2 1 ? 
ATOM   668  C  CE3 . TRP A 1 113 ? -3.033  10.569  5.562   1.00 30.83 0 113 TRP A CE3 1 ? 
ATOM   669  C  CZ2 . TRP A 1 113 ? -2.371  12.999  4.271   1.00 31.08 0 113 TRP A CZ2 1 ? 
ATOM   670  C  CZ3 . TRP A 1 113 ? -3.247  11.787  6.173   1.00 31.17 0 113 TRP A CZ3 1 ? 
ATOM   671  C  CH2 . TRP A 1 113 ? -2.919  12.984  5.535   1.00 30.54 0 113 TRP A CH2 1 ? 
ATOM   672  N  N   . LEU A 1 114 ? -1.831  5.975   6.416   1.00 29.86 0 114 LEU A N   1 ? 
ATOM   673  C  CA  . LEU A 1 114 ? -2.101  4.680   7.096   1.00 30.35 0 114 LEU A CA  1 ? 
ATOM   674  C  C   . LEU A 1 114 ? -3.591  4.583   7.433   1.00 30.28 0 114 LEU A C   1 ? 
ATOM   675  O  O   . LEU A 1 114 ? -4.116  5.521   8.077   1.00 29.52 0 114 LEU A O   1 ? 
ATOM   676  C  CB  . LEU A 1 114 ? -1.240  4.577   8.358   1.00 30.88 0 114 LEU A CB  1 ? 
ATOM   677  C  CG  . LEU A 1 114 ? -1.337  3.251   9.114   1.00 31.39 0 114 LEU A CG  1 ? 
ATOM   678  C  CD1 . LEU A 1 114 ? -0.801  2.106   8.268   1.00 32.12 0 114 LEU A CD1 1 ? 
ATOM   679  C  CD2 . LEU A 1 114 ? -0.596  3.323   10.444  1.00 31.57 0 114 LEU A CD2 1 ? 
ATOM   680  N  N   . ILE A 1 115 ? -4.227  3.489   6.998   1.00 29.23 0 115 ILE A N   1 ? 
ATOM   681  C  CA  . ILE A 1 115 ? -5.615  3.083   7.369   1.00 29.10 0 115 ILE A CA  1 ? 
ATOM   682  C  C   . ILE A 1 115 ? -5.503  1.972   8.417   1.00 29.54 0 115 ILE A C   1 ? 
ATOM   683  O  O   . ILE A 1 115 ? -4.844  0.954   8.127   1.00 28.38 0 115 ILE A O   1 ? 
ATOM   684  C  CB  . ILE A 1 115 ? -6.416  2.618   6.134   1.00 28.64 0 115 ILE A CB  1 ? 
ATOM   685  C  CG1 . ILE A 1 115 ? -6.284  3.585   4.952   1.00 29.00 0 115 ILE A CG1 1 ? 
ATOM   686  C  CG2 . ILE A 1 115 ? -7.869  2.366   6.501   1.00 28.47 0 115 ILE A CG2 1 ? 
ATOM   687  C  CD1 . ILE A 1 115 ? -6.608  5.028   5.273   1.00 28.74 0 115 ILE A CD1 1 ? 
ATOM   688  N  N   . THR A 1 116 ? -6.114  2.174   9.585   1.00 30.51 0 116 THR A N   1 ? 
ATOM   689  C  CA  . THR A 1 116 ? -6.068  1.240   10.739  1.00 31.38 0 116 THR A CA  1 ? 
ATOM   690  C  C   . THR A 1 116 ? -7.412  0.518   10.836  1.00 31.81 0 116 THR A C   1 ? 
ATOM   691  O  O   . THR A 1 116 ? -8.420  1.197   11.079  1.00 32.56 0 116 THR A O   1 ? 
ATOM   692  C  CB  . THR A 1 116 ? -5.698  1.993   12.020  1.00 31.53 0 116 THR A CB  1 ? 
ATOM   693  O  OG1 . THR A 1 116 ? -4.484  2.686   11.732  1.00 31.98 0 116 THR A OG1 1 ? 
ATOM   694  C  CG2 . THR A 1 116 ? -5.516  1.087   13.219  1.00 31.65 0 116 THR A CG2 1 ? 
ATOM   695  N  N   . LEU A 1 117 ? -7.405  -0.804  10.643  1.00 34.07 0 117 LEU A N   1 ? 
ATOM   696  C  CA  . LEU A 1 117 ? -8.604  -1.684  10.693  1.00 35.73 0 117 LEU A CA  1 ? 
ATOM   697  C  C   . LEU A 1 117 ? -8.491  -2.620  11.900  1.00 37.18 0 117 LEU A C   1 ? 
ATOM   698  O  O   . LEU A 1 117 ? -7.441  -3.273  12.041  1.00 36.91 0 117 LEU A O   1 ? 
ATOM   699  C  CB  . LEU A 1 117 ? -8.696  -2.482  9.387   1.00 35.79 0 117 LEU A CB  1 ? 
ATOM   700  C  CG  . LEU A 1 117 ? -8.722  -1.655  8.102   1.00 36.46 0 117 LEU A CG  1 ? 
ATOM   701  C  CD1 . LEU A 1 117 ? -8.724  -2.555  6.880   1.00 37.27 0 117 LEU A CD1 1 ? 
ATOM   702  C  CD2 . LEU A 1 117 ? -9.926  -0.724  8.072   1.00 37.07 0 117 LEU A CD2 1 ? 
ATOM   703  N  N   . ASN A 1 118 ? -9.536  -2.679  12.729  1.00 41.45 0 118 ASN A N   1 ? 
ATOM   704  C  CA  . ASN A 1 118 ? -9.620  -3.585  13.908  1.00 44.44 0 118 ASN A CA  1 ? 
ATOM   705  C  C   . ASN A 1 118 ? -9.918  -5.011  13.426  1.00 46.13 0 118 ASN A C   1 ? 
ATOM   706  O  O   . ASN A 1 118 ? -10.323 -5.169  12.255  1.00 44.30 0 118 ASN A O   1 ? 
ATOM   707  C  CB  . ASN A 1 118 ? -10.649 -3.100  14.937  1.00 46.13 0 118 ASN A CB  1 ? 
ATOM   708  C  CG  . ASN A 1 118 ? -12.054 -2.951  14.386  1.00 48.56 0 118 ASN A CG  1 ? 
ATOM   709  O  OD1 . ASN A 1 118 ? -12.575 -3.844  13.719  1.00 49.21 0 118 ASN A OD1 1 ? 
ATOM   710  N  ND2 . ASN A 1 118 ? -12.690 -1.826  14.675  1.00 50.46 0 118 ASN A ND2 1 ? 
ATOM   711  N  N   . LYS A 1 119 ? -9.732  -5.999  14.309  1.00 49.79 0 119 LYS A N   1 ? 
ATOM   712  C  CA  . LYS A 1 119 ? -10.052 -7.434  14.075  1.00 52.51 0 119 LYS A CA  1 ? 
ATOM   713  C  C   . LYS A 1 119 ? -11.424 -7.566  13.402  1.00 52.67 0 119 LYS A C   1 ? 
ATOM   714  O  O   . LYS A 1 119 ? -11.534 -8.315  12.413  1.00 52.70 0 119 LYS A O   1 ? 
ATOM   715  C  CB  . LYS A 1 119 ? -10.096 -8.211  15.396  1.00 55.47 0 119 LYS A CB  1 ? 
ATOM   716  C  CG  . LYS A 1 119 ? -8.779  -8.332  16.150  1.00 57.36 0 119 LYS A CG  1 ? 
ATOM   717  C  CD  . LYS A 1 119 ? -8.848  -9.336  17.285  1.00 59.36 0 119 LYS A CD  1 ? 
ATOM   718  C  CE  . LYS A 1 119 ? -7.723  -9.184  18.287  1.00 61.72 0 119 LYS A CE  1 ? 
ATOM   719  N  NZ  . LYS A 1 119 ? -7.732  -10.278 19.286  1.00 62.75 0 119 LYS A NZ  1 ? 
ATOM   720  N  N   . GLN A 1 120 ? -12.422 -6.842  13.917  1.00 53.24 0 120 GLN A N   1 ? 
ATOM   721  C  CA  . GLN A 1 120 ? -13.867 -7.044  13.620  1.00 53.73 0 120 GLN A CA  1 ? 
ATOM   722  C  C   . GLN A 1 120 ? -14.222 -6.511  12.226  1.00 48.75 0 120 GLN A C   1 ? 
ATOM   723  O  O   . GLN A 1 120 ? -15.325 -6.834  11.750  1.00 48.43 0 120 GLN A O   1 ? 
ATOM   724  C  CB  . GLN A 1 120 ? -14.720 -6.361  14.693  1.00 57.99 0 120 GLN A CB  1 ? 
ATOM   725  C  CG  . GLN A 1 120 ? -14.300 -6.710  16.116  1.00 62.23 0 120 GLN A CG  1 ? 
ATOM   726  C  CD  . GLN A 1 120 ? -15.343 -6.358  17.149  1.00 67.97 0 120 GLN A CD  1 ? 
ATOM   727  O  OE1 . GLN A 1 120 ? -16.311 -5.649  16.873  1.00 71.89 0 120 GLN A OE1 1 ? 
ATOM   728  N  NE2 . GLN A 1 120 ? -15.148 -6.854  18.361  1.00 69.34 0 120 GLN A NE2 1 ? 
ATOM   729  N  N   . GLN A 1 121 ? -13.331 -5.730  11.603  1.00 45.15 0 121 GLN A N   1 ? 
ATOM   730  C  CA  . GLN A 1 121 ? -13.550 -5.067  10.287  1.00 42.12 0 121 GLN A CA  1 ? 
ATOM   731  C  C   . GLN A 1 121 ? -13.096 -5.958  9.123   1.00 40.65 0 121 GLN A C   1 ? 
ATOM   732  O  O   . GLN A 1 121 ? -13.432 -5.613  7.974   1.00 40.38 0 121 GLN A O   1 ? 
ATOM   733  C  CB  . GLN A 1 121 ? -12.756 -3.764  10.199  1.00 41.06 0 121 GLN A CB  1 ? 
ATOM   734  C  CG  . GLN A 1 121 ? -13.496 -2.551  10.729  1.00 39.92 0 121 GLN A CG  1 ? 
ATOM   735  C  CD  . GLN A 1 121 ? -12.630 -1.324  10.607  1.00 38.68 0 121 GLN A CD  1 ? 
ATOM   736  O  OE1 . GLN A 1 121 ? -11.746 -1.084  11.427  1.00 37.57 0 121 GLN A OE1 1 ? 
ATOM   737  N  NE2 . GLN A 1 121 ? -12.873 -0.545  9.566   1.00 38.60 0 121 GLN A NE2 1 ? 
ATOM   738  N  N   . ARG A 1 122 ? -12.337 -7.025  9.394   1.00 39.11 0 122 ARG A N   1 ? 
ATOM   739  C  CA  . ARG A 1 122 ? -11.635 -7.811  8.344   1.00 39.20 0 122 ARG A CA  1 ? 
ATOM   740  C  C   . ARG A 1 122 ? -12.637 -8.335  7.306   1.00 39.79 0 122 ARG A C   1 ? 
ATOM   741  O  O   . ARG A 1 122 ? -12.356 -8.190  6.101   1.00 39.86 0 122 ARG A O   1 ? 
ATOM   742  C  CB  . ARG A 1 122 ? -10.846 -8.981  8.936   1.00 38.23 0 122 ARG A CB  1 ? 
ATOM   743  C  CG  . ARG A 1 122 ? -10.007 -9.703  7.893   1.00 38.04 0 122 ARG A CG  1 ? 
ATOM   744  C  CD  . ARG A 1 122 ? -9.119  -10.779 8.471   1.00 37.32 0 122 ARG A CD  1 ? 
ATOM   745  N  NE  . ARG A 1 122 ? -7.942  -10.225 9.117   1.00 36.52 0 122 ARG A NE  1 ? 
ATOM   746  C  CZ  . ARG A 1 122 ? -6.977  -10.950 9.666   1.00 36.38 0 122 ARG A CZ  1 ? 
ATOM   747  N  NH1 . ARG A 1 122 ? -7.043  -12.270 9.638   1.00 37.00 0 122 ARG A NH1 1 ? 
ATOM   748  N  NH2 . ARG A 1 122 ? -5.944  -10.354 10.234  1.00 37.11 0 122 ARG A NH2 1 ? 
ATOM   749  N  N   . ARG A 1 123 ? -13.744 -8.936  7.752   1.00 39.79 0 123 ARG A N   1 ? 
ATOM   750  C  CA  . ARG A 1 123 ? -14.748 -9.566  6.857   1.00 40.98 0 123 ARG A CA  1 ? 
ATOM   751  C  C   . ARG A 1 123 ? -15.469 -8.474  6.054   1.00 39.95 0 123 ARG A C   1 ? 
ATOM   752  O  O   . ARG A 1 123 ? -15.719 -8.702  4.855   1.00 40.45 0 123 ARG A O   1 ? 
ATOM   753  C  CB  . ARG A 1 123 ? -15.741 -10.424 7.650   1.00 44.14 0 123 ARG A CB  1 ? 
ATOM   754  C  CG  . ARG A 1 123 ? -16.366 -11.543 6.828   1.00 47.78 0 123 ARG A CG  1 ? 
ATOM   755  C  CD  . ARG A 1 123 ? -17.389 -12.372 7.583   1.00 51.30 0 123 ARG A CD  1 ? 
ATOM   756  N  NE  . ARG A 1 123 ? -18.720 -11.775 7.555   1.00 54.09 0 123 ARG A NE  1 ? 
ATOM   757  C  CZ  . ARG A 1 123 ? -19.235 -10.970 8.487   1.00 56.67 0 123 ARG A CZ  1 ? 
ATOM   758  N  NH1 . ARG A 1 123 ? -18.535 -10.637 9.562   1.00 59.35 0 123 ARG A NH1 1 ? 
ATOM   759  N  NH2 . ARG A 1 123 ? -20.460 -10.493 8.337   1.00 56.51 0 123 ARG A NH2 1 ? 
ATOM   760  N  N   . SER A 1 124 ? -15.760 -7.327  6.675   1.00 38.08 0 124 SER A N   1 ? 
ATOM   761  C  CA  . SER A 1 124 ? -16.600 -6.243  6.094   1.00 36.96 0 124 SER A CA  1 ? 
ATOM   762  C  C   . SER A 1 124 ? -15.781 -5.296  5.200   1.00 34.16 0 124 SER A C   1 ? 
ATOM   763  O  O   . SER A 1 124 ? -16.305 -4.917  4.134   1.00 34.08 0 124 SER A O   1 ? 
ATOM   764  C  CB  . SER A 1 124 ? -17.332 -5.485  7.173   1.00 37.41 0 124 SER A CB  1 ? 
ATOM   765  O  OG  . SER A 1 124 ? -16.464 -5.170  8.247   1.00 40.42 0 124 SER A OG  1 ? 
ATOM   766  N  N   . ASP A 1 125 ? -14.558 -4.922  5.598   1.00 31.16 0 125 ASP A N   1 ? 
ATOM   767  C  CA  . ASP A 1 125 ? -13.865 -3.718  5.057   1.00 29.90 0 125 ASP A CA  1 ? 
ATOM   768  C  C   . ASP A 1 125 ? -12.546 -4.048  4.342   1.00 27.55 0 125 ASP A C   1 ? 
ATOM   769  O  O   . ASP A 1 125 ? -12.226 -3.317  3.393   1.00 27.45 0 125 ASP A O   1 ? 
ATOM   770  C  CB  . ASP A 1 125 ? -13.627 -2.692  6.169   1.00 31.16 0 125 ASP A CB  1 ? 
ATOM   771  C  CG  . ASP A 1 125 ? -14.901 -2.055  6.707   1.00 31.64 0 125 ASP A CG  1 ? 
ATOM   772  O  OD1 . ASP A 1 125 ? -15.954 -2.192  6.049   1.00 31.54 0 125 ASP A OD1 1 ? 
ATOM   773  O  OD2 . ASP A 1 125 ? -14.829 -1.421  7.781   1.00 32.84 0 125 ASP A OD2 1 ? 
ATOM   774  N  N   . LEU A 1 126 ? -11.785 -5.059  4.773   1.00 26.32 0 126 LEU A N   1 ? 
ATOM   775  C  CA  . LEU A 1 126 ? -10.354 -5.206  4.377   1.00 25.49 0 126 LEU A CA  1 ? 
ATOM   776  C  C   . LEU A 1 126 ? -10.236 -5.330  2.851   1.00 24.39 0 126 LEU A C   1 ? 
ATOM   777  O  O   . LEU A 1 126 ? -9.481  -4.544  2.255   1.00 23.89 0 126 LEU A O   1 ? 
ATOM   778  C  CB  . LEU A 1 126 ? -9.716  -6.410  5.079   1.00 25.22 0 126 LEU A CB  1 ? 
ATOM   779  C  CG  . LEU A 1 126 ? -8.251  -6.666  4.714   1.00 25.41 0 126 LEU A CG  1 ? 
ATOM   780  C  CD1 . LEU A 1 126 ? -7.378  -5.470  5.069   1.00 25.38 0 126 LEU A CD1 1 ? 
ATOM   781  C  CD2 . LEU A 1 126 ? -7.728  -7.926  5.387   1.00 25.47 0 126 LEU A CD2 1 ? 
ATOM   782  N  N   . ASP A 1 127 ? -10.947 -6.286  2.254   1.00 23.92 0 127 ASP A N   1 ? 
ATOM   783  C  CA  . ASP A 1 127 ? -10.891 -6.583  0.798   1.00 23.97 0 127 ASP A CA  1 ? 
ATOM   784  C  C   . ASP A 1 127 ? -11.423 -5.385  -0.001  1.00 23.72 0 127 ASP A C   1 ? 
ATOM   785  O  O   . ASP A 1 127 ? -10.788 -5.035  -1.013  1.00 22.23 0 127 ASP A O   1 ? 
ATOM   786  C  CB  . ASP A 1 127 ? -11.653 -7.867  0.464   1.00 24.34 0 127 ASP A CB  1 ? 
ATOM   787  C  CG  . ASP A 1 127 ? -11.010 -9.121  1.034   1.00 24.67 0 127 ASP A CG  1 ? 
ATOM   788  O  OD1 . ASP A 1 127 ? -9.764  -9.152  1.106   1.00 24.99 0 127 ASP A OD1 1 ? 
ATOM   789  O  OD2 . ASP A 1 127 ? -11.761 -10.052 1.408   1.00 24.04 0 127 ASP A OD2 1 ? 
ATOM   790  N  N   . ARG A 1 128 ? -12.539 -4.777  0.419   1.00 24.02 0 128 ARG A N   1 ? 
ATOM   791  C  CA  . ARG A 1 128 ? -13.186 -3.691  -0.369  1.00 24.17 0 128 ARG A CA  1 ? 
ATOM   792  C  C   . ARG A 1 128 ? -12.315 -2.429  -0.297  1.00 23.86 0 128 ARG A C   1 ? 
ATOM   793  O  O   . ARG A 1 128 ? -12.235 -1.720  -1.319  1.00 23.10 0 128 ARG A O   1 ? 
ATOM   794  C  CB  . ARG A 1 128 ? -14.640 -3.467  0.059   1.00 24.52 0 128 ARG A CB  1 ? 
ATOM   795  C  CG  . ARG A 1 128 ? -14.847 -2.781  1.401   1.00 24.81 0 128 ARG A CG  1 ? 
ATOM   796  C  CD  . ARG A 1 128 ? -16.330 -2.714  1.732   1.00 25.29 0 128 ARG A CD  1 ? 
ATOM   797  N  NE  . ARG A 1 128 ? -16.603 -1.963  2.953   1.00 26.18 0 128 ARG A NE  1 ? 
ATOM   798  C  CZ  . ARG A 1 128 ? -16.809 -0.645  3.025   1.00 26.83 0 128 ARG A CZ  1 ? 
ATOM   799  N  NH1 . ARG A 1 128 ? -16.778 0.111   1.939   1.00 26.97 0 128 ARG A NH1 1 ? 
ATOM   800  N  NH2 . ARG A 1 128 ? -17.040 -0.080  4.197   1.00 27.25 0 128 ARG A NH2 1 ? 
ATOM   801  N  N   . PHE A 1 129 ? -11.656 -2.187  0.842   1.00 23.44 0 129 PHE A N   1 ? 
ATOM   802  C  CA  . PHE A 1 129 ? -10.733 -1.039  1.046   1.00 23.63 0 129 PHE A CA  1 ? 
ATOM   803  C  C   . PHE A 1 129 ? -9.441  -1.261  0.253   1.00 22.97 0 129 PHE A C   1 ? 
ATOM   804  O  O   . PHE A 1 129 ? -8.920  -0.287  -0.332  1.00 22.16 0 129 PHE A O   1 ? 
ATOM   805  C  CB  . PHE A 1 129 ? -10.430 -0.824  2.531   1.00 24.45 0 129 PHE A CB  1 ? 
ATOM   806  C  CG  . PHE A 1 129 ? -11.512 -0.136  3.331   1.00 24.74 0 129 PHE A CG  1 ? 
ATOM   807  C  CD1 . PHE A 1 129 ? -12.678 0.333   2.737   1.00 25.14 0 129 PHE A CD1 1 ? 
ATOM   808  C  CD2 . PHE A 1 129 ? -11.334 0.088   4.686   1.00 24.65 0 129 PHE A CD2 1 ? 
ATOM   809  C  CE1 . PHE A 1 129 ? -13.649 0.978   3.487   1.00 25.02 0 129 PHE A CE1 1 ? 
ATOM   810  C  CE2 . PHE A 1 129 ? -12.304 0.738   5.433   1.00 25.23 0 129 PHE A CE2 1 ? 
ATOM   811  C  CZ  . PHE A 1 129 ? -13.460 1.181   4.833   1.00 25.09 0 129 PHE A CZ  1 ? 
ATOM   812  N  N   . TRP A 1 130 ? -8.929  -2.494  0.238   1.00 22.25 0 130 TRP A N   1 ? 
ATOM   813  C  CA  . TRP A 1 130 ? -7.688  -2.849  -0.499  1.00 22.04 0 130 TRP A CA  1 ? 
ATOM   814  C  C   . TRP A 1 130 ? -7.948  -2.744  -2.006  1.00 21.98 0 130 TRP A C   1 ? 
ATOM   815  O  O   . TRP A 1 130 ? -7.094  -2.173  -2.710  1.00 21.74 0 130 TRP A O   1 ? 
ATOM   816  C  CB  . TRP A 1 130 ? -7.175  -4.238  -0.101  1.00 21.95 0 130 TRP A CB  1 ? 
ATOM   817  C  CG  . TRP A 1 130 ? -5.967  -4.670  -0.876  1.00 21.70 0 130 TRP A CG  1 ? 
ATOM   818  C  CD1 . TRP A 1 130 ? -5.833  -5.805  -1.623  1.00 21.89 0 130 TRP A CD1 1 ? 
ATOM   819  C  CD2 . TRP A 1 130 ? -4.720  -3.961  -1.001  1.00 21.60 0 130 TRP A CD2 1 ? 
ATOM   820  N  NE1 . TRP A 1 130 ? -4.590  -5.857  -2.192  1.00 21.95 0 130 TRP A NE1 1 ? 
ATOM   821  C  CE2 . TRP A 1 130 ? -3.884  -4.740  -1.829  1.00 21.78 0 130 TRP A CE2 1 ? 
ATOM   822  C  CE3 . TRP A 1 130 ? -4.226  -2.753  -0.492  1.00 21.95 0 130 TRP A CE3 1 ? 
ATOM   823  C  CZ2 . TRP A 1 130 ? -2.584  -4.355  -2.149  1.00 21.76 0 130 TRP A CZ2 1 ? 
ATOM   824  C  CZ3 . TRP A 1 130 ? -2.940  -2.371  -0.812  1.00 22.00 0 130 TRP A CZ3 1 ? 
ATOM   825  C  CH2 . TRP A 1 130 ? -2.133  -3.162  -1.631  1.00 21.83 0 130 TRP A CH2 1 ? 
ATOM   826  N  N   . LEU A 1 131 ? -9.083  -3.269  -2.474  1.00 21.82 0 131 LEU A N   1 ? 
ATOM   827  C  CA  . LEU A 1 131 ? -9.510  -3.157  -3.893  1.00 22.43 0 131 LEU A CA  1 ? 
ATOM   828  C  C   . LEU A 1 131 ? -9.657  -1.674  -4.249  1.00 22.70 0 131 LEU A C   1 ? 
ATOM   829  O  O   . LEU A 1 131 ? -9.101  -1.262  -5.281  1.00 23.13 0 131 LEU A O   1 ? 
ATOM   830  C  CB  . LEU A 1 131 ? -10.824 -3.914  -4.108  1.00 22.59 0 131 LEU A CB  1 ? 
ATOM   831  C  CG  . LEU A 1 131 ? -11.376 -3.867  -5.533  1.00 22.94 0 131 LEU A CG  1 ? 
ATOM   832  C  CD1 . LEU A 1 131 ? -10.301 -4.229  -6.548  1.00 23.03 0 131 LEU A CD1 1 ? 
ATOM   833  C  CD2 . LEU A 1 131 ? -12.582 -4.784  -5.679  1.00 23.11 0 131 LEU A CD2 1 ? 
ATOM   834  N  N   . GLU A 1 132 ? -10.358 -0.903  -3.412  1.00 23.12 0 132 GLU A N   1 ? 
ATOM   835  C  CA  . GLU A 1 132 ? -10.544 0.563   -3.596  1.00 23.65 0 132 GLU A CA  1 ? 
ATOM   836  C  C   . GLU A 1 132 ? -9.177  1.243   -3.753  1.00 23.41 0 132 GLU A C   1 ? 
ATOM   837  O  O   . GLU A 1 132 ? -9.047  2.085   -4.669  1.00 22.73 0 132 GLU A O   1 ? 
ATOM   838  C  CB  . GLU A 1 132 ? -11.299 1.182   -2.421  1.00 24.22 0 132 GLU A CB  1 ? 
ATOM   839  C  CG  . GLU A 1 132 ? -11.671 2.635   -2.660  1.00 25.26 0 132 GLU A CG  1 ? 
ATOM   840  C  CD  . GLU A 1 132 ? -12.585 2.841   -3.856  1.00 25.96 0 132 GLU A CD  1 ? 
ATOM   841  O  OE1 . GLU A 1 132 ? -13.657 2.206   -3.893  1.00 27.09 0 132 GLU A OE1 1 ? 
ATOM   842  O  OE2 . GLU A 1 132 ? -12.216 3.615   -4.751  1.00 26.82 0 132 GLU A OE2 1 ? 
ATOM   843  N  N   . THR A 1 133 ? -8.216  0.898   -2.885  1.00 22.82 0 133 THR A N   1 ? 
ATOM   844  C  CA  . THR A 1 133 ? -6.836  1.455   -2.866  1.00 22.99 0 133 THR A CA  1 ? 
ATOM   845  C  C   . THR A 1 133 ? -6.161  1.168   -4.212  1.00 23.19 0 133 THR A C   1 ? 
ATOM   846  O  O   . THR A 1 133 ? -5.629  2.116   -4.819  1.00 23.81 0 133 THR A O   1 ? 
ATOM   847  C  CB  . THR A 1 133 ? -6.012  0.889   -1.699  1.00 22.68 0 133 THR A CB  1 ? 
ATOM   848  O  OG1 . THR A 1 133 ? -6.647  1.239   -0.470  1.00 22.13 0 133 THR A OG1 1 ? 
ATOM   849  C  CG2 . THR A 1 133 ? -4.591  1.403   -1.677  1.00 22.76 0 133 THR A CG2 1 ? 
ATOM   850  N  N   . LEU A 1 134 ? -6.198  -0.089  -4.658  1.00 23.46 0 134 LEU A N   1 ? 
ATOM   851  C  CA  . LEU A 1 134 ? -5.583  -0.541  -5.935  1.00 24.14 0 134 LEU A CA  1 ? 
ATOM   852  C  C   . LEU A 1 134 ? -6.185  0.245   -7.108  1.00 24.59 0 134 LEU A C   1 ? 
ATOM   853  O  O   . LEU A 1 134 ? -5.416  0.621   -8.009  1.00 24.67 0 134 LEU A O   1 ? 
ATOM   854  C  CB  . LEU A 1 134 ? -5.795  -2.051  -6.099  1.00 23.84 0 134 LEU A CB  1 ? 
ATOM   855  C  CG  . LEU A 1 134 ? -5.001  -2.936  -5.138  1.00 23.63 0 134 LEU A CG  1 ? 
ATOM   856  C  CD1 . LEU A 1 134 ? -5.489  -4.377  -5.195  1.00 23.54 0 134 LEU A CD1 1 ? 
ATOM   857  C  CD2 . LEU A 1 134 ? -3.514  -2.869  -5.438  1.00 23.60 0 134 LEU A CD2 1 ? 
ATOM   858  N  N   . LEU A 1 135 ? -7.497  0.500   -7.093  1.00 25.02 0 135 LEU A N   1 ? 
ATOM   859  C  CA  . LEU A 1 135 ? -8.199  1.248   -8.174  1.00 25.94 0 135 LEU A CA  1 ? 
ATOM   860  C  C   . LEU A 1 135 ? -7.762  2.724   -8.162  1.00 26.35 0 135 LEU A C   1 ? 
ATOM   861  O  O   . LEU A 1 135 ? -7.637  3.303   -9.260  1.00 25.88 0 135 LEU A O   1 ? 
ATOM   862  C  CB  . LEU A 1 135 ? -9.715  1.092   -8.005  1.00 26.00 0 135 LEU A CB  1 ? 
ATOM   863  C  CG  . LEU A 1 135 ? -10.254 -0.333  -8.169  1.00 26.43 0 135 LEU A CG  1 ? 
ATOM   864  C  CD1 . LEU A 1 135 ? -11.765 -0.369  -7.985  1.00 26.57 0 135 LEU A CD1 1 ? 
ATOM   865  C  CD2 . LEU A 1 135 ? -9.872  -0.919  -9.520  1.00 26.60 0 135 LEU A CD2 1 ? 
ATOM   866  N  N   . CYS A 1 136 ? -7.523  3.308   -6.982  1.00 26.78 0 136 CYS A N   1 ? 
ATOM   867  C  CA  . CYS A 1 136 ? -7.019  4.701   -6.821  1.00 27.07 0 136 CYS A CA  1 ? 
ATOM   868  C  C   . CYS A 1 136 ? -5.632  4.825   -7.462  1.00 27.42 0 136 CYS A C   1 ? 
ATOM   869  O  O   . CYS A 1 136 ? -5.368  5.878   -8.077  1.00 27.58 0 136 CYS A O   1 ? 
ATOM   870  C  CB  . CYS A 1 136 ? -6.939  5.128   -5.360  1.00 27.30 0 136 CYS A CB  1 ? 
ATOM   871  S  SG  . CYS A 1 136 ? -8.549  5.512   -4.623  1.00 27.97 0 136 CYS A SG  1 ? 
ATOM   872  N  N   . LEU A 1 137 ? -4.786  3.795   -7.322  1.00 27.06 0 137 LEU A N   1 ? 
ATOM   873  C  CA  . LEU A 1 137 ? -3.428  3.747   -7.930  1.00 26.48 0 137 LEU A CA  1 ? 
ATOM   874  C  C   . LEU A 1 137 ? -3.550  3.632   -9.455  1.00 25.91 0 137 LEU A C   1 ? 
ATOM   875  O  O   . LEU A 1 137 ? -3.102  4.562   -10.154 1.00 25.87 0 137 LEU A O   1 ? 
ATOM   876  C  CB  . LEU A 1 137 ? -2.628  2.561   -7.378  1.00 26.99 0 137 LEU A CB  1 ? 
ATOM   877  C  CG  . LEU A 1 137 ? -2.337  2.544   -5.877  1.00 27.33 0 137 LEU A CG  1 ? 
ATOM   878  C  CD1 . LEU A 1 137 ? -1.034  1.807   -5.605  1.00 27.60 0 137 LEU A CD1 1 ? 
ATOM   879  C  CD2 . LEU A 1 137 ? -2.287  3.940   -5.285  1.00 27.22 0 137 LEU A CD2 1 ? 
ATOM   880  N  N   . ILE A 1 138 ? -4.118  2.532   -9.952  1.00 25.30 0 138 ILE A N   1 ? 
ATOM   881  C  CA  . ILE A 1 138 ? -4.109  2.197   -11.409 1.00 26.05 0 138 ILE A CA  1 ? 
ATOM   882  C  C   . ILE A 1 138 ? -4.991  3.205   -12.165 1.00 26.06 0 138 ILE A C   1 ? 
ATOM   883  O  O   . ILE A 1 138 ? -4.654  3.528   -13.318 1.00 25.30 0 138 ILE A O   1 ? 
ATOM   884  C  CB  . ILE A 1 138 ? -4.506  0.722   -11.662 1.00 26.01 0 138 ILE A CB  1 ? 
ATOM   885  C  CG1 . ILE A 1 138 ? -5.992  0.445   -11.423 1.00 25.80 0 138 ILE A CG1 1 ? 
ATOM   886  C  CG2 . ILE A 1 138 ? -3.625  -0.217  -10.847 1.00 26.08 0 138 ILE A CG2 1 ? 
ATOM   887  C  CD1 . ILE A 1 138 ? -6.435  -0.915  -11.907 1.00 25.88 0 138 ILE A CD1 1 ? 
ATOM   888  N  N   . GLY A 1 139 ? -6.047  3.713   -11.519 1.00 27.02 0 139 GLY A N   1 ? 
ATOM   889  C  CA  . GLY A 1 139 ? -6.971  4.719   -12.075 1.00 27.87 0 139 GLY A CA  1 ? 
ATOM   890  C  C   . GLY A 1 139 ? -6.409  6.135   -12.028 1.00 30.00 0 139 GLY A C   1 ? 
ATOM   891  O  O   . GLY A 1 139 ? -7.070  7.033   -12.590 1.00 30.78 0 139 GLY A O   1 ? 
ATOM   892  N  N   . GLU A 1 140 ? -5.253  6.346   -11.381 1.00 31.32 0 140 GLU A N   1 ? 
ATOM   893  C  CA  . GLU A 1 140 ? -4.551  7.657   -11.304 1.00 31.70 0 140 GLU A CA  1 ? 
ATOM   894  C  C   . GLU A 1 140 ? -5.527  8.707   -10.759 1.00 33.09 0 140 GLU A C   1 ? 
ATOM   895  O  O   . GLU A 1 140 ? -5.741  9.729   -11.429 1.00 33.09 0 140 GLU A O   1 ? 
ATOM   896  C  CB  . GLU A 1 140 ? -4.022  8.053   -12.687 1.00 31.88 0 140 GLU A CB  1 ? 
ATOM   897  C  CG  . GLU A 1 140 ? -3.063  7.042   -13.297 1.00 31.43 0 140 GLU A CG  1 ? 
ATOM   898  C  CD  . GLU A 1 140 ? -1.661  7.033   -12.710 1.00 31.60 0 140 GLU A CD  1 ? 
ATOM   899  O  OE1 . GLU A 1 140 ? -1.308  7.991   -11.998 1.00 33.26 0 140 GLU A OE1 1 ? 
ATOM   900  O  OE2 . GLU A 1 140 ? -0.918  6.067   -12.967 1.00 31.72 0 140 GLU A OE2 1 ? 
ATOM   901  N  N   . SER A 1 141 ? -6.095  8.453   -9.578  1.00 35.00 0 141 SER A N   1 ? 
ATOM   902  C  CA  . SER A 1 141 ? -7.312  9.129   -9.056  1.00 36.13 0 141 SER A CA  1 ? 
ATOM   903  C  C   . SER A 1 141 ? -6.960  10.388  -8.257  1.00 37.54 0 141 SER A C   1 ? 
ATOM   904  O  O   . SER A 1 141 ? -7.899  11.018  -7.734  1.00 36.88 0 141 SER A O   1 ? 
ATOM   905  C  CB  . SER A 1 141 ? -8.121  8.172   -8.226  1.00 35.54 0 141 SER A CB  1 ? 
ATOM   906  O  OG  . SER A 1 141 ? -8.522  7.059   -9.009  1.00 35.25 0 141 SER A OG  1 ? 
ATOM   907  N  N   . PHE A 1 142 ? -5.674  10.745  -8.170  1.00 39.05 0 142 PHE A N   1 ? 
ATOM   908  C  CA  . PHE A 1 142 ? -5.172  11.864  -7.330  1.00 41.01 0 142 PHE A CA  1 ? 
ATOM   909  C  C   . PHE A 1 142 ? -4.827  13.074  -8.210  1.00 43.58 0 142 PHE A C   1 ? 
ATOM   910  O  O   . PHE A 1 142 ? -4.058  13.944  -7.752  1.00 43.64 0 142 PHE A O   1 ? 
ATOM   911  C  CB  . PHE A 1 142 ? -4.006  11.369  -6.472  1.00 40.29 0 142 PHE A CB  1 ? 
ATOM   912  C  CG  . PHE A 1 142 ? -4.380  10.221  -5.568  1.00 39.94 0 142 PHE A CG  1 ? 
ATOM   913  C  CD1 . PHE A 1 142 ? -5.266  10.407  -4.518  1.00 40.03 0 142 PHE A CD1 1 ? 
ATOM   914  C  CD2 . PHE A 1 142 ? -3.873  8.948   -5.784  1.00 38.69 0 142 PHE A CD2 1 ? 
ATOM   915  C  CE1 . PHE A 1 142 ? -5.619  9.351   -3.692  1.00 39.53 0 142 PHE A CE1 1 ? 
ATOM   916  C  CE2 . PHE A 1 142 ? -4.226  7.894   -4.957  1.00 38.29 0 142 PHE A CE2 1 ? 
ATOM   917  C  CZ  . PHE A 1 142 ? -5.098  8.097   -3.913  1.00 38.91 0 142 PHE A CZ  1 ? 
ATOM   918  N  N   . ASP A 1 143 ? -5.404  13.134  -9.416  1.00 47.10 0 143 ASP A N   1 ? 
ATOM   919  C  CA  . ASP A 1 143 ? -5.336  14.295  -10.345 1.00 50.06 0 143 ASP A CA  1 ? 
ATOM   920  C  C   . ASP A 1 143 ? -3.864  14.576  -10.681 1.00 52.26 0 143 ASP A C   1 ? 
ATOM   921  O  O   . ASP A 1 143 ? -3.195  13.657  -11.201 1.00 50.44 0 143 ASP A O   1 ? 
ATOM   922  C  CB  . ASP A 1 143 ? -6.077  15.503  -9.754  1.00 52.02 0 143 ASP A CB  1 ? 
ATOM   923  C  CG  . ASP A 1 143 ? -7.556  15.262  -9.495  1.00 53.10 0 143 ASP A CG  1 ? 
ATOM   924  O  OD1 . ASP A 1 143 ? -8.289  15.006  -10.472 1.00 53.13 0 143 ASP A OD1 1 ? 
ATOM   925  O  OD2 . ASP A 1 143 ? -7.964  15.330  -8.315  1.00 52.60 0 143 ASP A OD2 1 ? 
ATOM   926  N  N   . ASP A 1 144 ? -3.376  15.780  -10.365 1.00 54.64 0 144 ASP A N   1 ? 
ATOM   927  C  CA  . ASP A 1 144 ? -2.035  16.293  -10.760 1.00 56.43 0 144 ASP A CA  1 ? 
ATOM   928  C  C   . ASP A 1 144 ? -0.958  15.682  -9.854  1.00 54.36 0 144 ASP A C   1 ? 
ATOM   929  O  O   . ASP A 1 144 ? 0.199   15.569  -10.309 1.00 53.76 0 144 ASP A O   1 ? 
ATOM   930  C  CB  . ASP A 1 144 ? -2.007  17.823  -10.708 1.00 59.24 0 144 ASP A CB  1 ? 
ATOM   931  C  CG  . ASP A 1 144 ? -3.125  18.474  -11.505 1.00 61.61 0 144 ASP A CG  1 ? 
ATOM   932  O  OD1 . ASP A 1 144 ? -3.363  18.030  -12.649 1.00 62.66 0 144 ASP A OD1 1 ? 
ATOM   933  O  OD2 . ASP A 1 144 ? -3.761  19.407  -10.971 1.00 62.91 0 144 ASP A OD2 1 ? 
ATOM   934  N  N   . TYR A 1 145 ? -1.333  15.284  -8.633  1.00 51.67 0 145 TYR A N   1 ? 
ATOM   935  C  CA  . TYR A 1 145 ? -0.414  14.765  -7.587  1.00 51.14 0 145 TYR A CA  1 ? 
ATOM   936  C  C   . TYR A 1 145 ? -0.336  13.232  -7.641  1.00 48.55 0 145 TYR A C   1 ? 
ATOM   937  O  O   . TYR A 1 145 ? 0.157   12.631  -6.669  1.00 46.65 0 145 TYR A O   1 ? 
ATOM   938  C  CB  . TYR A 1 145 ? -0.870  15.265  -6.215  1.00 52.88 0 145 TYR A CB  1 ? 
ATOM   939  C  CG  . TYR A 1 145 ? -0.989  16.765  -6.122  1.00 54.05 0 145 TYR A CG  1 ? 
ATOM   940  C  CD1 . TYR A 1 145 ? 0.141   17.569  -6.131  1.00 54.24 0 145 TYR A CD1 1 ? 
ATOM   941  C  CD2 . TYR A 1 145 ? -2.226  17.384  -6.027  1.00 55.04 0 145 TYR A CD2 1 ? 
ATOM   942  C  CE1 . TYR A 1 145 ? 0.045   18.949  -6.046  1.00 55.93 0 145 TYR A CE1 1 ? 
ATOM   943  C  CE2 . TYR A 1 145 ? -2.340  18.763  -5.943  1.00 56.51 0 145 TYR A CE2 1 ? 
ATOM   944  C  CZ  . TYR A 1 145 ? -1.199  19.549  -5.952  1.00 56.55 0 145 TYR A CZ  1 ? 
ATOM   945  O  OH  . TYR A 1 145 ? -1.292  20.908  -5.868  1.00 58.07 0 145 TYR A OH  1 ? 
ATOM   946  N  N   . SER A 1 146 ? -0.785  12.618  -8.743  1.00 47.02 0 146 SER A N   1 ? 
ATOM   947  C  CA  . SER A 1 146 ? -0.714  11.151  -8.978  1.00 46.03 0 146 SER A CA  1 ? 
ATOM   948  C  C   . SER A 1 146 ? 0.748   10.710  -9.135  1.00 43.98 0 146 SER A C   1 ? 
ATOM   949  O  O   . SER A 1 146 ? 1.055   9.570   -8.743  1.00 42.92 0 146 SER A O   1 ? 
ATOM   950  C  CB  . SER A 1 146 ? -1.554  10.730  -10.163 1.00 45.56 0 146 SER A CB  1 ? 
ATOM   951  O  OG  . SER A 1 146 ? -2.825  10.260  -9.738  1.00 45.12 0 146 SER A OG  1 ? 
ATOM   952  N  N   . ASP A 1 147 ? 1.610   11.582  -9.670  1.00 43.24 0 147 ASP A N   1 ? 
ATOM   953  C  CA  . ASP A 1 147 ? 3.059   11.308  -9.881  1.00 44.05 0 147 ASP A CA  1 ? 
ATOM   954  C  C   . ASP A 1 147 ? 3.766   11.125  -8.532  1.00 41.62 0 147 ASP A C   1 ? 
ATOM   955  O  O   . ASP A 1 147 ? 4.799   10.431  -8.507  1.00 41.77 0 147 ASP A O   1 ? 
ATOM   956  C  CB  . ASP A 1 147 ? 3.730   12.414  -10.704 1.00 46.76 0 147 ASP A CB  1 ? 
ATOM   957  C  CG  . ASP A 1 147 ? 3.477   12.305  -12.198 1.00 49.12 0 147 ASP A CG  1 ? 
ATOM   958  O  OD1 . ASP A 1 147 ? 2.519   11.608  -12.586 1.00 50.35 0 147 ASP A OD1 1 ? 
ATOM   959  O  OD2 . ASP A 1 147 ? 4.248   12.913  -12.965 1.00 52.10 0 147 ASP A OD2 1 ? 
ATOM   960  N  N   . ASP A 1 148 ? 3.231   11.720  -7.459  1.00 38.98 0 148 ASP A N   1 ? 
ATOM   961  C  CA  . ASP A 1 148 ? 3.776   11.609  -6.080  1.00 37.09 0 148 ASP A CA  1 ? 
ATOM   962  C  C   . ASP A 1 148 ? 3.497   10.217  -5.502  1.00 35.68 0 148 ASP A C   1 ? 
ATOM   963  O  O   . ASP A 1 148 ? 4.162   9.860   -4.515  1.00 34.98 0 148 ASP A O   1 ? 
ATOM   964  C  CB  . ASP A 1 148 ? 3.217   12.687  -5.148  1.00 37.27 0 148 ASP A CB  1 ? 
ATOM   965  C  CG  . ASP A 1 148 ? 4.063   13.945  -5.122  1.00 37.88 0 148 ASP A CG  1 ? 
ATOM   966  O  OD1 . ASP A 1 148 ? 4.401   14.441  -6.216  1.00 37.67 0 148 ASP A OD1 1 ? 
ATOM   967  O  OD2 . ASP A 1 148 ? 4.396   14.401  -4.011  1.00 38.07 0 148 ASP A OD2 1 ? 
ATOM   968  N  N   . VAL A 1 149 ? 2.550   9.468   -6.076  1.00 33.99 0 149 VAL A N   1 ? 
ATOM   969  C  CA  . VAL A 1 149 ? 2.177   8.108   -5.589  1.00 33.07 0 149 VAL A CA  1 ? 
ATOM   970  C  C   . VAL A 1 149 ? 3.261   7.125   -6.046  1.00 31.85 0 149 VAL A C   1 ? 
ATOM   971  O  O   . VAL A 1 149 ? 3.579   7.110   -7.252  1.00 30.76 0 149 VAL A O   1 ? 
ATOM   972  C  CB  . VAL A 1 149 ? 0.778   7.683   -6.075  1.00 33.47 0 149 VAL A CB  1 ? 
ATOM   973  C  CG1 . VAL A 1 149 ? 0.388   6.315   -5.535  1.00 33.11 0 149 VAL A CG1 1 ? 
ATOM   974  C  CG2 . VAL A 1 149 ? -0.281  8.717   -5.722  1.00 33.34 0 149 VAL A CG2 1 ? 
ATOM   975  N  N   . CYS A 1 150 ? 3.811   6.351   -5.108  1.00 30.33 0 150 CYS A N   1 ? 
ATOM   976  C  CA  . CYS A 1 150 ? 4.818   5.288   -5.361  1.00 30.60 0 150 CYS A CA  1 ? 
ATOM   977  C  C   . CYS A 1 150 ? 4.130   3.920   -5.421  1.00 29.85 0 150 CYS A C   1 ? 
ATOM   978  O  O   . CYS A 1 150 ? 4.473   3.124   -6.313  1.00 29.33 0 150 CYS A O   1 ? 
ATOM   979  C  CB  . CYS A 1 150 ? 5.888   5.301   -4.279  1.00 31.04 0 150 CYS A CB  1 ? 
ATOM   980  S  SG  . CYS A 1 150 ? 6.696   6.915   -4.118  1.00 30.78 0 150 CYS A SG  1 ? 
ATOM   981  N  N   . GLY A 1 151 ? 3.194   3.667   -4.503  1.00 29.11 0 151 GLY A N   1 ? 
ATOM   982  C  CA  . GLY A 1 151 ? 2.477   2.384   -4.406  1.00 28.02 0 151 GLY A CA  1 ? 
ATOM   983  C  C   . GLY A 1 151 ? 1.586   2.315   -3.182  1.00 27.35 0 151 GLY A C   1 ? 
ATOM   984  O  O   . GLY A 1 151 ? 1.343   3.364   -2.557  1.00 26.32 0 151 GLY A O   1 ? 
ATOM   985  N  N   . ALA A 1 152 ? 1.107   1.112   -2.858  1.00 26.67 0 152 ALA A N   1 ? 
ATOM   986  C  CA  . ALA A 1 152 ? 0.243   0.834   -1.690  1.00 26.80 0 152 ALA A CA  1 ? 
ATOM   987  C  C   . ALA A 1 152 ? 0.600   -0.531  -1.094  1.00 26.78 0 152 ALA A C   1 ? 
ATOM   988  O  O   . ALA A 1 152 ? 1.089   -1.403  -1.838  1.00 26.15 0 152 ALA A O   1 ? 
ATOM   989  C  CB  . ALA A 1 152 ? -1.209  0.906   -2.094  1.00 26.95 0 152 ALA A CB  1 ? 
ATOM   990  N  N   . VAL A 1 153 ? 0.361   -0.691  0.210   1.00 26.43 0 153 VAL A N   1 ? 
ATOM   991  C  CA  . VAL A 1 153 ? 0.684   -1.918  0.993   1.00 26.46 0 153 VAL A CA  1 ? 
ATOM   992  C  C   . VAL A 1 153 ? -0.520  -2.260  1.872   1.00 26.72 0 153 VAL A C   1 ? 
ATOM   993  O  O   . VAL A 1 153 ? -1.139  -1.321  2.414   1.00 27.17 0 153 VAL A O   1 ? 
ATOM   994  C  CB  . VAL A 1 153 ? 1.949   -1.717  1.850   1.00 26.23 0 153 VAL A CB  1 ? 
ATOM   995  C  CG1 . VAL A 1 153 ? 2.289   -2.962  2.653   1.00 25.78 0 153 VAL A CG1 1 ? 
ATOM   996  C  CG2 . VAL A 1 153 ? 3.136   -1.275  1.007   1.00 26.19 0 153 VAL A CG2 1 ? 
ATOM   997  N  N   . VAL A 1 154 ? -0.817  -3.553  2.015   1.00 26.52 0 154 VAL A N   1 ? 
ATOM   998  C  CA  . VAL A 1 154 ? -1.792  -4.086  3.010   1.00 26.88 0 154 VAL A CA  1 ? 
ATOM   999  C  C   . VAL A 1 154 ? -1.038  -5.064  3.919   1.00 27.04 0 154 VAL A C   1 ? 
ATOM   1000 O  O   . VAL A 1 154 ? -0.341  -5.950  3.391   1.00 27.24 0 154 VAL A O   1 ? 
ATOM   1001 C  CB  . VAL A 1 154 ? -3.024  -4.734  2.343   1.00 27.11 0 154 VAL A CB  1 ? 
ATOM   1002 C  CG1 . VAL A 1 154 ? -2.651  -5.779  1.304   1.00 26.89 0 154 VAL A CG1 1 ? 
ATOM   1003 C  CG2 . VAL A 1 154 ? -3.985  -5.323  3.365   1.00 27.02 0 154 VAL A CG2 1 ? 
ATOM   1004 N  N   . ASN A 1 155 ? -1.157  -4.873  5.236   1.00 27.51 0 155 ASN A N   1 ? 
ATOM   1005 C  CA  . ASN A 1 155 ? -0.584  -5.757  6.284   1.00 27.81 0 155 ASN A CA  1 ? 
ATOM   1006 C  C   . ASN A 1 155 ? -1.731  -6.520  6.953   1.00 27.43 0 155 ASN A C   1 ? 
ATOM   1007 O  O   . ASN A 1 155 ? -2.624  -5.863  7.520   1.00 27.05 0 155 ASN A O   1 ? 
ATOM   1008 C  CB  . ASN A 1 155 ? 0.221   -4.967  7.321   1.00 28.38 0 155 ASN A CB  1 ? 
ATOM   1009 C  CG  . ASN A 1 155 ? 1.103   -3.903  6.705   1.00 28.78 0 155 ASN A CG  1 ? 
ATOM   1010 O  OD1 . ASN A 1 155 ? 0.842   -2.711  6.856   1.00 29.53 0 155 ASN A OD1 1 ? 
ATOM   1011 N  ND2 . ASN A 1 155 ? 2.144   -4.323  6.006   1.00 29.02 0 155 ASN A ND2 1 ? 
ATOM   1012 N  N   . VAL A 1 156 ? -1.702  -7.852  6.876   1.00 28.06 0 156 VAL A N   1 ? 
ATOM   1013 C  CA  . VAL A 1 156 ? -2.679  -8.766  7.538   1.00 29.00 0 156 VAL A CA  1 ? 
ATOM   1014 C  C   . VAL A 1 156 ? -2.048  -9.259  8.843   1.00 30.00 0 156 VAL A C   1 ? 
ATOM   1015 O  O   . VAL A 1 156 ? -1.075  -10.031 8.761   1.00 30.84 0 156 VAL A O   1 ? 
ATOM   1016 C  CB  . VAL A 1 156 ? -3.063  -9.934  6.612   1.00 29.26 0 156 VAL A CB  1 ? 
ATOM   1017 C  CG1 . VAL A 1 156 ? -4.084  -10.863 7.258   1.00 29.23 0 156 VAL A CG1 1 ? 
ATOM   1018 C  CG2 . VAL A 1 156 ? -3.565  -9.432  5.266   1.00 29.40 0 156 VAL A CG2 1 ? 
ATOM   1019 N  N   . ARG A 1 157 ? -2.573  -8.810  9.989   1.00 31.57 0 157 ARG A N   1 ? 
ATOM   1020 C  CA  . ARG A 1 157 ? -2.037  -9.106  11.348  1.00 32.64 0 157 ARG A CA  1 ? 
ATOM   1021 C  C   . ARG A 1 157 ? -3.189  -9.442  12.301  1.00 33.78 0 157 ARG A C   1 ? 
ATOM   1022 O  O   . ARG A 1 157 ? -4.263  -8.821  12.170  1.00 33.70 0 157 ARG A O   1 ? 
ATOM   1023 C  CB  . ARG A 1 157 ? -1.251  -7.908  11.893  1.00 32.25 0 157 ARG A CB  1 ? 
ATOM   1024 C  CG  . ARG A 1 157 ? -0.066  -7.479  11.041  1.00 32.31 0 157 ARG A CG  1 ? 
ATOM   1025 C  CD  . ARG A 1 157 ? 1.069   -8.488  11.049  1.00 32.68 0 157 ARG A CD  1 ? 
ATOM   1026 N  NE  . ARG A 1 157 ? 2.232   -7.992  10.321  1.00 32.37 0 157 ARG A NE  1 ? 
ATOM   1027 C  CZ  . ARG A 1 157 ? 2.366   -7.991  8.994   1.00 32.70 0 157 ARG A CZ  1 ? 
ATOM   1028 N  NH1 . ARG A 1 157 ? 1.405   -8.467  8.216   1.00 32.20 0 157 ARG A NH1 1 ? 
ATOM   1029 N  NH2 . ARG A 1 157 ? 3.469   -7.503  8.449   1.00 32.27 0 157 ARG A NH2 1 ? 
ATOM   1030 N  N   . ALA A 1 158 ? -2.948  -10.365 13.240  1.00 36.34 0 158 ALA A N   1 ? 
ATOM   1031 C  CA  . ALA A 1 158 ? -3.915  -10.850 14.256  1.00 38.34 0 158 ALA A CA  1 ? 
ATOM   1032 C  C   . ALA A 1 158 ? -4.401  -9.685  15.130  1.00 40.30 0 158 ALA A C   1 ? 
ATOM   1033 O  O   . ALA A 1 158 ? -5.588  -9.687  15.506  1.00 41.01 0 158 ALA A O   1 ? 
ATOM   1034 C  CB  . ALA A 1 158 ? -3.279  -11.931 15.095  1.00 37.90 0 158 ALA A CB  1 ? 
ATOM   1035 N  N   . LYS A 1 159 ? -3.519  -8.724  15.423  1.00 42.48 0 159 LYS A N   1 ? 
ATOM   1036 C  CA  . LYS A 1 159 ? -3.795  -7.559  16.310  1.00 44.79 0 159 LYS A CA  1 ? 
ATOM   1037 C  C   . LYS A 1 159 ? -4.636  -6.505  15.573  1.00 43.21 0 159 LYS A C   1 ? 
ATOM   1038 O  O   . LYS A 1 159 ? -5.242  -5.655  16.251  1.00 45.19 0 159 LYS A O   1 ? 
ATOM   1039 C  CB  . LYS A 1 159 ? -2.475  -6.959  16.802  1.00 48.56 0 159 LYS A CB  1 ? 
ATOM   1040 C  CG  . LYS A 1 159 ? -1.563  -7.942  17.523  1.00 52.18 0 159 LYS A CG  1 ? 
ATOM   1041 C  CD  . LYS A 1 159 ? -0.341  -7.302  18.142  1.00 55.76 0 159 LYS A CD  1 ? 
ATOM   1042 C  CE  . LYS A 1 159 ? 0.585   -8.318  18.778  1.00 58.90 0 159 LYS A CE  1 ? 
ATOM   1043 N  NZ  . LYS A 1 159 ? 1.452   -7.698  19.809  1.00 61.55 0 159 LYS A NZ  1 ? 
ATOM   1044 N  N   . GLY A 1 160 ? -4.674  -6.558  14.240  1.00 40.46 0 160 GLY A N   1 ? 
ATOM   1045 C  CA  . GLY A 1 160 ? -5.391  -5.591  13.389  1.00 37.35 0 160 GLY A CA  1 ? 
ATOM   1046 C  C   . GLY A 1 160 ? -4.656  -5.387  12.080  1.00 35.00 0 160 GLY A C   1 ? 
ATOM   1047 O  O   . GLY A 1 160 ? -3.414  -5.419  12.091  1.00 34.59 0 160 GLY A O   1 ? 
ATOM   1048 N  N   . ASP A 1 161 ? -5.397  -5.189  10.988  1.00 32.81 0 161 ASP A N   1 ? 
ATOM   1049 C  CA  . ASP A 1 161 ? -4.833  -5.058  9.620   1.00 31.13 0 161 ASP A CA  1 ? 
ATOM   1050 C  C   . ASP A 1 161 ? -4.532  -3.584  9.336   1.00 30.00 0 161 ASP A C   1 ? 
ATOM   1051 O  O   . ASP A 1 161 ? -5.055  -2.712  10.057  1.00 29.75 0 161 ASP A O   1 ? 
ATOM   1052 C  CB  . ASP A 1 161 ? -5.776  -5.652  8.576   1.00 30.85 0 161 ASP A CB  1 ? 
ATOM   1053 C  CG  . ASP A 1 161 ? -6.196  -7.071  8.902   1.00 30.50 0 161 ASP A CG  1 ? 
ATOM   1054 O  OD1 . ASP A 1 161 ? -5.306  -7.892  9.206   1.00 30.68 0 161 ASP A OD1 1 ? 
ATOM   1055 O  OD2 . ASP A 1 161 ? -7.409  -7.335  8.880   1.00 31.05 0 161 ASP A OD2 1 ? 
ATOM   1056 N  N   . LYS A 1 162 ? -3.702  -3.336  8.323   1.00 28.31 0 162 LYS A N   1 ? 
ATOM   1057 C  CA  . LYS A 1 162 ? -3.300  -1.981  7.873   1.00 27.30 0 162 LYS A CA  1 ? 
ATOM   1058 C  C   . LYS A 1 162 ? -3.347  -1.937  6.346   1.00 26.20 0 162 LYS A C   1 ? 
ATOM   1059 O  O   . LYS A 1 162 ? -2.945  -2.929  5.718   1.00 25.82 0 162 LYS A O   1 ? 
ATOM   1060 C  CB  . LYS A 1 162 ? -1.888  -1.640  8.358   1.00 27.79 0 162 LYS A CB  1 ? 
ATOM   1061 C  CG  . LYS A 1 162 ? -1.705  -1.577  9.866   1.00 28.05 0 162 LYS A CG  1 ? 
ATOM   1062 C  CD  . LYS A 1 162 ? -2.417  -0.417  10.513  1.00 29.09 0 162 LYS A CD  1 ? 
ATOM   1063 C  CE  . LYS A 1 162 ? -1.868  -0.083  11.885  1.00 30.17 0 162 LYS A CE  1 ? 
ATOM   1064 N  NZ  . LYS A 1 162 ? -2.051  -1.204  12.838  1.00 30.48 0 162 LYS A NZ  1 ? 
ATOM   1065 N  N   . ILE A 1 163 ? -3.844  -0.836  5.786   1.00 25.70 0 163 ILE A N   1 ? 
ATOM   1066 C  CA  . ILE A 1 163 ? -3.614  -0.443  4.366   1.00 25.67 0 163 ILE A CA  1 ? 
ATOM   1067 C  C   . ILE A 1 163 ? -2.920  0.919   4.396   1.00 25.47 0 163 ILE A C   1 ? 
ATOM   1068 O  O   . ILE A 1 163 ? -3.151  1.674   5.355   1.00 25.98 0 163 ILE A O   1 ? 
ATOM   1069 C  CB  . ILE A 1 163 ? -4.919  -0.421  3.543   1.00 25.21 0 163 ILE A CB  1 ? 
ATOM   1070 C  CG1 . ILE A 1 163 ? -5.703  -1.730  3.674   1.00 25.65 0 163 ILE A CG1 1 ? 
ATOM   1071 C  CG2 . ILE A 1 163 ? -4.621  -0.096  2.085   1.00 25.00 0 163 ILE A CG2 1 ? 
ATOM   1072 C  CD1 . ILE A 1 163 ? -7.143  -1.634  3.215   1.00 25.73 0 163 ILE A CD1 1 ? 
ATOM   1073 N  N   . ALA A 1 164 ? -2.083  1.201   3.398   1.00 25.64 0 164 ALA A N   1 ? 
ATOM   1074 C  CA  . ALA A 1 164 ? -1.341  2.472   3.278   1.00 26.10 0 164 ALA A CA  1 ? 
ATOM   1075 C  C   . ALA A 1 164 ? -1.065  2.777   1.805   1.00 26.57 0 164 ALA A C   1 ? 
ATOM   1076 O  O   . ALA A 1 164 ? -0.786  1.830   1.050   1.00 27.12 0 164 ALA A O   1 ? 
ATOM   1077 C  CB  . ALA A 1 164 ? -0.064  2.390   4.075   1.00 26.55 0 164 ALA A CB  1 ? 
ATOM   1078 N  N   . ILE A 1 165 ? -1.160  4.054   1.428   1.00 26.97 0 165 ILE A N   1 ? 
ATOM   1079 C  CA  . ILE A 1 165 ? -0.666  4.589   0.124   1.00 27.15 0 165 ILE A CA  1 ? 
ATOM   1080 C  C   . ILE A 1 165 ? 0.672   5.290   0.382   1.00 28.01 0 165 ILE A C   1 ? 
ATOM   1081 O  O   . ILE A 1 165 ? 0.726   6.170   1.264   1.00 27.23 0 165 ILE A O   1 ? 
ATOM   1082 C  CB  . ILE A 1 165 ? -1.699  5.521   -0.540  1.00 26.70 0 165 ILE A CB  1 ? 
ATOM   1083 C  CG1 . ILE A 1 165 ? -2.906  4.722   -1.036  1.00 26.53 0 165 ILE A CG1 1 ? 
ATOM   1084 C  CG2 . ILE A 1 165 ? -1.052  6.333   -1.657  1.00 26.93 0 165 ILE A CG2 1 ? 
ATOM   1085 C  CD1 . ILE A 1 165 ? -3.985  5.549   -1.682  1.00 26.76 0 165 ILE A CD1 1 ? 
ATOM   1086 N  N   . TRP A 1 166 ? 1.697   4.900   -0.375  1.00 28.71 0 166 TRP A N   1 ? 
ATOM   1087 C  CA  . TRP A 1 166 ? 3.092   5.392   -0.261  1.00 29.13 0 166 TRP A CA  1 ? 
ATOM   1088 C  C   . TRP A 1 166 ? 3.293   6.550   -1.244  1.00 30.23 0 166 TRP A C   1 ? 
ATOM   1089 O  O   . TRP A 1 166 ? 2.999   6.353   -2.438  1.00 30.85 0 166 TRP A O   1 ? 
ATOM   1090 C  CB  . TRP A 1 166 ? 4.068   4.236   -0.519  1.00 28.82 0 166 TRP A CB  1 ? 
ATOM   1091 C  CG  . TRP A 1 166 ? 4.245   3.319   0.652   1.00 28.05 0 166 TRP A CG  1 ? 
ATOM   1092 C  CD1 . TRP A 1 166 ? 3.280   2.863   1.503   1.00 27.65 0 166 TRP A CD1 1 ? 
ATOM   1093 C  CD2 . TRP A 1 166 ? 5.478   2.734   1.102   1.00 28.30 0 166 TRP A CD2 1 ? 
ATOM   1094 N  NE1 . TRP A 1 166 ? 3.827   2.044   2.452   1.00 27.00 0 166 TRP A NE1 1 ? 
ATOM   1095 C  CE2 . TRP A 1 166 ? 5.174   1.943   2.231   1.00 27.82 0 166 TRP A CE2 1 ? 
ATOM   1096 C  CE3 . TRP A 1 166 ? 6.805   2.805   0.663   1.00 28.37 0 166 TRP A CE3 1 ? 
ATOM   1097 C  CZ2 . TRP A 1 166 ? 6.156   1.237   2.927   1.00 28.54 0 166 TRP A CZ2 1 ? 
ATOM   1098 C  CZ3 . TRP A 1 166 ? 7.772   2.105   1.350   1.00 28.60 0 166 TRP A CZ3 1 ? 
ATOM   1099 C  CH2 . TRP A 1 166 ? 7.450   1.334   2.468   1.00 28.57 0 166 TRP A CH2 1 ? 
ATOM   1100 N  N   . THR A 1 167 ? 3.756   7.708   -0.757  1.00 31.78 0 167 THR A N   1 ? 
ATOM   1101 C  CA  . THR A 1 167 ? 4.052   8.913   -1.579  1.00 32.99 0 167 THR A CA  1 ? 
ATOM   1102 C  C   . THR A 1 167 ? 5.562   9.189   -1.551  1.00 34.52 0 167 THR A C   1 ? 
ATOM   1103 O  O   . THR A 1 167 ? 6.239   8.729   -0.609  1.00 33.37 0 167 THR A O   1 ? 
ATOM   1104 C  CB  . THR A 1 167 ? 3.218   10.127  -1.144  1.00 32.46 0 167 THR A CB  1 ? 
ATOM   1105 O  OG1 . THR A 1 167 ? 3.819   10.731  0.003   1.00 32.48 0 167 THR A OG1 1 ? 
ATOM   1106 C  CG2 . THR A 1 167 ? 1.780   9.766   -0.838  1.00 32.20 0 167 THR A CG2 1 ? 
ATOM   1107 N  N   . THR A 1 168 ? 6.049   9.928   -2.552  1.00 37.33 0 168 THR A N   1 ? 
ATOM   1108 C  CA  . THR A 1 168 ? 7.485   10.048  -2.920  1.00 38.85 0 168 THR A CA  1 ? 
ATOM   1109 C  C   . THR A 1 168 ? 8.197   11.075  -2.029  1.00 41.16 0 168 THR A C   1 ? 
ATOM   1110 O  O   . THR A 1 168 ? 9.411   10.892  -1.797  1.00 39.96 0 168 THR A O   1 ? 
ATOM   1111 C  CB  . THR A 1 168 ? 7.630   10.377  -4.412  1.00 38.38 0 168 THR A CB  1 ? 
ATOM   1112 O  OG1 . THR A 1 168 ? 8.977   10.094  -4.793  1.00 38.48 0 168 THR A OG1 1 ? 
ATOM   1113 C  CG2 . THR A 1 168 ? 7.285   11.811  -4.752  1.00 38.58 0 168 THR A CG2 1 ? 
ATOM   1114 N  N   . GLU A 1 169 ? 7.479   12.097  -1.548  1.00 43.83 0 169 GLU A N   1 ? 
ATOM   1115 C  CA  . GLU A 1 169 ? 8.065   13.271  -0.844  1.00 46.74 0 169 GLU A CA  1 ? 
ATOM   1116 C  C   . GLU A 1 169 ? 7.102   13.759  0.249   1.00 47.83 0 169 GLU A C   1 ? 
ATOM   1117 O  O   . GLU A 1 169 ? 6.030   14.285  -0.101  1.00 48.31 0 169 GLU A O   1 ? 
ATOM   1118 C  CB  . GLU A 1 169 ? 8.369   14.362  -1.875  1.00 48.57 0 169 GLU A CB  1 ? 
ATOM   1119 C  CG  . GLU A 1 169 ? 9.314   15.439  -1.375  1.00 50.96 0 169 GLU A CG  1 ? 
ATOM   1120 C  CD  . GLU A 1 169 ? 10.718  14.953  -1.056  1.00 52.07 0 169 GLU A CD  1 ? 
ATOM   1121 O  OE1 . GLU A 1 169 ? 11.402  14.461  -1.982  1.00 49.95 0 169 GLU A OE1 1 ? 
ATOM   1122 O  OE2 . GLU A 1 169 ? 11.118  15.060  0.123   1.00 54.10 0 169 GLU A OE2 1 ? 
ATOM   1123 N  N   . CYS A 1 170 ? 7.479   13.608  1.523   1.00 50.34 0 170 CYS A N   1 ? 
ATOM   1124 C  CA  . CYS A 1 170 ? 6.658   14.013  2.698   1.00 54.79 0 170 CYS A CA  1 ? 
ATOM   1125 C  C   . CYS A 1 170 ? 6.728   15.532  2.912   1.00 57.26 0 170 CYS A C   1 ? 
ATOM   1126 O  O   . CYS A 1 170 ? 5.970   16.033  3.764   1.00 57.80 0 170 CYS A O   1 ? 
ATOM   1127 C  CB  . CYS A 1 170 ? 7.082   13.276  3.963   1.00 56.12 0 170 CYS A CB  1 ? 
ATOM   1128 S  SG  . CYS A 1 170 ? 8.762   13.656  4.522   1.00 61.58 0 170 CYS A SG  1 ? 
ATOM   1129 N  N   . GLU A 1 171 ? 7.591   16.231  2.163   1.00 62.63 0 171 GLU A N   1 ? 
ATOM   1130 C  CA  . GLU A 1 171 ? 7.757   17.712  2.204   1.00 65.13 0 171 GLU A CA  1 ? 
ATOM   1131 C  C   . GLU A 1 171 ? 6.657   18.392  1.377   1.00 65.88 0 171 GLU A C   1 ? 
ATOM   1132 O  O   . GLU A 1 171 ? 6.277   19.525  1.737   1.00 66.70 0 171 GLU A O   1 ? 
ATOM   1133 C  CB  . GLU A 1 171 ? 9.138   18.120  1.679   1.00 67.40 0 171 GLU A CB  1 ? 
ATOM   1134 C  CG  . GLU A 1 171 ? 10.304  17.492  2.428   1.00 69.39 0 171 GLU A CG  1 ? 
ATOM   1135 C  CD  . GLU A 1 171 ? 10.612  18.081  3.796   1.00 70.86 0 171 GLU A CD  1 ? 
ATOM   1136 O  OE1 . GLU A 1 171 ? 9.733   18.757  4.367   1.00 71.87 0 171 GLU A OE1 1 ? 
ATOM   1137 O  OE2 . GLU A 1 171 ? 11.738  17.861  4.290   1.00 70.91 0 171 GLU A OE2 1 ? 
ATOM   1138 N  N   . ASN A 1 172 ? 6.179   17.737  0.308   1.00 66.10 0 172 ASN A N   1 ? 
ATOM   1139 C  CA  . ASN A 1 172 ? 5.125   18.257  -0.610  1.00 64.78 0 172 ASN A CA  1 ? 
ATOM   1140 C  C   . ASN A 1 172 ? 3.778   18.267  0.124   1.00 65.36 0 172 ASN A C   1 ? 
ATOM   1141 O  O   . ASN A 1 172 ? 3.083   17.233  0.096   1.00 65.13 0 172 ASN A O   1 ? 
ATOM   1142 C  CB  . ASN A 1 172 ? 5.026   17.435  -1.899  1.00 64.41 0 172 ASN A CB  1 ? 
ATOM   1143 C  CG  . ASN A 1 172 ? 6.313   17.403  -2.696  1.00 64.89 0 172 ASN A CG  1 ? 
ATOM   1144 O  OD1 . ASN A 1 172 ? 7.356   17.853  -2.226  1.00 65.36 0 172 ASN A OD1 1 ? 
ATOM   1145 N  ND2 . ASN A 1 172 ? 6.250   16.863  -3.903  1.00 64.93 0 172 ASN A ND2 1 ? 
ATOM   1146 N  N   . ARG A 1 173 ? 3.423   19.396  0.745   1.00 66.31 0 173 ARG A N   1 ? 
ATOM   1147 C  CA  . ARG A 1 173 ? 2.249   19.522  1.649   1.00 66.91 0 173 ARG A CA  1 ? 
ATOM   1148 C  C   . ARG A 1 173 ? 0.954   19.433  0.833   1.00 64.80 0 173 ARG A C   1 ? 
ATOM   1149 O  O   . ARG A 1 173 ? 0.040   18.714  1.277   1.00 63.39 0 173 ARG A O   1 ? 
ATOM   1150 C  CB  . ARG A 1 173 ? 2.330   20.820  2.461   1.00 70.49 0 173 ARG A CB  1 ? 
ATOM   1151 C  CG  . ARG A 1 173 ? 3.579   20.914  3.327   1.00 74.49 0 173 ARG A CG  1 ? 
ATOM   1152 C  CD  . ARG A 1 173 ? 3.377   21.648  4.641   1.00 77.45 0 173 ARG A CD  1 ? 
ATOM   1153 N  NE  . ARG A 1 173 ? 4.472   21.382  5.568   1.00 79.23 0 173 ARG A NE  1 ? 
ATOM   1154 C  CZ  . ARG A 1 173 ? 4.650   21.986  6.741   1.00 80.79 0 173 ARG A CZ  1 ? 
ATOM   1155 N  NH1 . ARG A 1 173 ? 3.802   22.913  7.159   1.00 80.89 0 173 ARG A NH1 1 ? 
ATOM   1156 N  NH2 . ARG A 1 173 ? 5.686   21.661  7.497   1.00 81.27 0 173 ARG A NH2 1 ? 
ATOM   1157 N  N   . GLU A 1 174 ? 0.885   20.127  -0.309  1.00 63.28 0 174 GLU A N   1 ? 
ATOM   1158 C  CA  . GLU A 1 174 ? -0.305  20.143  -1.207  1.00 62.76 0 174 GLU A CA  1 ? 
ATOM   1159 C  C   . GLU A 1 174 ? -0.586  18.719  -1.696  1.00 57.94 0 174 GLU A C   1 ? 
ATOM   1160 O  O   . GLU A 1 174 ? -1.749  18.283  -1.603  1.00 58.75 0 174 GLU A O   1 ? 
ATOM   1161 C  CB  . GLU A 1 174 ? -0.097  21.073  -2.406  1.00 65.58 0 174 GLU A CB  1 ? 
ATOM   1162 C  CG  . GLU A 1 174 ? -0.197  22.551  -2.067  1.00 69.10 0 174 GLU A CG  1 ? 
ATOM   1163 C  CD  . GLU A 1 174 ? 1.103   23.216  -1.642  1.00 72.72 0 174 GLU A CD  1 ? 
ATOM   1164 O  OE1 . GLU A 1 174 ? 1.174   24.461  -1.715  1.00 74.09 0 174 GLU A OE1 1 ? 
ATOM   1165 O  OE2 . GLU A 1 174 ? 2.041   22.494  -1.236  1.00 75.41 0 174 GLU A OE2 1 ? 
ATOM   1166 N  N   . ALA A 1 175 ? 0.450   18.035  -2.194  1.00 52.63 0 175 ALA A N   1 ? 
ATOM   1167 C  CA  . ALA A 1 175 ? 0.391   16.665  -2.758  1.00 49.52 0 175 ALA A CA  1 ? 
ATOM   1168 C  C   . ALA A 1 175 ? -0.115  15.681  -1.697  1.00 46.89 0 175 ALA A C   1 ? 
ATOM   1169 O  O   . ALA A 1 175 ? -1.145  15.019  -1.943  1.00 45.44 0 175 ALA A O   1 ? 
ATOM   1170 C  CB  . ALA A 1 175 ? 1.753   16.269  -3.276  1.00 49.02 0 175 ALA A CB  1 ? 
ATOM   1171 N  N   . VAL A 1 176 ? 0.578   15.611  -0.556  1.00 43.95 0 176 VAL A N   1 ? 
ATOM   1172 C  CA  . VAL A 1 176 ? 0.267   14.681  0.571   1.00 43.34 0 176 VAL A CA  1 ? 
ATOM   1173 C  C   . VAL A 1 176 ? -1.156  14.957  1.071   1.00 43.12 0 176 VAL A C   1 ? 
ATOM   1174 O  O   . VAL A 1 176 ? -1.889  13.981  1.297   1.00 42.33 0 176 VAL A O   1 ? 
ATOM   1175 C  CB  . VAL A 1 176 ? 1.308   14.797  1.703   1.00 42.92 0 176 VAL A CB  1 ? 
ATOM   1176 C  CG1 . VAL A 1 176 ? 0.845   14.111  2.980   1.00 42.99 0 176 VAL A CG1 1 ? 
ATOM   1177 C  CG2 . VAL A 1 176 ? 2.663   14.255  1.273   1.00 43.98 0 176 VAL A CG2 1 ? 
ATOM   1178 N  N   . THR A 1 177 ? -1.534  16.231  1.223   1.00 43.08 0 177 THR A N   1 ? 
ATOM   1179 C  CA  . THR A 1 177 ? -2.850  16.665  1.774   1.00 42.63 0 177 THR A CA  1 ? 
ATOM   1180 C  C   . THR A 1 177 ? -3.968  16.291  0.790   1.00 41.22 0 177 THR A C   1 ? 
ATOM   1181 O  O   . THR A 1 177 ? -5.007  15.778  1.259   1.00 40.30 0 177 THR A O   1 ? 
ATOM   1182 C  CB  . THR A 1 177 ? -2.849  18.165  2.110   1.00 42.78 0 177 THR A CB  1 ? 
ATOM   1183 O  OG1 . THR A 1 177 ? -1.809  18.410  3.058   1.00 42.51 0 177 THR A OG1 1 ? 
ATOM   1184 C  CG2 . THR A 1 177 ? -4.164  18.647  2.681   1.00 43.08 0 177 THR A CG2 1 ? 
ATOM   1185 N  N   . HIS A 1 178 ? -3.766  16.548  -0.508  1.00 39.94 0 178 HIS A N   1 ? 
ATOM   1186 C  CA  . HIS A 1 178 ? -4.737  16.248  -1.598  1.00 40.89 0 178 HIS A CA  1 ? 
ATOM   1187 C  C   . HIS A 1 178 ? -4.953  14.731  -1.689  1.00 39.84 0 178 HIS A C   1 ? 
ATOM   1188 O  O   . HIS A 1 178 ? -6.125  14.308  -1.771  1.00 39.33 0 178 HIS A O   1 ? 
ATOM   1189 C  CB  . HIS A 1 178 ? -4.262  16.843  -2.932  1.00 42.02 0 178 HIS A CB  1 ? 
ATOM   1190 C  CG  . HIS A 1 178 ? -5.203  16.613  -4.070  1.00 43.75 0 178 HIS A CG  1 ? 
ATOM   1191 N  ND1 . HIS A 1 178 ? -6.319  17.403  -4.282  1.00 45.06 0 178 HIS A ND1 1 ? 
ATOM   1192 C  CD2 . HIS A 1 178 ? -5.198  15.697  -5.064  1.00 43.91 0 178 HIS A CD2 1 ? 
ATOM   1193 C  CE1 . HIS A 1 178 ? -6.959  16.981  -5.355  1.00 43.43 0 178 HIS A CE1 1 ? 
ATOM   1194 N  NE2 . HIS A 1 178 ? -6.288  15.939  -5.854  1.00 43.41 0 178 HIS A NE2 1 ? 
ATOM   1195 N  N   . ILE A 1 179 ? -3.864  13.955  -1.665  1.00 37.14 0 179 ILE A N   1 ? 
ATOM   1196 C  CA  . ILE A 1 179 ? -3.885  12.462  -1.716  1.00 36.02 0 179 ILE A CA  1 ? 
ATOM   1197 C  C   . ILE A 1 179 ? -4.677  11.943  -0.509  1.00 34.74 0 179 ILE A C   1 ? 
ATOM   1198 O  O   . ILE A 1 179 ? -5.582  11.119  -0.716  1.00 34.39 0 179 ILE A O   1 ? 
ATOM   1199 C  CB  . ILE A 1 179 ? -2.453  11.888  -1.792  1.00 35.56 0 179 ILE A CB  1 ? 
ATOM   1200 C  CG1 . ILE A 1 179 ? -1.835  12.126  -3.174  1.00 35.10 0 179 ILE A CG1 1 ? 
ATOM   1201 C  CG2 . ILE A 1 179 ? -2.433  10.412  -1.417  1.00 35.32 0 179 ILE A CG2 1 ? 
ATOM   1202 C  CD1 . ILE A 1 179 ? -0.359  11.813  -3.261  1.00 35.04 0 179 ILE A CD1 1 ? 
ATOM   1203 N  N   . GLY A 1 180 ? -4.365  12.435  0.693   1.00 34.77 0 180 GLY A N   1 ? 
ATOM   1204 C  CA  . GLY A 1 180 ? -5.042  12.076  1.955   1.00 35.27 0 180 GLY A CA  1 ? 
ATOM   1205 C  C   . GLY A 1 180 ? -6.544  12.302  1.891   1.00 36.44 0 180 GLY A C   1 ? 
ATOM   1206 O  O   . GLY A 1 180 ? -7.295  11.381  2.274   1.00 35.37 0 180 GLY A O   1 ? 
ATOM   1207 N  N   . ARG A 1 181 ? -6.969  13.482  1.427   1.00 37.92 0 181 ARG A N   1 ? 
ATOM   1208 C  CA  . ARG A 1 181 ? -8.397  13.899  1.367   1.00 39.40 0 181 ARG A CA  1 ? 
ATOM   1209 C  C   . ARG A 1 181 ? -9.148  13.012  0.370   1.00 36.53 0 181 ARG A C   1 ? 
ATOM   1210 O  O   . ARG A 1 181 ? -10.216 12.498  0.737   1.00 36.51 0 181 ARG A O   1 ? 
ATOM   1211 C  CB  . ARG A 1 181 ? -8.522  15.382  0.995   1.00 42.79 0 181 ARG A CB  1 ? 
ATOM   1212 C  CG  . ARG A 1 181 ? -8.332  16.326  2.174   1.00 47.37 0 181 ARG A CG  1 ? 
ATOM   1213 C  CD  . ARG A 1 181 ? -8.108  17.775  1.779   1.00 51.12 0 181 ARG A CD  1 ? 
ATOM   1214 N  NE  . ARG A 1 181 ? -8.093  18.638  2.956   1.00 55.82 0 181 ARG A NE  1 ? 
ATOM   1215 C  CZ  . ARG A 1 181 ? -7.688  19.908  2.980   1.00 60.00 0 181 ARG A CZ  1 ? 
ATOM   1216 N  NH1 . ARG A 1 181 ? -7.245  20.497  1.879   1.00 61.72 0 181 ARG A NH1 1 ? 
ATOM   1217 N  NH2 . ARG A 1 181 ? -7.723  20.590  4.113   1.00 60.22 0 181 ARG A NH2 1 ? 
ATOM   1218 N  N   . VAL A 1 182 ? -8.602  12.842  -0.837  1.00 34.23 0 182 VAL A N   1 ? 
ATOM   1219 C  CA  . VAL A 1 182 ? -9.235  12.062  -1.942  1.00 33.13 0 182 VAL A CA  1 ? 
ATOM   1220 C  C   . VAL A 1 182 ? -9.353  10.593  -1.506  1.00 32.38 0 182 VAL A C   1 ? 
ATOM   1221 O  O   . VAL A 1 182 ? -10.447 10.012  -1.684  1.00 30.59 0 182 VAL A O   1 ? 
ATOM   1222 C  CB  . VAL A 1 182 ? -8.447  12.212  -3.259  1.00 33.35 0 182 VAL A CB  1 ? 
ATOM   1223 C  CG1 . VAL A 1 182 ? -8.917  11.231  -4.322  1.00 33.98 0 182 VAL A CG1 1 ? 
ATOM   1224 C  CG2 . VAL A 1 182 ? -8.512  13.636  -3.793  1.00 33.20 0 182 VAL A CG2 1 ? 
ATOM   1225 N  N   . TYR A 1 183 ? -8.277  10.033  -0.939  1.00 31.07 0 183 TYR A N   1 ? 
ATOM   1226 C  CA  . TYR A 1 183 ? -8.183  8.617   -0.494  1.00 31.00 0 183 TYR A CA  1 ? 
ATOM   1227 C  C   . TYR A 1 183 ? -9.257  8.339   0.558   1.00 31.11 0 183 TYR A C   1 ? 
ATOM   1228 O  O   . TYR A 1 183 ? -10.009 7.357   0.392   1.00 31.51 0 183 TYR A O   1 ? 
ATOM   1229 C  CB  . TYR A 1 183 ? -6.781  8.302   0.038   1.00 31.30 0 183 TYR A CB  1 ? 
ATOM   1230 C  CG  . TYR A 1 183 ? -6.534  6.862   0.422   1.00 31.24 0 183 TYR A CG  1 ? 
ATOM   1231 C  CD1 . TYR A 1 183 ? -7.121  5.814   -0.273  1.00 31.01 0 183 TYR A CD1 1 ? 
ATOM   1232 C  CD2 . TYR A 1 183 ? -5.668  6.544   1.456   1.00 31.05 0 183 TYR A CD2 1 ? 
ATOM   1233 C  CE1 . TYR A 1 183 ? -6.882  4.493   0.072   1.00 30.76 0 183 TYR A CE1 1 ? 
ATOM   1234 C  CE2 . TYR A 1 183 ? -5.413  5.230   1.811   1.00 30.86 0 183 TYR A CE2 1 ? 
ATOM   1235 C  CZ  . TYR A 1 183 ? -6.021  4.200   1.115   1.00 31.58 0 183 TYR A CZ  1 ? 
ATOM   1236 O  OH  . TYR A 1 183 ? -5.782  2.900   1.460   1.00 31.48 0 183 TYR A OH  1 ? 
ATOM   1237 N  N   . LYS A 1 184 ? -9.336  9.181   1.594   1.00 31.35 0 184 LYS A N   1 ? 
ATOM   1238 C  CA  . LYS A 1 184 ? -10.320 9.028   2.700   1.00 32.10 0 184 LYS A CA  1 ? 
ATOM   1239 C  C   . LYS A 1 184 ? -11.743 9.110   2.137   1.00 31.87 0 184 LYS A C   1 ? 
ATOM   1240 O  O   . LYS A 1 184 ? -12.590 8.321   2.581   1.00 31.15 0 184 LYS A O   1 ? 
ATOM   1241 C  CB  . LYS A 1 184 ? -10.119 10.081  3.793   1.00 32.16 0 184 LYS A CB  1 ? 
ATOM   1242 C  CG  . LYS A 1 184 ? -11.068 9.924   4.973   1.00 32.77 0 184 LYS A CG  1 ? 
ATOM   1243 C  CD  . LYS A 1 184 ? -10.746 10.789  6.164   1.00 33.55 0 184 LYS A CD  1 ? 
ATOM   1244 C  CE  . LYS A 1 184 ? -11.459 10.321  7.416   1.00 33.92 0 184 LYS A CE  1 ? 
ATOM   1245 N  NZ  . LYS A 1 184 ? -11.170 11.195  8.575   1.00 34.62 0 184 LYS A NZ  1 ? 
ATOM   1246 N  N   . GLU A 1 185 ? -11.997 10.032  1.207   1.00 32.96 0 185 GLU A N   1 ? 
ATOM   1247 C  CA  . GLU A 1 185 ? -13.329 10.214  0.569   1.00 35.20 0 185 GLU A CA  1 ? 
ATOM   1248 C  C   . GLU A 1 185 ? -13.693 8.939   -0.210  1.00 34.79 0 185 GLU A C   1 ? 
ATOM   1249 O  O   . GLU A 1 185 ? -14.849 8.483   -0.101  1.00 34.28 0 185 GLU A O   1 ? 
ATOM   1250 C  CB  . GLU A 1 185 ? -13.328 11.455  -0.329  1.00 36.61 0 185 GLU A CB  1 ? 
ATOM   1251 C  CG  . GLU A 1 185 ? -14.609 11.620  -1.126  1.00 39.18 0 185 GLU A CG  1 ? 
ATOM   1252 C  CD  . GLU A 1 185 ? -14.702 12.910  -1.917  1.00 41.25 0 185 GLU A CD  1 ? 
ATOM   1253 O  OE1 . GLU A 1 185 ? -15.131 13.924  -1.338  1.00 45.13 0 185 GLU A OE1 1 ? 
ATOM   1254 O  OE2 . GLU A 1 185 ? -14.342 12.895  -3.108  1.00 43.84 0 185 GLU A OE2 1 ? 
ATOM   1255 N  N   . ARG A 1 186 ? -12.728 8.378   -0.944  1.00 34.62 0 186 ARG A N   1 ? 
ATOM   1256 C  CA  . ARG A 1 186 ? -12.894 7.177   -1.809  1.00 34.38 0 186 ARG A CA  1 ? 
ATOM   1257 C  C   . ARG A 1 186 ? -13.186 5.935   -0.952  1.00 32.65 0 186 ARG A C   1 ? 
ATOM   1258 O  O   . ARG A 1 186 ? -13.980 5.086   -1.404  1.00 32.27 0 186 ARG A O   1 ? 
ATOM   1259 C  CB  . ARG A 1 186 ? -11.649 6.993   -2.682  1.00 36.33 0 186 ARG A CB  1 ? 
ATOM   1260 C  CG  . ARG A 1 186 ? -11.700 7.753   -4.001  1.00 37.67 0 186 ARG A CG  1 ? 
ATOM   1261 C  CD  . ARG A 1 186 ? -12.356 6.934   -5.099  1.00 39.84 0 186 ARG A CD  1 ? 
ATOM   1262 N  NE  . ARG A 1 186 ? -11.727 7.148   -6.399  1.00 41.95 0 186 ARG A NE  1 ? 
ATOM   1263 C  CZ  . ARG A 1 186 ? -11.413 6.197   -7.281  1.00 42.91 0 186 ARG A CZ  1 ? 
ATOM   1264 N  NH1 . ARG A 1 186 ? -11.637 4.916   -7.028  1.00 42.59 0 186 ARG A NH1 1 ? 
ATOM   1265 N  NH2 . ARG A 1 186 ? -10.852 6.537   -8.428  1.00 43.92 0 186 ARG A NH2 1 ? 
ATOM   1266 N  N   . LEU A 1 187 ? -12.577 5.829   0.233   1.00 31.80 0 187 LEU A N   1 ? 
ATOM   1267 C  CA  . LEU A 1 187 ? -12.851 4.741   1.214   1.00 31.58 0 187 LEU A CA  1 ? 
ATOM   1268 C  C   . LEU A 1 187 ? -14.193 4.998   1.911   1.00 31.62 0 187 LEU A C   1 ? 
ATOM   1269 O  O   . LEU A 1 187 ? -14.790 4.026   2.418   1.00 32.55 0 187 LEU A O   1 ? 
ATOM   1270 C  CB  . LEU A 1 187 ? -11.715 4.672   2.239   1.00 31.92 0 187 LEU A CB  1 ? 
ATOM   1271 C  CG  . LEU A 1 187 ? -10.342 4.299   1.684   1.00 32.12 0 187 LEU A CG  1 ? 
ATOM   1272 C  CD1 . LEU A 1 187 ? -9.284  4.403   2.769   1.00 32.18 0 187 LEU A CD1 1 ? 
ATOM   1273 C  CD2 . LEU A 1 187 ? -10.357 2.904   1.076   1.00 32.22 0 187 LEU A CD2 1 ? 
ATOM   1274 N  N   . GLY A 1 188 ? -14.635 6.260   1.951   1.00 30.84 0 188 GLY A N   1 ? 
ATOM   1275 C  CA  . GLY A 1 188 ? -15.903 6.676   2.579   1.00 29.81 0 188 GLY A CA  1 ? 
ATOM   1276 C  C   . GLY A 1 188 ? -15.833 6.602   4.092   1.00 29.03 0 188 GLY A C   1 ? 
ATOM   1277 O  O   . GLY A 1 188 ? -16.885 6.378   4.713   1.00 28.90 0 188 GLY A O   1 ? 
ATOM   1278 N  N   . LEU A 1 189 ? -14.642 6.784   4.670   1.00 29.39 0 189 LEU A N   1 ? 
ATOM   1279 C  CA  . LEU A 1 189 ? -14.438 6.846   6.142   1.00 30.39 0 189 LEU A CA  1 ? 
ATOM   1280 C  C   . LEU A 1 189 ? -15.055 8.139   6.668   1.00 31.15 0 189 LEU A C   1 ? 
ATOM   1281 O  O   . LEU A 1 189 ? -14.940 9.181   6.027   1.00 30.31 0 189 LEU A O   1 ? 
ATOM   1282 C  CB  . LEU A 1 189 ? -12.943 6.798   6.470   1.00 30.20 0 189 LEU A CB  1 ? 
ATOM   1283 C  CG  . LEU A 1 189 ? -12.228 5.484   6.163   1.00 30.06 0 189 LEU A CG  1 ? 
ATOM   1284 C  CD1 . LEU A 1 189 ? -10.737 5.617   6.428   1.00 29.67 0 189 LEU A CD1 1 ? 
ATOM   1285 C  CD2 . LEU A 1 189 ? -12.818 4.333   6.969   1.00 29.77 0 189 LEU A CD2 1 ? 
ATOM   1286 N  N   . PRO A 1 190 ? -15.715 8.109   7.850   1.00 32.53 0 190 PRO A N   1 ? 
ATOM   1287 C  CA  . PRO A 1 190 ? -16.272 9.317   8.456   1.00 33.44 0 190 PRO A CA  1 ? 
ATOM   1288 C  C   . PRO A 1 190 ? -15.196 10.153  9.142   1.00 34.19 0 190 PRO A C   1 ? 
ATOM   1289 O  O   . PRO A 1 190 ? -14.072 9.688   9.325   1.00 34.43 0 190 PRO A O   1 ? 
ATOM   1290 C  CB  . PRO A 1 190 ? -17.279 8.760   9.471   1.00 33.56 0 190 PRO A CB  1 ? 
ATOM   1291 C  CG  . PRO A 1 190 ? -16.668 7.442   9.902   1.00 33.65 0 190 PRO A CG  1 ? 
ATOM   1292 C  CD  . PRO A 1 190 ? -15.968 6.909   8.666   1.00 33.27 0 190 PRO A CD  1 ? 
ATOM   1293 N  N   . PRO A 1 191 ? -15.498 11.416  9.518   1.00 34.88 0 191 PRO A N   1 ? 
ATOM   1294 C  CA  . PRO A 1 191 ? -14.522 12.290  10.175  1.00 35.39 0 191 PRO A CA  1 ? 
ATOM   1295 C  C   . PRO A 1 191 ? -13.874 11.734  11.456  1.00 36.73 0 191 PRO A C   1 ? 
ATOM   1296 O  O   . PRO A 1 191 ? -12.701 12.006  11.662  1.00 36.36 0 191 PRO A O   1 ? 
ATOM   1297 C  CB  . PRO A 1 191 ? -15.353 13.539  10.510  1.00 35.33 0 191 PRO A CB  1 ? 
ATOM   1298 C  CG  . PRO A 1 191 ? -16.420 13.559  9.437   1.00 34.86 0 191 PRO A CG  1 ? 
ATOM   1299 C  CD  . PRO A 1 191 ? -16.773 12.099  9.252   1.00 34.84 0 191 PRO A CD  1 ? 
ATOM   1300 N  N   . LYS A 1 192 ? -14.630 10.989  12.271  1.00 37.57 0 192 LYS A N   1 ? 
ATOM   1301 C  CA  . LYS A 1 192 ? -14.192 10.508  13.612  1.00 39.51 0 192 LYS A CA  1 ? 
ATOM   1302 C  C   . LYS A 1 192 ? -13.059 9.479   13.473  1.00 40.50 0 192 LYS A C   1 ? 
ATOM   1303 O  O   . LYS A 1 192 ? -12.283 9.338   14.440  1.00 40.17 0 192 LYS A O   1 ? 
ATOM   1304 C  CB  . LYS A 1 192 ? -15.373 9.937   14.408  1.00 40.35 0 192 LYS A CB  1 ? 
ATOM   1305 C  CG  . LYS A 1 192 ? -15.938 8.620   13.896  1.00 41.82 0 192 LYS A CG  1 ? 
ATOM   1306 C  CD  . LYS A 1 192 ? -16.931 7.974   14.840  1.00 42.97 0 192 LYS A CD  1 ? 
ATOM   1307 C  CE  . LYS A 1 192 ? -16.900 6.459   14.775  1.00 44.99 0 192 LYS A CE  1 ? 
ATOM   1308 N  NZ  . LYS A 1 192 ? -18.236 5.865   15.025  1.00 46.34 0 192 LYS A NZ  1 ? 
ATOM   1309 N  N   . ILE A 1 193 ? -12.972 8.774   12.339  1.00 40.92 0 193 ILE A N   1 ? 
ATOM   1310 C  CA  . ILE A 1 193 ? -11.814 7.889   12.001  1.00 40.81 0 193 ILE A CA  1 ? 
ATOM   1311 C  C   . ILE A 1 193 ? -10.728 8.773   11.381  1.00 39.82 0 193 ILE A C   1 ? 
ATOM   1312 O  O   . ILE A 1 193 ? -10.822 9.065   10.176  1.00 39.39 0 193 ILE A O   1 ? 
ATOM   1313 C  CB  . ILE A 1 193 ? -12.217 6.730   11.064  1.00 42.06 0 193 ILE A CB  1 ? 
ATOM   1314 C  CG1 . ILE A 1 193 ? -13.376 5.900   11.624  1.00 42.17 0 193 ILE A CG1 1 ? 
ATOM   1315 C  CG2 . ILE A 1 193 ? -11.008 5.859   10.743  1.00 41.85 0 193 ILE A CG2 1 ? 
ATOM   1316 C  CD1 . ILE A 1 193 ? -13.073 5.201   12.932  1.00 42.34 0 193 ILE A CD1 1 ? 
ATOM   1317 N  N   . VAL A 1 194 ? -9.752  9.192   12.191  1.00 39.32 0 194 VAL A N   1 ? 
ATOM   1318 C  CA  . VAL A 1 194 ? -8.629  10.085  11.776  1.00 38.65 0 194 VAL A CA  1 ? 
ATOM   1319 C  C   . VAL A 1 194 ? -7.507  9.204   11.218  1.00 38.23 0 194 VAL A C   1 ? 
ATOM   1320 O  O   . VAL A 1 194 ? -7.001  8.353   11.971  1.00 37.98 0 194 VAL A O   1 ? 
ATOM   1321 C  CB  . VAL A 1 194 ? -8.127  10.958  12.945  1.00 38.28 0 194 VAL A CB  1 ? 
ATOM   1322 C  CG1 . VAL A 1 194 ? -7.043  11.930  12.498  1.00 37.79 0 194 VAL A CG1 1 ? 
ATOM   1323 C  CG2 . VAL A 1 194 ? -9.266  11.705  13.624  1.00 38.20 0 194 VAL A CG2 1 ? 
ATOM   1324 N  N   . ILE A 1 195 ? -7.157  9.395   9.943   1.00 37.44 0 195 ILE A N   1 ? 
ATOM   1325 C  CA  . ILE A 1 195 ? -6.010  8.710   9.278   1.00 37.03 0 195 ILE A CA  1 ? 
ATOM   1326 C  C   . ILE A 1 195 ? -4.788  9.628   9.390   1.00 37.00 0 195 ILE A C   1 ? 
ATOM   1327 O  O   . ILE A 1 195 ? -4.968  10.868  9.403   1.00 35.28 0 195 ILE A O   1 ? 
ATOM   1328 C  CB  . ILE A 1 195 ? -6.342  8.326   7.820   1.00 37.00 0 195 ILE A CB  1 ? 
ATOM   1329 C  CG1 . ILE A 1 195 ? -6.412  9.539   6.885   1.00 37.29 0 195 ILE A CG1 1 ? 
ATOM   1330 C  CG2 . ILE A 1 195 ? -7.622  7.504   7.771   1.00 37.26 0 195 ILE A CG2 1 ? 
ATOM   1331 C  CD1 . ILE A 1 195 ? -6.655  9.182   5.435   1.00 37.37 0 195 ILE A CD1 1 ? 
ATOM   1332 N  N   . GLY A 1 196 ? -3.600  9.028   9.484   1.00 36.83 0 196 GLY A N   1 ? 
ATOM   1333 C  CA  . GLY A 1 196 ? -2.319  9.737   9.641   1.00 36.99 0 196 GLY A CA  1 ? 
ATOM   1334 C  C   . GLY A 1 196 ? -1.398  9.513   8.456   1.00 36.97 0 196 GLY A C   1 ? 
ATOM   1335 O  O   . GLY A 1 196 ? -1.539  8.473   7.778   1.00 34.97 0 196 GLY A O   1 ? 
ATOM   1336 N  N   . TYR A 1 197 ? -0.499  10.470  8.214   1.00 36.97 0 197 TYR A N   1 ? 
ATOM   1337 C  CA  . TYR A 1 197 ? 0.653   10.351  7.287   1.00 38.35 0 197 TYR A CA  1 ? 
ATOM   1338 C  C   . TYR A 1 197 ? 1.939   10.368  8.119   1.00 40.33 0 197 TYR A C   1 ? 
ATOM   1339 O  O   . TYR A 1 197 ? 2.157   11.345  8.864   1.00 41.48 0 197 TYR A O   1 ? 
ATOM   1340 C  CB  . TYR A 1 197 ? 0.634   11.477  6.250   1.00 38.38 0 197 TYR A CB  1 ? 
ATOM   1341 C  CG  . TYR A 1 197 ? 1.684   11.367  5.173   1.00 37.77 0 197 TYR A CG  1 ? 
ATOM   1342 C  CD1 . TYR A 1 197 ? 2.988   11.776  5.402   1.00 37.67 0 197 TYR A CD1 1 ? 
ATOM   1343 C  CD2 . TYR A 1 197 ? 1.376   10.867  3.917   1.00 37.29 0 197 TYR A CD2 1 ? 
ATOM   1344 C  CE1 . TYR A 1 197 ? 3.957   11.681  4.416   1.00 37.97 0 197 TYR A CE1 1 ? 
ATOM   1345 C  CE2 . TYR A 1 197 ? 2.333   10.768  2.920   1.00 37.25 0 197 TYR A CE2 1 ? 
ATOM   1346 C  CZ  . TYR A 1 197 ? 3.631   11.177  3.171   1.00 37.92 0 197 TYR A CZ  1 ? 
ATOM   1347 O  OH  . TYR A 1 197 ? 4.589   11.087  2.200   1.00 37.87 0 197 TYR A OH  1 ? 
ATOM   1348 N  N   . GLN A 1 198 ? 2.744   9.310   8.011   1.00 41.54 0 198 GLN A N   1 ? 
ATOM   1349 C  CA  . GLN A 1 198 ? 4.082   9.205   8.651   1.00 42.83 0 198 GLN A CA  1 ? 
ATOM   1350 C  C   . GLN A 1 198 ? 5.146   9.124   7.553   1.00 43.24 0 198 GLN A C   1 ? 
ATOM   1351 O  O   . GLN A 1 198 ? 4.957   8.334   6.602   1.00 42.22 0 198 GLN A O   1 ? 
ATOM   1352 C  CB  . GLN A 1 198 ? 4.168   7.979   9.560   1.00 43.95 0 198 GLN A CB  1 ? 
ATOM   1353 C  CG  . GLN A 1 198 ? 3.009   7.852   10.539  1.00 45.23 0 198 GLN A CG  1 ? 
ATOM   1354 C  CD  . GLN A 1 198 ? 1.872   7.022   9.992   1.00 47.17 0 198 GLN A CD  1 ? 
ATOM   1355 O  OE1 . GLN A 1 198 ? 0.725   7.462   9.938   1.00 49.35 0 198 GLN A OE1 1 ? 
ATOM   1356 N  NE2 . GLN A 1 198 ? 2.185   5.805   9.579   1.00 47.02 0 198 GLN A NE2 1 ? 
ATOM   1357 N  N   . SER A 1 199 ? 6.214   9.917   7.678   1.00 42.99 0 199 SER A N   1 ? 
ATOM   1358 C  CA  . SER A 1 199 ? 7.451   9.776   6.868   1.00 42.94 0 199 SER A CA  1 ? 
ATOM   1359 C  C   . SER A 1 199 ? 8.086   8.426   7.208   1.00 41.51 0 199 SER A C   1 ? 
ATOM   1360 O  O   . SER A 1 199 ? 7.954   7.982   8.363   1.00 41.12 0 199 SER A O   1 ? 
ATOM   1361 C  CB  . SER A 1 199 ? 8.416   10.912  7.104   1.00 43.29 0 199 SER A CB  1 ? 
ATOM   1362 O  OG  . SER A 1 199 ? 9.107   10.737  8.332   1.00 44.07 0 199 SER A OG  1 ? 
ATOM   1363 N  N   . HIS A 1 200 ? 8.745   7.801   6.234   1.00 41.42 0 200 HIS A N   1 ? 
ATOM   1364 C  CA  . HIS A 1 200 ? 9.416   6.485   6.391   1.00 41.59 0 200 HIS A CA  1 ? 
ATOM   1365 C  C   . HIS A 1 200 ? 10.601  6.627   7.356   1.00 42.52 0 200 HIS A C   1 ? 
ATOM   1366 O  O   . HIS A 1 200 ? 10.876  5.656   8.093   1.00 42.29 0 200 HIS A O   1 ? 
ATOM   1367 C  CB  . HIS A 1 200 ? 9.802   5.926   5.017   1.00 40.52 0 200 HIS A CB  1 ? 
ATOM   1368 C  CG  . HIS A 1 200 ? 8.627   5.676   4.128   1.00 39.93 0 200 HIS A CG  1 ? 
ATOM   1369 N  ND1 . HIS A 1 200 ? 7.427   5.185   4.611   1.00 39.75 0 200 HIS A ND1 1 ? 
ATOM   1370 C  CD2 . HIS A 1 200 ? 8.462   5.835   2.797   1.00 39.26 0 200 HIS A CD2 1 ? 
ATOM   1371 C  CE1 . HIS A 1 200 ? 6.577   5.051   3.615   1.00 39.28 0 200 HIS A CE1 1 ? 
ATOM   1372 N  NE2 . HIS A 1 200 ? 7.188   5.444   2.492   1.00 39.37 0 200 HIS A NE2 1 ? 
ATOM   1373 N  N   . ALA A 1 201 ? 11.253  7.798   7.362   1.00 43.78 0 201 ALA A N   1 ? 
ATOM   1374 C  CA  . ALA A 1 201 ? 12.341  8.175   8.298   1.00 45.11 0 201 ALA A CA  1 ? 
ATOM   1375 C  C   . ALA A 1 201 ? 11.878  7.965   9.745   1.00 46.23 0 201 ALA A C   1 ? 
ATOM   1376 O  O   . ALA A 1 201 ? 12.597  7.284   10.500  1.00 49.39 0 201 ALA A O   1 ? 
ATOM   1377 C  CB  . ALA A 1 201 ? 12.759  9.607   8.061   1.00 44.98 0 201 ALA A CB  1 ? 
ATOM   1378 N  N   . ASP A 1 202 ? 10.710  8.513   10.098  1.00 46.67 0 202 ASP A N   1 ? 
ATOM   1379 C  CA  . ASP A 1 202 ? 10.129  8.465   11.468  1.00 47.48 0 202 ASP A CA  1 ? 
ATOM   1380 C  C   . ASP A 1 202 ? 9.715   7.028   11.806  1.00 47.46 0 202 ASP A C   1 ? 
ATOM   1381 O  O   . ASP A 1 202 ? 9.903   6.619   12.970  1.00 47.29 0 202 ASP A O   1 ? 
ATOM   1382 C  CB  . ASP A 1 202 ? 8.938   9.419   11.601  1.00 48.39 0 202 ASP A CB  1 ? 
ATOM   1383 C  CG  . ASP A 1 202 ? 9.290   10.883  11.396  1.00 49.37 0 202 ASP A CG  1 ? 
ATOM   1384 O  OD1 . ASP A 1 202 ? 10.469  11.173  11.103  1.00 49.52 0 202 ASP A OD1 1 ? 
ATOM   1385 O  OD2 . ASP A 1 202 ? 8.379   11.724  11.523  1.00 51.44 0 202 ASP A OD2 1 ? 
ATOM   1386 N  N   . THR A 1 203 ? 9.160   6.301   10.831  1.00 48.87 0 203 THR A N   1 ? 
ATOM   1387 C  CA  . THR A 1 203 ? 8.685   4.897   10.982  1.00 49.61 0 203 THR A CA  1 ? 
ATOM   1388 C  C   . THR A 1 203 ? 9.887   3.964   11.185  1.00 50.17 0 203 THR A C   1 ? 
ATOM   1389 O  O   . THR A 1 203 ? 9.775   3.039   12.011  1.00 48.83 0 203 THR A O   1 ? 
ATOM   1390 C  CB  . THR A 1 203 ? 7.830   4.471   9.779   1.00 48.84 0 203 THR A CB  1 ? 
ATOM   1391 O  OG1 . THR A 1 203 ? 6.792   5.437   9.616   1.00 47.50 0 203 THR A OG1 1 ? 
ATOM   1392 C  CG2 . THR A 1 203 ? 7.229   3.091   9.937   1.00 47.60 0 203 THR A CG2 1 ? 
ATOM   1393 N  N   . ALA A 1 204 ? 10.984  4.199   10.456  1.00 53.57 0 204 ALA A N   1 ? 
ATOM   1394 C  CA  . ALA A 1 204 ? 12.249  3.428   10.533  1.00 55.04 0 204 ALA A CA  1 ? 
ATOM   1395 C  C   . ALA A 1 204 ? 12.814  3.482   11.959  1.00 56.77 0 204 ALA A C   1 ? 
ATOM   1396 O  O   . ALA A 1 204 ? 13.222  2.416   12.468  1.00 56.96 0 204 ALA A O   1 ? 
ATOM   1397 C  CB  . ALA A 1 204 ? 13.241  3.964   9.528   1.00 54.76 0 204 ALA A CB  1 ? 
ATOM   1398 N  N   . THR A 1 205 ? 12.827  4.674   12.572  1.00 57.65 0 205 THR A N   1 ? 
ATOM   1399 C  CA  . THR A 1 205 ? 13.357  4.938   13.939  1.00 58.95 0 205 THR A CA  1 ? 
ATOM   1400 C  C   . THR A 1 205 ? 12.519  4.178   14.974  1.00 59.81 0 205 THR A C   1 ? 
ATOM   1401 O  O   . THR A 1 205 ? 13.111  3.791   16.005  1.00 60.41 0 205 THR A O   1 ? 
ATOM   1402 C  CB  . THR A 1 205 ? 13.377  6.439   14.256  1.00 60.25 0 205 THR A CB  1 ? 
ATOM   1403 O  OG1 . THR A 1 205 ? 13.967  7.139   13.159  1.00 58.23 0 205 THR A OG1 1 ? 
ATOM   1404 C  CG2 . THR A 1 205 ? 14.136  6.758   15.526  1.00 61.13 0 205 THR A CG2 1 ? 
ATOM   1405 N  N   . ASN A 1 213 ? 2.706   11.694  13.317  1.00 48.16 0 213 ASN A N   1 ? 
ATOM   1406 C  CA  . ASN A 1 213 ? 1.891   12.063  12.128  1.00 48.63 0 213 ASN A CA  1 ? 
ATOM   1407 C  C   . ASN A 1 213 ? 2.260   13.476  11.666  1.00 50.09 0 213 ASN A C   1 ? 
ATOM   1408 O  O   . ASN A 1 213 ? 1.996   14.426  12.425  1.00 51.28 0 213 ASN A O   1 ? 
ATOM   1409 C  CB  . ASN A 1 213 ? 0.387   11.989  12.408  1.00 47.23 0 213 ASN A CB  1 ? 
ATOM   1410 C  CG  . ASN A 1 213 ? -0.140  10.573  12.520  1.00 46.11 0 213 ASN A CG  1 ? 
ATOM   1411 O  OD1 . ASN A 1 213 ? 0.409   9.648   11.924  1.00 45.20 0 213 ASN A OD1 1 ? 
ATOM   1412 N  ND2 . ASN A 1 213 ? -1.215  10.398  13.271  1.00 44.73 0 213 ASN A ND2 1 ? 
ATOM   1413 N  N   . ARG A 1 214 ? 2.837   13.599  10.467  1.00 51.82 0 214 ARG A N   1 ? 
ATOM   1414 C  CA  . ARG A 1 214 ? 3.198   14.895  9.831   1.00 52.44 0 214 ARG A CA  1 ? 
ATOM   1415 C  C   . ARG A 1 214 ? 1.915   15.619  9.407   1.00 52.44 0 214 ARG A C   1 ? 
ATOM   1416 O  O   . ARG A 1 214 ? 1.894   16.864  9.457   1.00 53.65 0 214 ARG A O   1 ? 
ATOM   1417 C  CB  . ARG A 1 214 ? 4.111   14.674  8.620   1.00 53.84 0 214 ARG A CB  1 ? 
ATOM   1418 C  CG  . ARG A 1 214 ? 5.441   14.003  8.941   1.00 55.70 0 214 ARG A CG  1 ? 
ATOM   1419 C  CD  . ARG A 1 214 ? 6.316   14.822  9.874   1.00 57.58 0 214 ARG A CD  1 ? 
ATOM   1420 N  NE  . ARG A 1 214 ? 7.674   14.299  9.982   1.00 58.91 0 214 ARG A NE  1 ? 
ATOM   1421 C  CZ  . ARG A 1 214 ? 8.643   14.475  9.080   1.00 60.33 0 214 ARG A CZ  1 ? 
ATOM   1422 N  NH1 . ARG A 1 214 ? 8.422   15.158  7.968   1.00 60.51 0 214 ARG A NH1 1 ? 
ATOM   1423 N  NH2 . ARG A 1 214 ? 9.838   13.950  9.292   1.00 61.57 0 214 ARG A NH2 1 ? 
ATOM   1424 N  N   . PHE A 1 215 ? 0.897   14.857  8.989   1.00 52.29 0 215 PHE A N   1 ? 
ATOM   1425 C  CA  . PHE A 1 215 ? -0.438  15.351  8.563   1.00 50.17 0 215 PHE A CA  1 ? 
ATOM   1426 C  C   . PHE A 1 215 ? -1.520  14.386  9.058   1.00 48.30 0 215 PHE A C   1 ? 
ATOM   1427 O  O   . PHE A 1 215 ? -1.196  13.227  9.373   1.00 48.59 0 215 PHE A O   1 ? 
ATOM   1428 C  CB  . PHE A 1 215 ? -0.509  15.482  7.040   1.00 50.55 0 215 PHE A CB  1 ? 
ATOM   1429 C  CG  . PHE A 1 215 ? 0.642   16.222  6.404   1.00 52.47 0 215 PHE A CG  1 ? 
ATOM   1430 C  CD1 . PHE A 1 215 ? 0.673   17.608  6.385   1.00 52.92 0 215 PHE A CD1 1 ? 
ATOM   1431 C  CD2 . PHE A 1 215 ? 1.691   15.531  5.814   1.00 53.81 0 215 PHE A CD2 1 ? 
ATOM   1432 C  CE1 . PHE A 1 215 ? 1.729   18.285  5.793   1.00 53.88 0 215 PHE A CE1 1 ? 
ATOM   1433 C  CE2 . PHE A 1 215 ? 2.744   16.209  5.219   1.00 54.06 0 215 PHE A CE2 1 ? 
ATOM   1434 C  CZ  . PHE A 1 215 ? 2.762   17.586  5.210   1.00 54.16 0 215 PHE A CZ  1 ? 
ATOM   1435 N  N   . VAL A 1 216 ? -2.767  14.859  9.125   1.00 45.85 0 216 VAL A N   1 ? 
ATOM   1436 C  CA  . VAL A 1 216 ? -3.969  14.031  9.436   1.00 44.96 0 216 VAL A CA  1 ? 
ATOM   1437 C  C   . VAL A 1 216 ? -5.134  14.503  8.557   1.00 43.59 0 216 VAL A C   1 ? 
ATOM   1438 O  O   . VAL A 1 216 ? -5.076  15.643  8.052   1.00 43.73 0 216 VAL A O   1 ? 
ATOM   1439 C  CB  . VAL A 1 216 ? -4.334  14.084  10.936  1.00 45.92 0 216 VAL A CB  1 ? 
ATOM   1440 C  CG1 . VAL A 1 216 ? -3.210  13.549  11.812  1.00 45.58 0 216 VAL A CG1 1 ? 
ATOM   1441 C  CG2 . VAL A 1 216 ? -4.745  15.480  11.386  1.00 45.66 0 216 VAL A CG2 1 ? 
ATOM   1442 N  N   . VAL A 1 217 ? -6.131  13.637  8.359   1.00 42.43 0 217 VAL A N   1 ? 
ATOM   1443 C  CA  . VAL A 1 217 ? -7.456  13.984  7.758   1.00 41.95 0 217 VAL A CA  1 ? 
ATOM   1444 C  C   . VAL A 1 217 ? -8.545  13.253  8.549   1.00 41.12 0 217 VAL A C   1 ? 
ATOM   1445 O  O   . VAL A 1 217 ? -8.529  12.029  8.661   1.00 39.09 0 217 VAL A O   1 ? 
ATOM   1446 C  CB  . VAL A 1 217 ? -7.523  13.644  6.256   1.00 41.77 0 217 VAL A CB  1 ? 
ATOM   1447 C  CG1 . VAL A 1 217 ? -8.875  14.010  5.663   1.00 41.61 0 217 VAL A CG1 1 ? 
ATOM   1448 C  CG2 . VAL A 1 217 ? -6.403  14.312  5.473   1.00 41.82 0 217 VAL A CG2 1 ? 
ATOM   1449 O  OXT . VAL A 1 217 ? -9.455  13.882  9.090   1.00 41.82 0 217 VAL A OXT 1 ? 
ATOM   1450 N  N   . ALA B 2 1   ? 9.007   -5.152  14.257  1.00 51.16 0 1   ALA B N   1 ? 
ATOM   1451 C  CA  . ALA B 2 1   ? 8.443   -4.279  13.181  1.00 49.43 0 1   ALA B CA  1 ? 
ATOM   1452 C  C   . ALA B 2 1   ? 8.786   -4.859  11.800  1.00 47.50 0 1   ALA B C   1 ? 
ATOM   1453 O  O   . ALA B 2 1   ? 9.210   -4.079  10.913  1.00 47.97 0 1   ALA B O   1 ? 
ATOM   1454 C  CB  . ALA B 2 1   ? 8.966   -2.868  13.340  1.00 49.81 0 1   ALA B CB  1 ? 
ATOM   1455 N  N   . CYS B 2 2   ? 8.600   -6.172  11.611  1.00 43.26 0 2   CYS B N   1 ? 
ATOM   1456 C  CA  . CYS B 2 2   ? 8.817   -6.858  10.309  1.00 40.32 0 2   CYS B CA  1 ? 
ATOM   1457 C  C   . CYS B 2 2   ? 7.565   -6.730  9.436   1.00 37.34 0 2   CYS B C   1 ? 
ATOM   1458 O  O   . CYS B 2 2   ? 6.512   -7.281  9.814   1.00 35.73 0 2   CYS B O   1 ? 
ATOM   1459 C  CB  . CYS B 2 2   ? 9.164   -8.334  10.460  1.00 39.80 0 2   CYS B CB  1 ? 
ATOM   1460 S  SG  . CYS B 2 2   ? 9.499   -9.124  8.864   1.00 38.39 0 2   CYS B SG  1 ? 
ATOM   1461 N  N   . GLU B 2 3   ? 7.697   -6.052  8.296   1.00 34.89 0 3   GLU B N   1 ? 
ATOM   1462 C  CA  . GLU B 2 3   ? 6.595   -5.840  7.327   1.00 34.66 0 3   GLU B CA  1 ? 
ATOM   1463 C  C   . GLU B 2 3   ? 7.174   -5.406  5.981   1.00 33.39 0 3   GLU B C   1 ? 
ATOM   1464 O  O   . GLU B 2 3   ? 8.292   -4.871  5.959   1.00 34.43 0 3   GLU B O   1 ? 
ATOM   1465 C  CB  . GLU B 2 3   ? 5.620   -4.787  7.853   1.00 35.81 0 3   GLU B CB  1 ? 
ATOM   1466 C  CG  . GLU B 2 3   ? 6.275   -3.459  8.187   1.00 36.34 0 3   GLU B CG  1 ? 
ATOM   1467 C  CD  . GLU B 2 3   ? 5.321   -2.440  8.779   1.00 36.87 0 3   GLU B CD  1 ? 
ATOM   1468 O  OE1 . GLU B 2 3   ? 4.716   -1.681  7.999   1.00 37.56 0 3   GLU B OE1 1 ? 
ATOM   1469 O  OE2 . GLU B 2 3   ? 5.170   -2.425  10.013  1.00 37.21 0 3   GLU B OE2 1 ? 
ATOM   1470 N  N   . MET B 2 4   ? 6.421   -5.648  4.910   1.00 32.77 0 4   MET B N   1 ? 
ATOM   1471 C  CA  . MET B 2 4   ? 6.656   -5.088  3.556   1.00 32.46 0 4   MET B CA  1 ? 
ATOM   1472 C  C   . MET B 2 4   ? 7.108   -3.629  3.696   1.00 32.02 0 4   MET B C   1 ? 
ATOM   1473 O  O   . MET B 2 4   ? 6.363   -2.841  4.303   1.00 31.33 0 4   MET B O   1 ? 
ATOM   1474 C  CB  . MET B 2 4   ? 5.363   -5.149  2.736   1.00 31.83 0 4   MET B CB  1 ? 
ATOM   1475 C  CG  . MET B 2 4   ? 5.485   -4.586  1.335   1.00 31.76 0 4   MET B CG  1 ? 
ATOM   1476 S  SD  . MET B 2 4   ? 6.120   -5.785  0.142   1.00 30.96 0 4   MET B SD  1 ? 
ATOM   1477 C  CE  . MET B 2 4   ? 4.771   -6.962  0.083   1.00 30.79 0 4   MET B CE  1 ? 
ATOM   1478 N  N   . GLY B 2 5   ? 8.288   -3.294  3.169   1.00 32.56 0 5   GLY B N   1 ? 
ATOM   1479 C  CA  . GLY B 2 5   ? 8.782   -1.907  3.085   1.00 33.45 0 5   GLY B CA  1 ? 
ATOM   1480 C  C   . GLY B 2 5   ? 9.860   -1.596  4.109   1.00 33.72 0 5   GLY B C   1 ? 
ATOM   1481 O  O   . GLY B 2 5   ? 10.676  -0.695  3.828   1.00 33.51 0 5   GLY B O   1 ? 
ATOM   1482 N  N   . PHE B 2 6   ? 9.859   -2.297  5.251   1.00 35.19 0 6   PHE B N   1 ? 
ATOM   1483 C  CA  . PHE B 2 6   ? 10.780  -2.074  6.401   1.00 37.45 0 6   PHE B CA  1 ? 
ATOM   1484 C  C   . PHE B 2 6   ? 11.400  -3.410  6.835   1.00 38.88 0 6   PHE B C   1 ? 
ATOM   1485 O  O   . PHE B 2 6   ? 11.110  -3.892  7.950   1.00 40.37 0 6   PHE B O   1 ? 
ATOM   1486 C  CB  . PHE B 2 6   ? 10.034  -1.382  7.546   1.00 37.57 0 6   PHE B CB  1 ? 
ATOM   1487 C  CG  . PHE B 2 6   ? 9.474   -0.026  7.199   1.00 38.73 0 6   PHE B CG  1 ? 
ATOM   1488 C  CD1 . PHE B 2 6   ? 8.210   0.100   6.640   1.00 39.39 0 6   PHE B CD1 1 ? 
ATOM   1489 C  CD2 . PHE B 2 6   ? 10.212  1.127   7.425   1.00 39.82 0 6   PHE B CD2 1 ? 
ATOM   1490 C  CE1 . PHE B 2 6   ? 7.695   1.347   6.317   1.00 39.62 0 6   PHE B CE1 1 ? 
ATOM   1491 C  CE2 . PHE B 2 6   ? 9.695   2.374   7.101   1.00 40.49 0 6   PHE B CE2 1 ? 
ATOM   1492 C  CZ  . PHE B 2 6   ? 8.439   2.482   6.547   1.00 39.99 0 6   PHE B CZ  1 ? 
ATOM   1493 N  N   . PHE B 2 7   ? 12.258  -3.975  5.981   1.00 40.45 0 7   PHE B N   1 ? 
ATOM   1494 C  CA  . PHE B 2 7   ? 12.835  -5.338  6.123   1.00 41.84 0 7   PHE B CA  1 ? 
ATOM   1495 C  C   . PHE B 2 7   ? 14.084  -5.334  7.020   1.00 43.81 0 7   PHE B C   1 ? 
ATOM   1496 O  O   . PHE B 2 7   ? 14.550  -6.437  7.364   1.00 44.32 0 7   PHE B O   1 ? 
ATOM   1497 C  CB  . PHE B 2 7   ? 13.159  -5.926  4.747   1.00 40.70 0 7   PHE B CB  1 ? 
ATOM   1498 C  CG  . PHE B 2 7   ? 11.957  -6.168  3.869   1.00 39.78 0 7   PHE B CG  1 ? 
ATOM   1499 C  CD1 . PHE B 2 7   ? 11.034  -7.156  4.185   1.00 38.94 0 7   PHE B CD1 1 ? 
ATOM   1500 C  CD2 . PHE B 2 7   ? 11.751  -5.417  2.720   1.00 38.59 0 7   PHE B CD2 1 ? 
ATOM   1501 C  CE1 . PHE B 2 7   ? 9.930   -7.382  3.377   1.00 38.09 0 7   PHE B CE1 1 ? 
ATOM   1502 C  CE2 . PHE B 2 7   ? 10.647  -5.647  1.913   1.00 38.64 0 7   PHE B CE2 1 ? 
ATOM   1503 C  CZ  . PHE B 2 7   ? 9.740   -6.630  2.241   1.00 38.18 0 7   PHE B CZ  1 ? 
ATOM   1504 N  N   . GLN B 2 8   ? 14.604  -4.159  7.399   1.00 46.79 0 8   GLN B N   1 ? 
ATOM   1505 C  CA  . GLN B 2 8   ? 15.792  -4.032  8.292   1.00 49.29 0 8   GLN B CA  1 ? 
ATOM   1506 C  C   . GLN B 2 8   ? 15.470  -4.618  9.675   1.00 49.20 0 8   GLN B C   1 ? 
ATOM   1507 O  O   . GLN B 2 8   ? 16.420  -5.040  10.361  1.00 49.27 0 8   GLN B O   1 ? 
ATOM   1508 C  CB  . GLN B 2 8   ? 16.259  -2.578  8.407   1.00 51.01 0 8   GLN B CB  1 ? 
ATOM   1509 C  CG  . GLN B 2 8   ? 17.091  -2.108  7.219   1.00 53.90 0 8   GLN B CG  1 ? 
ATOM   1510 C  CD  . GLN B 2 8   ? 17.787  -0.790  7.465   1.00 57.16 0 8   GLN B CD  1 ? 
ATOM   1511 O  OE1 . GLN B 2 8   ? 17.664  0.158   6.690   1.00 57.26 0 8   GLN B OE1 1 ? 
ATOM   1512 N  NE2 . GLN B 2 8   ? 18.534  -0.721  8.555   1.00 58.18 0 8   GLN B NE2 1 ? 
ATOM   1513 N  N   . ASP B 2 9   ? 14.189  -4.651  10.061  1.00 49.40 0 9   ASP B N   1 ? 
ATOM   1514 C  CA  . ASP B 2 9   ? 13.710  -5.182  11.366  1.00 49.64 0 9   ASP B CA  1 ? 
ATOM   1515 C  C   . ASP B 2 9   ? 13.248  -6.640  11.221  1.00 47.69 0 9   ASP B C   1 ? 
ATOM   1516 O  O   . ASP B 2 9   ? 12.752  -7.189  12.221  1.00 48.43 0 9   ASP B O   1 ? 
ATOM   1517 C  CB  . ASP B 2 9   ? 12.594  -4.300  11.935  1.00 52.61 0 9   ASP B CB  1 ? 
ATOM   1518 C  CG  . ASP B 2 9   ? 13.090  -3.030  12.607  1.00 53.78 0 9   ASP B CG  1 ? 
ATOM   1519 O  OD1 . ASP B 2 9   ? 14.019  -2.400  12.064  1.00 53.51 0 9   ASP B OD1 1 ? 
ATOM   1520 O  OD2 . ASP B 2 9   ? 12.548  -2.688  13.674  1.00 56.67 0 9   ASP B OD2 1 ? 
ATOM   1521 N  N   . CYS B 2 10  ? 13.414  -7.255  10.042  1.00 45.78 0 10  CYS B N   1 ? 
ATOM   1522 C  CA  . CYS B 2 10  ? 12.988  -8.655  9.748   1.00 44.87 0 10  CYS B CA  1 ? 
ATOM   1523 C  C   . CYS B 2 10  ? 14.149  -9.638  9.963   1.00 45.24 0 10  CYS B C   1 ? 
ATOM   1524 O  O   . CYS B 2 10  ? 13.900  -10.858 9.863   1.00 44.55 0 10  CYS B O   1 ? 
ATOM   1525 C  CB  . CYS B 2 10  ? 12.466  -8.796  8.320   1.00 43.67 0 10  CYS B CB  1 ? 
ATOM   1526 S  SG  . CYS B 2 10  ? 10.907  -7.921  8.016   1.00 42.97 0 10  CYS B SG  1 ? 
ATOM   1527 N  N   . GLY B 2 11  ? 15.356  -9.133  10.257  1.00 46.02 0 11  GLY B N   1 ? 
ATOM   1528 C  CA  . GLY B 2 11  ? 16.615  -9.905  10.310  1.00 44.46 0 11  GLY B CA  1 ? 
ATOM   1529 C  C   . GLY B 2 11  ? 16.523  -11.110 11.232  1.00 43.69 0 11  GLY B C   1 ? 
ATOM   1530 O  O   . GLY B 2 11  ? 16.012  -10.943 12.324  1.00 43.76 0 11  GLY B O   1 ? 
HETATM 1531 N  N   . NH2 B 2 12  ? 17.026  -12.367 10.814  1.00 42.93 ? 12  NH2 B N   1 ? 
HETATM 1532 NA NA  . NA  C 3 .   ? -10.153 -17.192 -8.757  0.33 5.88  0 301 NA  A NA  1 ? 
HETATM 1533 O  O   . HOH D 4 .   ? -11.950 -2.291  -19.980 1.00 17.92 0 401 HOH A O   1 ? 
HETATM 1534 O  O   . HOH D 4 .   ? 7.707   -2.288  -8.204  1.00 37.33 0 402 HOH A O   1 ? 
HETATM 1535 O  O   . HOH D 4 .   ? 12.127  -14.500 -3.138  1.00 29.78 0 403 HOH A O   1 ? 
HETATM 1536 O  O   . HOH D 4 .   ? -12.638 -7.999  3.596   1.00 20.33 0 404 HOH A O   1 ? 
HETATM 1537 O  O   . HOH D 4 .   ? 4.587   13.016  -1.748  1.00 36.08 0 405 HOH A O   1 ? 
HETATM 1538 O  O   . HOH D 4 .   ? -2.598  -10.279 -15.274 1.00 21.18 0 406 HOH A O   1 ? 
HETATM 1539 O  O   . HOH D 4 .   ? -0.252  -6.114  -18.923 1.00 25.60 0 407 HOH A O   1 ? 
HETATM 1540 O  O   . HOH D 4 .   ? -4.551  5.080   10.579  1.00 32.95 0 408 HOH A O   1 ? 
HETATM 1541 O  O   . HOH D 4 .   ? 5.821   5.546   7.207   1.00 33.08 0 409 HOH A O   1 ? 
HETATM 1542 O  O   . HOH D 4 .   ? -11.986 -7.946  -3.158  1.00 16.13 0 410 HOH A O   1 ? 
HETATM 1543 O  O   . HOH D 4 .   ? -6.899  5.749   11.703  1.00 38.07 0 411 HOH A O   1 ? 
HETATM 1544 O  O   . HOH D 4 .   ? 0.901   -18.169 2.355   1.00 22.97 0 412 HOH A O   1 ? 
HETATM 1545 O  O   . HOH D 4 .   ? -14.465 -6.098  2.629   1.00 17.23 0 413 HOH A O   1 ? 
HETATM 1546 O  O   . HOH D 4 .   ? 2.082   -1.476  8.851   1.00 21.80 0 414 HOH A O   1 ? 
HETATM 1547 O  O   . HOH D 4 .   ? -0.250  7.008   -9.769  1.00 41.06 0 415 HOH A O   1 ? 
HETATM 1548 O  O   . HOH D 4 .   ? 5.912   11.197  10.689  1.00 35.53 0 416 HOH A O   1 ? 
HETATM 1549 O  O   . HOH D 4 .   ? -18.286 -8.362  4.247   1.00 24.18 0 417 HOH A O   1 ? 
HETATM 1550 O  O   . HOH D 4 .   ? -14.113 -10.383 0.198   1.00 25.37 0 418 HOH A O   1 ? 
HETATM 1551 O  O   . HOH D 4 .   ? -2.038  3.784   -13.810 1.00 25.37 0 419 HOH A O   1 ? 
HETATM 1552 O  O   . HOH D 4 .   ? 8.234   -18.472 1.526   1.00 32.14 0 420 HOH A O   1 ? 
HETATM 1553 O  O   . HOH D 4 .   ? 11.529  -13.857 6.700   1.00 29.77 0 421 HOH A O   1 ? 
HETATM 1554 O  O   . HOH D 4 .   ? -4.576  4.563   -15.811 1.00 20.20 0 422 HOH A O   1 ? 
HETATM 1555 O  O   . HOH D 4 .   ? -2.799  -11.027 -17.884 1.00 14.05 0 423 HOH A O   1 ? 
HETATM 1556 O  O   . HOH D 4 .   ? 0.315   -0.641  5.196   1.00 21.67 0 424 HOH A O   1 ? 
HETATM 1557 O  O   . HOH D 4 .   ? 2.433   -17.353 6.786   1.00 28.23 0 425 HOH A O   1 ? 
HETATM 1558 O  O   . HOH D 4 .   ? -16.999 9.625   1.115   1.00 33.15 0 426 HOH A O   1 ? 
HETATM 1559 O  O   . HOH D 4 .   ? 7.010   5.939   -0.223  1.00 28.59 0 427 HOH A O   1 ? 
HETATM 1560 O  O   . HOH D 4 .   ? 11.898  9.457   -1.851  1.00 41.76 0 428 HOH A O   1 ? 
HETATM 1561 O  O   . HOH D 4 .   ? 8.731   -14.032 7.005   1.00 29.89 0 429 HOH A O   1 ? 
HETATM 1562 O  O   . HOH D 4 .   ? 13.992  -1.411  6.500   1.00 29.67 0 430 HOH A O   1 ? 
HETATM 1563 O  O   . HOH D 4 .   ? -8.093  -8.326  -1.126  1.00 28.89 0 431 HOH A O   1 ? 
HETATM 1564 O  O   . HOH D 4 .   ? 13.019  -2.275  3.786   1.00 25.55 0 432 HOH A O   1 ? 
HETATM 1565 O  O   . HOH D 4 .   ? -4.679  -2.379  12.823  1.00 31.36 0 433 HOH A O   1 ? 
HETATM 1566 O  O   . HOH D 4 .   ? 0.290   -8.458  -17.487 1.00 22.91 0 434 HOH A O   1 ? 
HETATM 1567 O  O   . HOH D 4 .   ? -7.119  -10.716 -4.508  1.00 19.43 0 435 HOH A O   1 ? 
HETATM 1568 O  O   . HOH D 4 .   ? 11.248  9.343   4.973   1.00 42.04 0 436 HOH A O   1 ? 
HETATM 1569 O  O   . HOH D 4 .   ? -18.668 7.047   6.837   1.00 32.79 0 437 HOH A O   1 ? 
HETATM 1570 O  O   . HOH D 4 .   ? -7.946  4.358   9.497   1.00 27.00 0 438 HOH A O   1 ? 
HETATM 1571 O  O   . HOH D 4 .   ? -19.622 -8.239  6.789   1.00 30.30 0 439 HOH A O   1 ? 
HETATM 1572 O  O   . HOH D 4 .   ? 5.042   2.914   -15.508 1.00 32.49 0 440 HOH A O   1 ? 
HETATM 1573 O  O   . HOH D 4 .   ? 16.050  -18.393 3.542   1.00 26.33 0 441 HOH A O   1 ? 
HETATM 1574 O  O   . HOH D 4 .   ? 2.862   0.065   4.730   1.00 23.79 0 442 HOH A O   1 ? 
HETATM 1575 O  O   . HOH D 4 .   ? 6.770   -17.832 10.384  1.00 39.63 0 443 HOH A O   1 ? 
HETATM 1576 O  O   . HOH D 4 .   ? -1.304  -16.636 3.077   1.00 29.63 0 444 HOH A O   1 ? 
HETATM 1577 O  O   . HOH D 4 .   ? 15.866  -12.050 6.872   1.00 31.69 0 445 HOH A O   1 ? 
HETATM 1578 O  O   . HOH D 4 .   ? -3.739  -8.381  -3.651  1.00 21.54 0 446 HOH A O   1 ? 
HETATM 1579 O  O   . HOH D 4 .   ? 9.249   -3.058  -10.220 1.00 42.27 0 447 HOH A O   1 ? 
HETATM 1580 O  O   . HOH D 4 .   ? -5.461  -9.674  -3.142  1.00 25.40 0 448 HOH A O   1 ? 
HETATM 1581 O  O   . HOH D 4 .   ? -9.187  -15.971 -1.741  1.00 9.88  0 449 HOH A O   1 ? 
HETATM 1582 O  O   . HOH D 4 .   ? -2.480  7.116   -8.373  1.00 43.14 0 450 HOH A O   1 ? 
HETATM 1583 O  O   . HOH D 4 .   ? -2.360  17.998  8.709   1.00 39.48 0 451 HOH A O   1 ? 
HETATM 1584 O  O   . HOH D 4 .   ? -3.256  -18.521 3.050   1.00 35.09 0 452 HOH A O   1 ? 
HETATM 1585 O  O   . HOH D 4 .   ? 0.179   -11.590 12.880  1.00 20.55 0 453 HOH A O   1 ? 
HETATM 1586 O  O   . HOH D 4 .   ? -2.436  6.507   11.459  1.00 32.21 0 454 HOH A O   1 ? 
HETATM 1587 O  O   . HOH D 4 .   ? -15.109 -7.021  0.090   1.00 24.47 0 455 HOH A O   1 ? 
HETATM 1588 O  O   . HOH D 4 .   ? -3.229  -12.793 -14.673 1.00 21.55 0 456 HOH A O   1 ? 
HETATM 1589 O  O   . HOH D 4 .   ? 1.642   -3.806  10.174  1.00 37.71 0 457 HOH A O   1 ? 
HETATM 1590 O  O   . HOH D 4 .   ? -0.449  7.486   -21.603 1.00 40.15 0 458 HOH A O   1 ? 
HETATM 1591 O  O   . HOH E 4 .   ? 4.201   -2.041  5.512   1.00 23.34 0 201 HOH B O   1 ? 
# 
